data_3GQ0
# 
_entry.id   3GQ0 
# 
_audit_conform.dict_name       mmcif_pdbx.dic 
_audit_conform.dict_version    5.378 
_audit_conform.dict_location   http://mmcif.pdb.org/dictionaries/ascii/mmcif_pdbx.dic 
# 
loop_
_database_2.database_id 
_database_2.database_code 
_database_2.pdbx_database_accession 
_database_2.pdbx_DOI 
PDB   3GQ0         pdb_00003gq0 10.2210/pdb3gq0/pdb 
RCSB  RCSB052169   ?            ?                   
WWPDB D_1000052169 ?            ?                   
# 
loop_
_pdbx_database_related.db_name 
_pdbx_database_related.db_id 
_pdbx_database_related.details 
_pdbx_database_related.content_type 
PDB 3DNJ 'same protein with Y peptide' unspecified 
PDB 3G19 'same protein with L peptide' unspecified 
PDB 3G1B 'm53a mutant with W peptide'  unspecified 
PDB 3GQ1 .                             unspecified 
# 
_pdbx_database_status.entry_id                        3GQ0 
_pdbx_database_status.deposit_site                    RCSB 
_pdbx_database_status.process_site                    RCSB 
_pdbx_database_status.recvd_initial_deposition_date   2009-03-23 
_pdbx_database_status.status_code                     REL 
_pdbx_database_status.status_code_sf                  REL 
_pdbx_database_status.status_code_mr                  ? 
_pdbx_database_status.SG_entry                        ? 
_pdbx_database_status.pdb_format_compatible           Y 
_pdbx_database_status.status_code_cs                  ? 
_pdbx_database_status.methods_development_category    ? 
_pdbx_database_status.status_code_nmr_data            ? 
# 
loop_
_audit_author.name 
_audit_author.pdbx_ordinal 
'Baker, T.A.'         1 
'Roman-Hernandez, G.' 2 
'Sauer, R.T.'         3 
'Grant, R.A.'         4 
# 
_citation.id                        primary 
_citation.title                     'Molecular basis of substrate selection by the N-end rule adaptor protein ClpS.' 
_citation.journal_abbrev            Proc.Natl.Acad.Sci.USA 
_citation.journal_volume            106 
_citation.page_first                8888 
_citation.page_last                 8893 
_citation.year                      2009 
_citation.journal_id_ASTM           PNASA6 
_citation.country                   US 
_citation.journal_id_ISSN           0027-8424 
_citation.journal_id_CSD            0040 
_citation.book_publisher            ? 
_citation.pdbx_database_id_PubMed   19451643 
_citation.pdbx_database_id_DOI      10.1073/pnas.0903614106 
# 
loop_
_citation_author.citation_id 
_citation_author.name 
_citation_author.ordinal 
_citation_author.identifier_ORCID 
primary 'Roman-Hernandez, G.' 1 ? 
primary 'Grant, R.A.'         2 ? 
primary 'Sauer, R.T.'         3 ? 
primary 'Baker, T.A.'         4 ? 
# 
_cell.length_a           27.667 
_cell.length_b           38.479 
_cell.length_c           62.560 
_cell.angle_alpha        90.000 
_cell.angle_beta         88.420 
_cell.angle_gamma        90.000 
_cell.entry_id           3GQ0 
_cell.pdbx_unique_axis   ? 
_cell.Z_PDB              4 
_cell.length_a_esd       ? 
_cell.length_b_esd       ? 
_cell.length_c_esd       ? 
_cell.angle_alpha_esd    ? 
_cell.angle_beta_esd     ? 
_cell.angle_gamma_esd    ? 
# 
_symmetry.space_group_name_H-M             'P 1 21 1' 
_symmetry.entry_id                         3GQ0 
_symmetry.Int_Tables_number                4 
_symmetry.pdbx_full_space_group_name_H-M   ? 
_symmetry.cell_setting                     ? 
_symmetry.space_group_name_Hall            ? 
# 
loop_
_entity.id 
_entity.type 
_entity.src_method 
_entity.pdbx_description 
_entity.formula_weight 
_entity.pdbx_number_of_molecules 
_entity.pdbx_ec 
_entity.pdbx_mutation 
_entity.pdbx_fragment 
_entity.details 
1 polymer man 'ATP-dependent Clp protease adapter protein clpS' 9944.347 2  ? ? ? ? 
2 water   nat water                                             18.015   46 ? ? ? ? 
# 
_entity_poly.entity_id                      1 
_entity_poly.type                           'polypeptide(L)' 
_entity_poly.nstd_linkage                   no 
_entity_poly.nstd_monomer                   no 
_entity_poly.pdbx_seq_one_letter_code       
;TQKPSLYRVLILNDDYTPMEFVVYVLERFFNKSREDATRIMLHVHQNGVGVCGVYTYEVAETKVAQVIDSARRHQHPLQC
TMEKD
;
_entity_poly.pdbx_seq_one_letter_code_can   
;TQKPSLYRVLILNDDYTPMEFVVYVLERFFNKSREDATRIMLHVHQNGVGVCGVYTYEVAETKVAQVIDSARRHQHPLQC
TMEKD
;
_entity_poly.pdbx_strand_id                 A,B 
_entity_poly.pdbx_target_identifier         ? 
# 
loop_
_entity_poly_seq.entity_id 
_entity_poly_seq.num 
_entity_poly_seq.mon_id 
_entity_poly_seq.hetero 
1 1  THR n 
1 2  GLN n 
1 3  LYS n 
1 4  PRO n 
1 5  SER n 
1 6  LEU n 
1 7  TYR n 
1 8  ARG n 
1 9  VAL n 
1 10 LEU n 
1 11 ILE n 
1 12 LEU n 
1 13 ASN n 
1 14 ASP n 
1 15 ASP n 
1 16 TYR n 
1 17 THR n 
1 18 PRO n 
1 19 MET n 
1 20 GLU n 
1 21 PHE n 
1 22 VAL n 
1 23 VAL n 
1 24 TYR n 
1 25 VAL n 
1 26 LEU n 
1 27 GLU n 
1 28 ARG n 
1 29 PHE n 
1 30 PHE n 
1 31 ASN n 
1 32 LYS n 
1 33 SER n 
1 34 ARG n 
1 35 GLU n 
1 36 ASP n 
1 37 ALA n 
1 38 THR n 
1 39 ARG n 
1 40 ILE n 
1 41 MET n 
1 42 LEU n 
1 43 HIS n 
1 44 VAL n 
1 45 HIS n 
1 46 GLN n 
1 47 ASN n 
1 48 GLY n 
1 49 VAL n 
1 50 GLY n 
1 51 VAL n 
1 52 CYS n 
1 53 GLY n 
1 54 VAL n 
1 55 TYR n 
1 56 THR n 
1 57 TYR n 
1 58 GLU n 
1 59 VAL n 
1 60 ALA n 
1 61 GLU n 
1 62 THR n 
1 63 LYS n 
1 64 VAL n 
1 65 ALA n 
1 66 GLN n 
1 67 VAL n 
1 68 ILE n 
1 69 ASP n 
1 70 SER n 
1 71 ALA n 
1 72 ARG n 
1 73 ARG n 
1 74 HIS n 
1 75 GLN n 
1 76 HIS n 
1 77 PRO n 
1 78 LEU n 
1 79 GLN n 
1 80 CYS n 
1 81 THR n 
1 82 MET n 
1 83 GLU n 
1 84 LYS n 
1 85 ASP n 
# 
_entity_src_gen.entity_id                          1 
_entity_src_gen.pdbx_src_id                        1 
_entity_src_gen.pdbx_alt_source_flag               sample 
_entity_src_gen.pdbx_seq_type                      ? 
_entity_src_gen.pdbx_beg_seq_num                   ? 
_entity_src_gen.pdbx_end_seq_num                   ? 
_entity_src_gen.gene_src_common_name               'Caulobacter vibrioides' 
_entity_src_gen.gene_src_genus                     ? 
_entity_src_gen.pdbx_gene_src_gene                 'CC_2467, clpS' 
_entity_src_gen.gene_src_species                   ? 
_entity_src_gen.gene_src_strain                    CB15 
_entity_src_gen.gene_src_tissue                    ? 
_entity_src_gen.gene_src_tissue_fraction           ? 
_entity_src_gen.gene_src_details                   ? 
_entity_src_gen.pdbx_gene_src_fragment             ? 
_entity_src_gen.pdbx_gene_src_scientific_name      'Caulobacter vibrioides' 
_entity_src_gen.pdbx_gene_src_ncbi_taxonomy_id     155892 
_entity_src_gen.pdbx_gene_src_variant              ? 
_entity_src_gen.pdbx_gene_src_cell_line            ? 
_entity_src_gen.pdbx_gene_src_atcc                 ? 
_entity_src_gen.pdbx_gene_src_organ                ? 
_entity_src_gen.pdbx_gene_src_organelle            ? 
_entity_src_gen.pdbx_gene_src_cell                 ? 
_entity_src_gen.pdbx_gene_src_cellular_location    ? 
_entity_src_gen.host_org_common_name               ? 
_entity_src_gen.pdbx_host_org_scientific_name      'Escherichia coli' 
_entity_src_gen.pdbx_host_org_ncbi_taxonomy_id     562 
_entity_src_gen.host_org_genus                     ? 
_entity_src_gen.pdbx_host_org_gene                 ? 
_entity_src_gen.pdbx_host_org_organ                ? 
_entity_src_gen.host_org_species                   ? 
_entity_src_gen.pdbx_host_org_tissue               ? 
_entity_src_gen.pdbx_host_org_tissue_fraction      ? 
_entity_src_gen.pdbx_host_org_strain               ? 
_entity_src_gen.pdbx_host_org_variant              ? 
_entity_src_gen.pdbx_host_org_cell_line            ? 
_entity_src_gen.pdbx_host_org_atcc                 ? 
_entity_src_gen.pdbx_host_org_culture_collection   ? 
_entity_src_gen.pdbx_host_org_cell                 ? 
_entity_src_gen.pdbx_host_org_organelle            ? 
_entity_src_gen.pdbx_host_org_cellular_location    ? 
_entity_src_gen.pdbx_host_org_vector_type          plasmid 
_entity_src_gen.pdbx_host_org_vector               ? 
_entity_src_gen.host_org_details                   ? 
_entity_src_gen.expression_system_id               ? 
_entity_src_gen.plasmid_name                       pET23b 
_entity_src_gen.plasmid_details                    ? 
_entity_src_gen.pdbx_description                   ? 
# 
_struct_ref.id                         1 
_struct_ref.db_name                    UNP 
_struct_ref.db_code                    CLPS_CAUCR 
_struct_ref.pdbx_db_accession          Q9A5I0 
_struct_ref.entity_id                  1 
_struct_ref.pdbx_seq_one_letter_code   
;TQKPSLYRVLILNDDYTPMEFVVYVLERFFNKSREDATRIMLHVHQNGVGVCGVYTYEVAETKVAQVIDSARRHQHPLQC
TMEKD
;
_struct_ref.pdbx_align_begin           35 
_struct_ref.pdbx_db_isoform            ? 
# 
loop_
_struct_ref_seq.align_id 
_struct_ref_seq.ref_id 
_struct_ref_seq.pdbx_PDB_id_code 
_struct_ref_seq.pdbx_strand_id 
_struct_ref_seq.seq_align_beg 
_struct_ref_seq.pdbx_seq_align_beg_ins_code 
_struct_ref_seq.seq_align_end 
_struct_ref_seq.pdbx_seq_align_end_ins_code 
_struct_ref_seq.pdbx_db_accession 
_struct_ref_seq.db_align_beg 
_struct_ref_seq.pdbx_db_align_beg_ins_code 
_struct_ref_seq.db_align_end 
_struct_ref_seq.pdbx_db_align_end_ins_code 
_struct_ref_seq.pdbx_auth_seq_align_beg 
_struct_ref_seq.pdbx_auth_seq_align_end 
1 1 3GQ0 A 1 ? 85 ? Q9A5I0 35 ? 119 ? 35 119 
2 1 3GQ0 B 1 ? 85 ? Q9A5I0 35 ? 119 ? 35 119 
# 
loop_
_chem_comp.id 
_chem_comp.type 
_chem_comp.mon_nstd_flag 
_chem_comp.name 
_chem_comp.pdbx_synonyms 
_chem_comp.formula 
_chem_comp.formula_weight 
ALA 'L-peptide linking' y ALANINE         ? 'C3 H7 N O2'     89.093  
ARG 'L-peptide linking' y ARGININE        ? 'C6 H15 N4 O2 1' 175.209 
ASN 'L-peptide linking' y ASPARAGINE      ? 'C4 H8 N2 O3'    132.118 
ASP 'L-peptide linking' y 'ASPARTIC ACID' ? 'C4 H7 N O4'     133.103 
CYS 'L-peptide linking' y CYSTEINE        ? 'C3 H7 N O2 S'   121.158 
GLN 'L-peptide linking' y GLUTAMINE       ? 'C5 H10 N2 O3'   146.144 
GLU 'L-peptide linking' y 'GLUTAMIC ACID' ? 'C5 H9 N O4'     147.129 
GLY 'peptide linking'   y GLYCINE         ? 'C2 H5 N O2'     75.067  
HIS 'L-peptide linking' y HISTIDINE       ? 'C6 H10 N3 O2 1' 156.162 
HOH non-polymer         . WATER           ? 'H2 O'           18.015  
ILE 'L-peptide linking' y ISOLEUCINE      ? 'C6 H13 N O2'    131.173 
LEU 'L-peptide linking' y LEUCINE         ? 'C6 H13 N O2'    131.173 
LYS 'L-peptide linking' y LYSINE          ? 'C6 H15 N2 O2 1' 147.195 
MET 'L-peptide linking' y METHIONINE      ? 'C5 H11 N O2 S'  149.211 
PHE 'L-peptide linking' y PHENYLALANINE   ? 'C9 H11 N O2'    165.189 
PRO 'L-peptide linking' y PROLINE         ? 'C5 H9 N O2'     115.130 
SER 'L-peptide linking' y SERINE          ? 'C3 H7 N O3'     105.093 
THR 'L-peptide linking' y THREONINE       ? 'C4 H9 N O3'     119.119 
TYR 'L-peptide linking' y TYROSINE        ? 'C9 H11 N O3'    181.189 
VAL 'L-peptide linking' y VALINE          ? 'C5 H11 N O2'    117.146 
# 
_exptl.entry_id          3GQ0 
_exptl.method            'X-RAY DIFFRACTION' 
_exptl.crystals_number   1 
# 
_exptl_crystal.id                    1 
_exptl_crystal.density_Matthews      ? 
_exptl_crystal.density_meas          ? 
_exptl_crystal.density_percent_sol   ? 
_exptl_crystal.description           ? 
_exptl_crystal.F_000                 ? 
_exptl_crystal.preparation           ? 
# 
_exptl_crystal_grow.crystal_id      1 
_exptl_crystal_grow.method          'VAPOR DIFFUSION' 
_exptl_crystal_grow.pH              5.5 
_exptl_crystal_grow.temp            300 
_exptl_crystal_grow.pdbx_details    '0.1 M bis-tris pH 5.5, 0.025 M MgCl2, 14% PEG 3350, vapor diffusion, temperature 300K' 
_exptl_crystal_grow.temp_details    ? 
_exptl_crystal_grow.pdbx_pH_range   ? 
# 
_diffrn.id                     1 
_diffrn.ambient_temp           100 
_diffrn.ambient_temp_details   ? 
_diffrn.crystal_id             1 
# 
_diffrn_detector.diffrn_id              1 
_diffrn_detector.detector               CCD 
_diffrn_detector.type                   'ADSC QUANTUM 315' 
_diffrn_detector.pdbx_collection_date   2009-02-26 
_diffrn_detector.details                Varimax-HR 
# 
_diffrn_radiation.diffrn_id                        1 
_diffrn_radiation.pdbx_diffrn_protocol             'SINGLE WAVELENGTH' 
_diffrn_radiation.monochromator                    'crystal monochromator' 
_diffrn_radiation.wavelength_id                    1 
_diffrn_radiation.pdbx_monochromatic_or_laue_m_l   M 
_diffrn_radiation.pdbx_scattering_type             x-ray 
# 
_diffrn_radiation_wavelength.id           1 
_diffrn_radiation_wavelength.wavelength   0.97918 
_diffrn_radiation_wavelength.wt           1.0 
# 
_diffrn_source.diffrn_id                   1 
_diffrn_source.source                      SYNCHROTRON 
_diffrn_source.type                        'APS BEAMLINE 24-ID-E' 
_diffrn_source.pdbx_wavelength_list        0.97918 
_diffrn_source.pdbx_wavelength             ? 
_diffrn_source.pdbx_synchrotron_site       APS 
_diffrn_source.pdbx_synchrotron_beamline   24-ID-E 
# 
_reflns.entry_id                     3GQ0 
_reflns.d_resolution_high            2.100 
_reflns.d_resolution_low             50.000 
_reflns.number_obs                   7983 
_reflns.pdbx_Rmerge_I_obs            0.141 
_reflns.pdbx_netI_over_sigmaI        22.816 
_reflns.pdbx_chi_squared             1.311 
_reflns.pdbx_redundancy              10.500 
_reflns.percent_possible_obs         98.200 
_reflns.observed_criterion_sigma_F   ? 
_reflns.observed_criterion_sigma_I   ? 
_reflns.number_all                   ? 
_reflns.pdbx_Rsym_value              ? 
_reflns.B_iso_Wilson_estimate        ? 
_reflns.R_free_details               ? 
_reflns.limit_h_max                  ? 
_reflns.limit_h_min                  ? 
_reflns.limit_k_max                  ? 
_reflns.limit_k_min                  ? 
_reflns.limit_l_max                  ? 
_reflns.limit_l_min                  ? 
_reflns.observed_criterion_F_max     ? 
_reflns.observed_criterion_F_min     ? 
_reflns.pdbx_scaling_rejects         ? 
_reflns.pdbx_diffrn_id               1 
_reflns.pdbx_ordinal                 1 
# 
loop_
_reflns_shell.d_res_high 
_reflns_shell.d_res_low 
_reflns_shell.number_measured_obs 
_reflns_shell.number_measured_all 
_reflns_shell.number_unique_obs 
_reflns_shell.Rmerge_I_obs 
_reflns_shell.meanI_over_sigI_obs 
_reflns_shell.pdbx_Rsym_value 
_reflns_shell.pdbx_chi_squared 
_reflns_shell.pdbx_redundancy 
_reflns_shell.percent_possible_obs 
_reflns_shell.number_unique_all 
_reflns_shell.percent_possible_all 
_reflns_shell.pdbx_diffrn_id 
_reflns_shell.pdbx_ordinal 
2.10 2.14  ? ? ? 0.435 ? ? 0.454 8.20  ? 393 94.50 ? 1  
2.14 2.18  ? ? ? 0.408 ? ? 0.481 8.50  ? 389 97.00 ? 2  
2.18 2.22  ? ? ? 0.379 ? ? 0.475 9.00  ? 371 97.60 ? 3  
2.22 2.26  ? ? ? 0.334 ? ? 0.559 9.30  ? 400 98.00 ? 4  
2.26 2.31  ? ? ? 0.361 ? ? 0.543 10.00 ? 410 96.70 ? 5  
2.31 2.37  ? ? ? 0.314 ? ? 0.543 10.20 ? 377 98.40 ? 6  
2.37 2.42  ? ? ? 0.298 ? ? 0.631 10.80 ? 394 98.50 ? 7  
2.42 2.49  ? ? ? 0.283 ? ? 0.645 10.90 ? 387 98.00 ? 8  
2.49 2.56  ? ? ? 0.274 ? ? 0.756 11.20 ? 404 98.10 ? 9  
2.56 2.65  ? ? ? 0.264 ? ? 0.773 11.30 ? 396 99.00 ? 10 
2.65 2.74  ? ? ? 0.219 ? ? 0.946 11.30 ? 395 98.00 ? 11 
2.74 2.85  ? ? ? 0.198 ? ? 1.169 11.20 ? 413 99.00 ? 12 
2.85 2.98  ? ? ? 0.195 ? ? 1.195 11.30 ? 385 98.70 ? 13 
2.98 3.14  ? ? ? 0.168 ? ? 1.587 11.30 ? 404 98.80 ? 14 
3.14 3.33  ? ? ? 0.140 ? ? 1.814 11.20 ? 400 99.00 ? 15 
3.33 3.59  ? ? ? 0.132 ? ? 2.203 11.00 ? 410 99.30 ? 16 
3.59 3.95  ? ? ? 0.118 ? ? 2.535 11.00 ? 413 99.00 ? 17 
3.95 4.52  ? ? ? 0.106 ? ? 2.696 10.60 ? 402 99.30 ? 18 
4.52 5.70  ? ? ? 0.103 ? ? 2.493 10.90 ? 420 99.10 ? 19 
5.70 50.00 ? ? ? 0.095 ? ? 2.645 10.50 ? 420 98.80 ? 20 
# 
_refine.entry_id                                 3GQ0 
_refine.ls_d_res_high                            2.066 
_refine.ls_d_res_low                             32.772 
_refine.pdbx_ls_sigma_F                          0.14 
_refine.ls_percent_reflns_obs                    94.800 
_refine.ls_number_reflns_obs                     7799 
_refine.ls_R_factor_obs                          0.223 
_refine.ls_R_factor_R_work                       0.221 
_refine.ls_R_factor_R_free                       0.264 
_refine.ls_percent_reflns_R_free                 4.690 
_refine.ls_number_reflns_R_free                  366 
_refine.B_iso_mean                               37.454 
_refine.solvent_model_param_bsol                 45.384 
_refine.solvent_model_param_ksol                 0.336 
_refine.aniso_B[1][1]                            3.953 
_refine.aniso_B[2][2]                            -9.034 
_refine.aniso_B[3][3]                            5.082 
_refine.aniso_B[1][2]                            0.000 
_refine.aniso_B[1][3]                            13.821 
_refine.aniso_B[2][3]                            0.000 
_refine.overall_SU_ML                            0.360 
_refine.solvent_model_details                    'FLAT BULK SOLVENT MODEL' 
_refine.pdbx_solvent_vdw_probe_radii             1.110 
_refine.pdbx_solvent_shrinkage_radii             0.900 
_refine.pdbx_method_to_determine_struct          ? 
_refine.pdbx_stereochemistry_target_values       ML 
_refine.overall_FOM_work_R_set                   0.758 
_refine.B_iso_max                                119.47 
_refine.B_iso_min                                14.59 
_refine.occupancy_max                            1.00 
_refine.occupancy_min                            0.99 
_refine.pdbx_ls_sigma_I                          ? 
_refine.ls_number_reflns_all                     ? 
_refine.ls_R_factor_all                          ? 
_refine.ls_redundancy_reflns_obs                 ? 
_refine.pdbx_data_cutoff_high_absF               ? 
_refine.pdbx_data_cutoff_low_absF                ? 
_refine.ls_number_parameters                     ? 
_refine.ls_number_restraints                     ? 
_refine.ls_R_factor_R_free_error                 ? 
_refine.ls_R_factor_R_free_error_details         ? 
_refine.pdbx_starting_model                      3dnj 
_refine.pdbx_ls_cross_valid_method               THROUGHOUT 
_refine.pdbx_R_Free_selection_details            random 
_refine.pdbx_stereochem_target_val_spec_case     ? 
_refine.pdbx_isotropic_thermal_model             ? 
_refine.details                                  ? 
_refine.correlation_coeff_Fo_to_Fc               ? 
_refine.correlation_coeff_Fo_to_Fc_free          ? 
_refine.pdbx_solvent_ion_probe_radii             ? 
_refine.overall_SU_R_Cruickshank_DPI             ? 
_refine.overall_SU_R_free                        ? 
_refine.overall_SU_B                             ? 
_refine.pdbx_overall_ESU_R_Free                  ? 
_refine.pdbx_data_cutoff_high_rms_absF           ? 
_refine.pdbx_overall_ESU_R                       ? 
_refine.ls_wR_factor_R_free                      ? 
_refine.ls_wR_factor_R_work                      ? 
_refine.overall_FOM_free_R_set                   ? 
_refine.pdbx_overall_phase_error                 ? 
_refine.pdbx_refine_id                           'X-RAY DIFFRACTION' 
_refine.pdbx_diffrn_id                           1 
_refine.pdbx_TLS_residual_ADP_flag               ? 
_refine.pdbx_overall_SU_R_free_Cruickshank_DPI   ? 
_refine.pdbx_overall_SU_R_Blow_DPI               ? 
_refine.pdbx_overall_SU_R_free_Blow_DPI          ? 
# 
_refine_hist.pdbx_refine_id                   'X-RAY DIFFRACTION' 
_refine_hist.cycle_id                         LAST 
_refine_hist.pdbx_number_atoms_protein        1354 
_refine_hist.pdbx_number_atoms_nucleic_acid   0 
_refine_hist.pdbx_number_atoms_ligand         0 
_refine_hist.number_atoms_solvent             46 
_refine_hist.number_atoms_total               1400 
_refine_hist.d_res_high                       2.066 
_refine_hist.d_res_low                        32.772 
# 
loop_
_refine_ls_restr.type 
_refine_ls_restr.number 
_refine_ls_restr.dev_ideal 
_refine_ls_restr.dev_ideal_target 
_refine_ls_restr.weight 
_refine_ls_restr.pdbx_refine_id 
_refine_ls_restr.pdbx_restraint_function 
f_bond_d           1382 0.004  ? ? 'X-RAY DIFFRACTION' ? 
f_angle_d          1873 0.712  ? ? 'X-RAY DIFFRACTION' ? 
f_chiral_restr     210  0.046  ? ? 'X-RAY DIFFRACTION' ? 
f_plane_restr      243  0.003  ? ? 'X-RAY DIFFRACTION' ? 
f_dihedral_angle_d 504  14.506 ? ? 'X-RAY DIFFRACTION' ? 
# 
loop_
_refine_ls_restr_ncs.pdbx_ens_id 
_refine_ls_restr_ncs.dom_id 
_refine_ls_restr_ncs.pdbx_type 
_refine_ls_restr_ncs.pdbx_auth_asym_id 
_refine_ls_restr_ncs.pdbx_number 
_refine_ls_restr_ncs.rms_dev_position 
_refine_ls_restr_ncs.weight_position 
_refine_ls_restr_ncs.pdbx_ordinal 
_refine_ls_restr_ncs.pdbx_refine_id 
_refine_ls_restr_ncs.ncs_model_details 
_refine_ls_restr_ncs.rms_dev_B_iso 
_refine_ls_restr_ncs.weight_B_iso 
_refine_ls_restr_ncs.pdbx_asym_id 
_refine_ls_restr_ncs.pdbx_rms 
_refine_ls_restr_ncs.pdbx_weight 
1 1 POSITIONAL A 658 ?     ? 1 'X-RAY DIFFRACTION' ? ? ? ? ? ? 
1 2 POSITIONAL B 658 0.012 ? 2 'X-RAY DIFFRACTION' ? ? ? ? ? ? 
# 
loop_
_refine_ls_shell.d_res_high 
_refine_ls_shell.d_res_low 
_refine_ls_shell.pdbx_total_number_of_bins_used 
_refine_ls_shell.percent_reflns_obs 
_refine_ls_shell.number_reflns_R_work 
_refine_ls_shell.R_factor_all 
_refine_ls_shell.R_factor_R_work 
_refine_ls_shell.R_factor_R_free 
_refine_ls_shell.percent_reflns_R_free 
_refine_ls_shell.number_reflns_R_free 
_refine_ls_shell.R_factor_R_free_error 
_refine_ls_shell.number_reflns_all 
_refine_ls_shell.number_reflns_obs 
_refine_ls_shell.redundancy_reflns_obs 
_refine_ls_shell.pdbx_refine_id 
2.066 2.365  3 89.000 2288 . 0.254 0.298 . 123 . 2411 . . 'X-RAY DIFFRACTION' 
2.365 2.979  3 96.000 2512 . 0.232 0.284 . 123 . 2635 . . 'X-RAY DIFFRACTION' 
2.979 32.776 3 99.000 2633 . 0.206 0.246 . 120 . 2753 . . 'X-RAY DIFFRACTION' 
# 
loop_
_struct_ncs_dom.pdbx_ens_id 
_struct_ncs_dom.id 
_struct_ncs_dom.details 
1 1 'chain A and (resseq 39:95 or resseq 97:119 )' 
1 2 'chain B and (resseq 39:95 or resseq 97:119 )' 
# 
loop_
_struct_ncs_dom_lim.pdbx_ens_id 
_struct_ncs_dom_lim.dom_id 
_struct_ncs_dom_lim.pdbx_component_id 
_struct_ncs_dom_lim.beg_label_asym_id 
_struct_ncs_dom_lim.beg_label_comp_id 
_struct_ncs_dom_lim.beg_label_seq_id 
_struct_ncs_dom_lim.beg_label_alt_id 
_struct_ncs_dom_lim.end_label_asym_id 
_struct_ncs_dom_lim.end_label_comp_id 
_struct_ncs_dom_lim.end_label_seq_id 
_struct_ncs_dom_lim.end_label_alt_id 
_struct_ncs_dom_lim.beg_auth_asym_id 
_struct_ncs_dom_lim.beg_auth_comp_id 
_struct_ncs_dom_lim.beg_auth_seq_id 
_struct_ncs_dom_lim.end_auth_asym_id 
_struct_ncs_dom_lim.end_auth_comp_id 
_struct_ncs_dom_lim.end_auth_seq_id 
_struct_ncs_dom_lim.pdbx_refine_code 
_struct_ncs_dom_lim.selection_details 
1 1 1 A SER 5  . A GLU 61 . A SER 39 A GLU 95  ? ? 
1 1 2 A LYS 63 . A ASP 85 . A LYS 97 A ASP 119 ? ? 
1 2 1 B SER 5  . B GLU 61 . B SER 39 B GLU 95  ? ? 
1 2 2 B LYS 63 . B ASP 85 . B LYS 97 B ASP 119 ? ? 
# 
_struct_ncs_ens.id        1 
_struct_ncs_ens.details   ? 
# 
_struct.entry_id                  3GQ0 
_struct.title                     
'The structure of the Caulobacter crescentus clpS protease adaptor protein - apo structure with no peptide' 
_struct.pdbx_model_details        ? 
_struct.pdbx_CASP_flag            ? 
_struct.pdbx_model_type_details   ? 
# 
_struct_keywords.entry_id        3GQ0 
_struct_keywords.text            'adaptor, protein-peptide complex, peptide-binding protein, PEPTIDE BINDING PROTEIN' 
_struct_keywords.pdbx_keywords   'PEPTIDE BINDING PROTEIN' 
# 
loop_
_struct_asym.id 
_struct_asym.pdbx_blank_PDB_chainid_flag 
_struct_asym.pdbx_modified 
_struct_asym.entity_id 
_struct_asym.details 
A N N 1 ? 
B N N 1 ? 
C N N 2 ? 
D N N 2 ? 
# 
_struct_biol.id        1 
_struct_biol.details   ? 
# 
loop_
_struct_conf.conf_type_id 
_struct_conf.id 
_struct_conf.pdbx_PDB_helix_id 
_struct_conf.beg_label_comp_id 
_struct_conf.beg_label_asym_id 
_struct_conf.beg_label_seq_id 
_struct_conf.pdbx_beg_PDB_ins_code 
_struct_conf.end_label_comp_id 
_struct_conf.end_label_asym_id 
_struct_conf.end_label_seq_id 
_struct_conf.pdbx_end_PDB_ins_code 
_struct_conf.beg_auth_comp_id 
_struct_conf.beg_auth_asym_id 
_struct_conf.beg_auth_seq_id 
_struct_conf.end_auth_comp_id 
_struct_conf.end_auth_asym_id 
_struct_conf.end_auth_seq_id 
_struct_conf.pdbx_PDB_helix_class 
_struct_conf.details 
_struct_conf.pdbx_PDB_helix_length 
HELX_P HELX_P1 1 PRO A 18 ? ASN A 31 ? PRO A 52 ASN A 65  1 ? 14 
HELX_P HELX_P2 2 SER A 33 ? GLY A 48 ? SER A 67 GLY A 82  1 ? 16 
HELX_P HELX_P3 3 THR A 56 ? HIS A 74 ? THR A 90 HIS A 108 1 ? 19 
HELX_P HELX_P4 4 PRO B 18 ? ASN B 31 ? PRO B 52 ASN B 65  1 ? 14 
HELX_P HELX_P5 5 SER B 33 ? GLY B 48 ? SER B 67 GLY B 82  1 ? 16 
HELX_P HELX_P6 6 THR B 56 ? HIS B 74 ? THR B 90 HIS B 108 1 ? 19 
# 
_struct_conf_type.id          HELX_P 
_struct_conf_type.criteria    ? 
_struct_conf_type.reference   ? 
# 
loop_
_struct_sheet.id 
_struct_sheet.type 
_struct_sheet.number_strands 
_struct_sheet.details 
A ? 3 ? 
B ? 3 ? 
# 
loop_
_struct_sheet_order.sheet_id 
_struct_sheet_order.range_id_1 
_struct_sheet_order.range_id_2 
_struct_sheet_order.offset 
_struct_sheet_order.sense 
A 1 2 ? anti-parallel 
A 2 3 ? anti-parallel 
B 1 2 ? anti-parallel 
B 2 3 ? anti-parallel 
# 
loop_
_struct_sheet_range.sheet_id 
_struct_sheet_range.id 
_struct_sheet_range.beg_label_comp_id 
_struct_sheet_range.beg_label_asym_id 
_struct_sheet_range.beg_label_seq_id 
_struct_sheet_range.pdbx_beg_PDB_ins_code 
_struct_sheet_range.end_label_comp_id 
_struct_sheet_range.end_label_asym_id 
_struct_sheet_range.end_label_seq_id 
_struct_sheet_range.pdbx_end_PDB_ins_code 
_struct_sheet_range.beg_auth_comp_id 
_struct_sheet_range.beg_auth_asym_id 
_struct_sheet_range.beg_auth_seq_id 
_struct_sheet_range.end_auth_comp_id 
_struct_sheet_range.end_auth_asym_id 
_struct_sheet_range.end_auth_seq_id 
A 1 VAL A 49 ? TYR A 55 ? VAL A 83  TYR A 89  
A 2 TYR A 7  ? LEU A 12 ? TYR A 41  LEU A 46  
A 3 GLN A 79 ? LYS A 84 ? GLN A 113 LYS A 118 
B 1 VAL B 49 ? TYR B 55 ? VAL B 83  TYR B 89  
B 2 TYR B 7  ? LEU B 12 ? TYR B 41  LEU B 46  
B 3 GLN B 79 ? LYS B 84 ? GLN B 113 LYS B 118 
# 
loop_
_pdbx_struct_sheet_hbond.sheet_id 
_pdbx_struct_sheet_hbond.range_id_1 
_pdbx_struct_sheet_hbond.range_id_2 
_pdbx_struct_sheet_hbond.range_1_label_atom_id 
_pdbx_struct_sheet_hbond.range_1_label_comp_id 
_pdbx_struct_sheet_hbond.range_1_label_asym_id 
_pdbx_struct_sheet_hbond.range_1_label_seq_id 
_pdbx_struct_sheet_hbond.range_1_PDB_ins_code 
_pdbx_struct_sheet_hbond.range_1_auth_atom_id 
_pdbx_struct_sheet_hbond.range_1_auth_comp_id 
_pdbx_struct_sheet_hbond.range_1_auth_asym_id 
_pdbx_struct_sheet_hbond.range_1_auth_seq_id 
_pdbx_struct_sheet_hbond.range_2_label_atom_id 
_pdbx_struct_sheet_hbond.range_2_label_comp_id 
_pdbx_struct_sheet_hbond.range_2_label_asym_id 
_pdbx_struct_sheet_hbond.range_2_label_seq_id 
_pdbx_struct_sheet_hbond.range_2_PDB_ins_code 
_pdbx_struct_sheet_hbond.range_2_auth_atom_id 
_pdbx_struct_sheet_hbond.range_2_auth_comp_id 
_pdbx_struct_sheet_hbond.range_2_auth_asym_id 
_pdbx_struct_sheet_hbond.range_2_auth_seq_id 
A 1 2 O TYR A 55 ? O TYR A 89 N TYR A 7  ? N TYR A 41  
A 2 3 N LEU A 10 ? N LEU A 44 O THR A 81 ? O THR A 115 
B 1 2 O TYR B 55 ? O TYR B 89 N TYR B 7  ? N TYR B 41  
B 2 3 N LEU B 10 ? N LEU B 44 O THR B 81 ? O THR B 115 
# 
_atom_sites.entry_id                    3GQ0 
_atom_sites.fract_transf_matrix[1][1]   -0.01549442 
_atom_sites.fract_transf_matrix[1][2]   0.03167458 
_atom_sites.fract_transf_matrix[1][3]   -0.00800192 
_atom_sites.fract_transf_matrix[2][1]   -0.00095871 
_atom_sites.fract_transf_matrix[2][2]   0.00591920 
_atom_sites.fract_transf_matrix[2][3]   0.02528676 
_atom_sites.fract_transf_matrix[3][1]   0.01462014 
_atom_sites.fract_transf_matrix[3][2]   0.00640852 
_atom_sites.fract_transf_matrix[3][3]   -0.00094583 
_atom_sites.fract_transf_vector[1]      -0.332327 
_atom_sites.fract_transf_vector[2]      0.359877 
_atom_sites.fract_transf_vector[3]      -0.251375 
# 
loop_
_atom_type.symbol 
C 
N 
O 
S 
# 
loop_
_atom_site.group_PDB 
_atom_site.id 
_atom_site.type_symbol 
_atom_site.label_atom_id 
_atom_site.label_alt_id 
_atom_site.label_comp_id 
_atom_site.label_asym_id 
_atom_site.label_entity_id 
_atom_site.label_seq_id 
_atom_site.pdbx_PDB_ins_code 
_atom_site.Cartn_x 
_atom_site.Cartn_y 
_atom_site.Cartn_z 
_atom_site.occupancy 
_atom_site.B_iso_or_equiv 
_atom_site.pdbx_formal_charge 
_atom_site.auth_seq_id 
_atom_site.auth_comp_id 
_atom_site.auth_asym_id 
_atom_site.auth_atom_id 
_atom_site.pdbx_PDB_model_num 
ATOM   1    N N   . PRO A 1 4  ? 13.720  -15.147 -7.420  1.00 66.01  ? 38  PRO A N   1 
ATOM   2    C CA  . PRO A 1 4  ? 12.551  -16.009 -7.244  1.00 60.92  ? 38  PRO A CA  1 
ATOM   3    C C   . PRO A 1 4  ? 11.445  -15.293 -6.480  1.00 48.51  ? 38  PRO A C   1 
ATOM   4    O O   . PRO A 1 4  ? 10.363  -15.862 -6.331  1.00 56.59  ? 38  PRO A O   1 
ATOM   5    C CB  . PRO A 1 4  ? 13.087  -17.160 -6.378  1.00 50.54  ? 38  PRO A CB  1 
ATOM   6    C CG  . PRO A 1 4  ? 14.508  -16.767 -5.977  1.00 52.49  ? 38  PRO A CG  1 
ATOM   7    C CD  . PRO A 1 4  ? 14.681  -15.322 -6.322  1.00 59.63  ? 38  PRO A CD  1 
ATOM   8    N N   . SER A 1 5  ? 11.706  -14.079 -5.995  1.00 46.81  ? 39  SER A N   1 
ATOM   9    C CA  . SER A 1 5  ? 10.724  -13.404 -5.151  1.00 41.14  ? 39  SER A CA  1 
ATOM   10   C C   . SER A 1 5  ? 9.373   -13.270 -5.841  1.00 33.48  ? 39  SER A C   1 
ATOM   11   O O   . SER A 1 5  ? 9.293   -12.883 -7.005  1.00 39.10  ? 39  SER A O   1 
ATOM   12   C CB  . SER A 1 5  ? 11.217  -12.023 -4.713  1.00 64.04  ? 39  SER A CB  1 
ATOM   13   O OG  . SER A 1 5  ? 11.269  -11.129 -5.810  1.00 75.28  ? 39  SER A OG  1 
ATOM   14   N N   . LEU A 1 6  ? 8.313   -13.603 -5.114  1.00 23.45  ? 40  LEU A N   1 
ATOM   15   C CA  . LEU A 1 6  ? 6.964   -13.335 -5.584  1.00 28.60  ? 40  LEU A CA  1 
ATOM   16   C C   . LEU A 1 6  ? 6.616   -11.893 -5.259  1.00 34.72  ? 40  LEU A C   1 
ATOM   17   O O   . LEU A 1 6  ? 7.281   -11.256 -4.442  1.00 26.86  ? 40  LEU A O   1 
ATOM   18   C CB  . LEU A 1 6  ? 5.954   -14.275 -4.928  1.00 24.29  ? 40  LEU A CB  1 
ATOM   19   C CG  . LEU A 1 6  ? 6.130   -15.769 -5.195  1.00 31.65  ? 40  LEU A CG  1 
ATOM   20   C CD1 . LEU A 1 6  ? 4.862   -16.513 -4.813  1.00 34.36  ? 40  LEU A CD1 1 
ATOM   21   C CD2 . LEU A 1 6  ? 6.471   -16.015 -6.653  1.00 20.67  ? 40  LEU A CD2 1 
ATOM   22   N N   . TYR A 1 7  ? 5.575   -11.379 -5.903  1.00 24.24  ? 41  TYR A N   1 
ATOM   23   C CA  . TYR A 1 7  ? 5.140   -10.012 -5.671  1.00 28.62  ? 41  TYR A CA  1 
ATOM   24   C C   . TYR A 1 7  ? 3.661   -9.971  -5.324  1.00 30.21  ? 41  TYR A C   1 
ATOM   25   O O   . TYR A 1 7  ? 2.845   -10.638 -5.960  1.00 21.28  ? 41  TYR A O   1 
ATOM   26   C CB  . TYR A 1 7  ? 5.427   -9.145  -6.898  1.00 26.33  ? 41  TYR A CB  1 
ATOM   27   C CG  . TYR A 1 7  ? 6.886   -8.773  -7.051  1.00 24.52  ? 41  TYR A CG  1 
ATOM   28   C CD1 . TYR A 1 7  ? 7.824   -9.715  -7.455  1.00 23.93  ? 41  TYR A CD1 1 
ATOM   29   C CD2 . TYR A 1 7  ? 7.326   -7.482  -6.786  1.00 35.04  ? 41  TYR A CD2 1 
ATOM   30   C CE1 . TYR A 1 7  ? 9.160   -9.381  -7.591  1.00 31.62  ? 41  TYR A CE1 1 
ATOM   31   C CE2 . TYR A 1 7  ? 8.658   -7.138  -6.921  1.00 34.23  ? 41  TYR A CE2 1 
ATOM   32   C CZ  . TYR A 1 7  ? 9.571   -8.091  -7.324  1.00 32.44  ? 41  TYR A CZ  1 
ATOM   33   O OH  . TYR A 1 7  ? 10.898  -7.752  -7.459  1.00 41.97  ? 41  TYR A OH  1 
ATOM   34   N N   . ARG A 1 8  ? 3.316   -9.197  -4.304  1.00 28.60  ? 42  ARG A N   1 
ATOM   35   C CA  . ARG A 1 8  ? 1.920   -9.028  -3.939  1.00 34.79  ? 42  ARG A CA  1 
ATOM   36   C C   . ARG A 1 8  ? 1.319   -7.838  -4.677  1.00 30.15  ? 42  ARG A C   1 
ATOM   37   O O   . ARG A 1 8  ? 1.959   -6.798  -4.825  1.00 28.14  ? 42  ARG A O   1 
ATOM   38   C CB  . ARG A 1 8  ? 1.762   -8.867  -2.426  1.00 26.26  ? 42  ARG A CB  1 
ATOM   39   C CG  . ARG A 1 8  ? 2.566   -7.732  -1.824  1.00 55.70  ? 42  ARG A CG  1 
ATOM   40   C CD  . ARG A 1 8  ? 2.280   -7.600  -0.337  1.00 70.65  ? 42  ARG A CD  1 
ATOM   41   N NE  . ARG A 1 8  ? 2.602   -8.823  0.393   1.00 66.94  ? 42  ARG A NE  1 
ATOM   42   C CZ  . ARG A 1 8  ? 2.271   -9.042  1.661   1.00 63.52  ? 42  ARG A CZ  1 
ATOM   43   N NH1 . ARG A 1 8  ? 1.603   -8.121  2.342   1.00 49.03  ? 42  ARG A NH1 1 
ATOM   44   N NH2 . ARG A 1 8  ? 2.603   -10.184 2.248   1.00 63.23  ? 42  ARG A NH2 1 
ATOM   45   N N   . VAL A 1 9  ? 0.093   -8.008  -5.155  1.00 26.37  ? 43  VAL A N   1 
ATOM   46   C CA  . VAL A 1 9  ? -0.604  -6.934  -5.845  1.00 32.95  ? 43  VAL A CA  1 
ATOM   47   C C   . VAL A 1 9  ? -1.532  -6.220  -4.875  1.00 29.68  ? 43  VAL A C   1 
ATOM   48   O O   . VAL A 1 9  ? -2.335  -6.850  -4.186  1.00 28.49  ? 43  VAL A O   1 
ATOM   49   C CB  . VAL A 1 9  ? -1.405  -7.456  -7.048  1.00 28.83  ? 43  VAL A CB  1 
ATOM   50   C CG1 . VAL A 1 9  ? -2.179  -6.321  -7.700  1.00 26.30  ? 43  VAL A CG1 1 
ATOM   51   C CG2 . VAL A 1 9  ? -0.475  -8.118  -8.051  1.00 28.83  ? 43  VAL A CG2 1 
ATOM   52   N N   . LEU A 1 10 ? -1.411  -4.900  -4.818  1.00 20.59  ? 44  LEU A N   1 
ATOM   53   C CA  . LEU A 1 10 ? -2.181  -4.108  -3.873  1.00 30.82  ? 44  LEU A CA  1 
ATOM   54   C C   . LEU A 1 10 ? -3.104  -3.140  -4.592  1.00 29.73  ? 44  LEU A C   1 
ATOM   55   O O   . LEU A 1 10 ? -2.767  -2.613  -5.651  1.00 30.97  ? 44  LEU A O   1 
ATOM   56   C CB  . LEU A 1 10 ? -1.240  -3.325  -2.958  1.00 30.32  ? 44  LEU A CB  1 
ATOM   57   C CG  . LEU A 1 10 ? -0.054  -4.099  -2.378  1.00 32.67  ? 44  LEU A CG  1 
ATOM   58   C CD1 . LEU A 1 10 ? 0.899   -3.156  -1.663  1.00 34.95  ? 44  LEU A CD1 1 
ATOM   59   C CD2 . LEU A 1 10 ? -0.532  -5.198  -1.444  1.00 39.16  ? 44  LEU A CD2 1 
ATOM   60   N N   . ILE A 1 11 ? -4.277  -2.917  -4.013  1.00 25.12  ? 45  ILE A N   1 
ATOM   61   C CA  . ILE A 1 11 ? -5.147  -1.843  -4.461  1.00 23.31  ? 45  ILE A CA  1 
ATOM   62   C C   . ILE A 1 11 ? -5.286  -0.822  -3.341  1.00 28.98  ? 45  ILE A C   1 
ATOM   63   O O   . ILE A 1 11 ? -5.378  -1.182  -2.167  1.00 25.33  ? 45  ILE A O   1 
ATOM   64   C CB  . ILE A 1 11 ? -6.534  -2.354  -4.897  1.00 32.01  ? 45  ILE A CB  1 
ATOM   65   C CG1 . ILE A 1 11 ? -7.127  -3.276  -3.832  1.00 29.55  ? 45  ILE A CG1 1 
ATOM   66   C CG2 . ILE A 1 11 ? -6.437  -3.071  -6.235  1.00 28.96  ? 45  ILE A CG2 1 
ATOM   67   C CD1 . ILE A 1 11 ? -8.508  -3.789  -4.174  1.00 39.02  ? 45  ILE A CD1 1 
ATOM   68   N N   . LEU A 1 12 ? -5.278  0.452   -3.709  1.00 30.13  ? 46  LEU A N   1 
ATOM   69   C CA  . LEU A 1 12 ? -5.383  1.523   -2.733  1.00 21.02  ? 46  LEU A CA  1 
ATOM   70   C C   . LEU A 1 12 ? -6.821  2.012   -2.641  1.00 23.02  ? 46  LEU A C   1 
ATOM   71   O O   . LEU A 1 12 ? -7.569  1.961   -3.616  1.00 27.67  ? 46  LEU A O   1 
ATOM   72   C CB  . LEU A 1 12 ? -4.454  2.678   -3.109  1.00 25.10  ? 46  LEU A CB  1 
ATOM   73   C CG  . LEU A 1 12 ? -2.985  2.289   -3.293  1.00 35.91  ? 46  LEU A CG  1 
ATOM   74   C CD1 . LEU A 1 12 ? -2.175  3.453   -3.841  1.00 44.94  ? 46  LEU A CD1 1 
ATOM   75   C CD2 . LEU A 1 12 ? -2.395  1.787   -1.985  1.00 46.96  ? 46  LEU A CD2 1 
ATOM   76   N N   . ASN A 1 13 ? -7.208  2.474   -1.459  1.00 32.71  ? 47  ASN A N   1 
ATOM   77   C CA  . ASN A 1 13 ? -8.537  3.031   -1.267  1.00 34.38  ? 47  ASN A CA  1 
ATOM   78   C C   . ASN A 1 13 ? -8.632  4.420   -1.882  1.00 36.42  ? 47  ASN A C   1 
ATOM   79   O O   . ASN A 1 13 ? -7.634  5.136   -1.977  1.00 32.40  ? 47  ASN A O   1 
ATOM   80   C CB  . ASN A 1 13 ? -8.884  3.092   0.221   1.00 28.51  ? 47  ASN A CB  1 
ATOM   81   C CG  . ASN A 1 13 ? -10.331 3.475   0.465   1.00 42.61  ? 47  ASN A CG  1 
ATOM   82   O OD1 . ASN A 1 13 ? -11.223 3.092   -0.293  1.00 37.91  ? 47  ASN A OD1 1 
ATOM   83   N ND2 . ASN A 1 13 ? -10.572 4.232   1.530   1.00 53.25  ? 47  ASN A ND2 1 
ATOM   84   N N   . ASP A 1 14 ? -9.833  4.787   -2.310  1.00 32.51  ? 48  ASP A N   1 
ATOM   85   C CA  . ASP A 1 14 ? -10.107 6.137   -2.788  1.00 31.71  ? 48  ASP A CA  1 
ATOM   86   C C   . ASP A 1 14 ? -11.593 6.435   -2.619  1.00 38.99  ? 48  ASP A C   1 
ATOM   87   O O   . ASP A 1 14 ? -12.385 5.530   -2.356  1.00 38.23  ? 48  ASP A O   1 
ATOM   88   C CB  . ASP A 1 14 ? -9.656  6.319   -4.242  1.00 37.09  ? 48  ASP A CB  1 
ATOM   89   C CG  . ASP A 1 14 ? -10.472 5.493   -5.217  1.00 48.18  ? 48  ASP A CG  1 
ATOM   90   O OD1 . ASP A 1 14 ? -11.676 5.778   -5.378  1.00 54.78  ? 48  ASP A OD1 1 
ATOM   91   O OD2 . ASP A 1 14 ? -9.905  4.571   -5.838  1.00 42.22  ? 48  ASP A OD2 1 
ATOM   92   N N   . ASP A 1 15 ? -11.968 7.699   -2.769  1.00 35.16  ? 49  ASP A N   1 
ATOM   93   C CA  . ASP A 1 15 ? -13.322 8.130   -2.438  1.00 42.10  ? 49  ASP A CA  1 
ATOM   94   C C   . ASP A 1 15 ? -14.229 8.271   -3.656  1.00 42.92  ? 49  ASP A C   1 
ATOM   95   O O   . ASP A 1 15 ? -15.256 8.949   -3.594  1.00 49.15  ? 49  ASP A O   1 
ATOM   96   C CB  . ASP A 1 15 ? -13.274 9.455   -1.672  1.00 44.86  ? 49  ASP A CB  1 
ATOM   97   C CG  . ASP A 1 15 ? -12.354 9.400   -0.469  1.00 63.80  ? 49  ASP A CG  1 
ATOM   98   O OD1 . ASP A 1 15 ? -12.350 8.365   0.231   1.00 71.93  ? 49  ASP A OD1 1 
ATOM   99   O OD2 . ASP A 1 15 ? -11.637 10.393  -0.222  1.00 68.07  ? 49  ASP A OD2 1 
ATOM   100  N N   . TYR A 1 16 ? -13.861 7.628   -4.758  1.00 33.81  ? 50  TYR A N   1 
ATOM   101  C CA  . TYR A 1 16 ? -14.612 7.779   -6.000  1.00 32.97  ? 50  TYR A CA  1 
ATOM   102  C C   . TYR A 1 16 ? -14.941 6.448   -6.672  1.00 39.72  ? 50  TYR A C   1 
ATOM   103  O O   . TYR A 1 16 ? -16.031 6.274   -7.216  1.00 42.82  ? 50  TYR A O   1 
ATOM   104  C CB  . TYR A 1 16 ? -13.863 8.702   -6.962  1.00 42.73  ? 50  TYR A CB  1 
ATOM   105  C CG  . TYR A 1 16 ? -13.477 10.020  -6.329  1.00 43.58  ? 50  TYR A CG  1 
ATOM   106  C CD1 . TYR A 1 16 ? -14.397 11.053  -6.220  1.00 42.96  ? 50  TYR A CD1 1 
ATOM   107  C CD2 . TYR A 1 16 ? -12.200 10.223  -5.827  1.00 55.85  ? 50  TYR A CD2 1 
ATOM   108  C CE1 . TYR A 1 16 ? -14.052 12.257  -5.636  1.00 43.33  ? 50  TYR A CE1 1 
ATOM   109  C CE2 . TYR A 1 16 ? -11.845 11.424  -5.240  1.00 56.59  ? 50  TYR A CE2 1 
ATOM   110  C CZ  . TYR A 1 16 ? -12.775 12.437  -5.149  1.00 49.56  ? 50  TYR A CZ  1 
ATOM   111  O OH  . TYR A 1 16 ? -12.425 13.634  -4.567  1.00 58.81  ? 50  TYR A OH  1 
ATOM   112  N N   . THR A 1 17 ? -14.001 5.510   -6.633  1.00 32.55  ? 51  THR A N   1 
ATOM   113  C CA  . THR A 1 17 ? -14.227 4.194   -7.218  1.00 31.68  ? 51  THR A CA  1 
ATOM   114  C C   . THR A 1 17 ? -15.339 3.460   -6.474  1.00 29.71  ? 51  THR A C   1 
ATOM   115  O O   . THR A 1 17 ? -15.257 3.262   -5.264  1.00 32.75  ? 51  THR A O   1 
ATOM   116  C CB  . THR A 1 17 ? -12.952 3.335   -7.195  1.00 28.06  ? 51  THR A CB  1 
ATOM   117  O OG1 . THR A 1 17 ? -11.880 4.047   -7.826  1.00 33.58  ? 51  THR A OG1 1 
ATOM   118  C CG2 . THR A 1 17 ? -13.182 2.025   -7.930  1.00 17.25  ? 51  THR A CG2 1 
ATOM   119  N N   . PRO A 1 18 ? -16.389 3.056   -7.203  1.00 31.09  ? 52  PRO A N   1 
ATOM   120  C CA  . PRO A 1 18 ? -17.514 2.327   -6.611  1.00 26.81  ? 52  PRO A CA  1 
ATOM   121  C C   . PRO A 1 18 ? -17.057 1.012   -5.995  1.00 28.62  ? 52  PRO A C   1 
ATOM   122  O O   . PRO A 1 18 ? -16.134 0.385   -6.510  1.00 37.14  ? 52  PRO A O   1 
ATOM   123  C CB  . PRO A 1 18 ? -18.423 2.046   -7.812  1.00 32.98  ? 52  PRO A CB  1 
ATOM   124  C CG  . PRO A 1 18 ? -18.044 3.064   -8.828  1.00 30.05  ? 52  PRO A CG  1 
ATOM   125  C CD  . PRO A 1 18 ? -16.580 3.296   -8.641  1.00 20.50  ? 52  PRO A CD  1 
ATOM   126  N N   . MET A 1 19 ? -17.695 0.606   -4.904  1.00 30.98  ? 53  MET A N   1 
ATOM   127  C CA  . MET A 1 19 ? -17.384 -0.663  -4.261  1.00 35.71  ? 53  MET A CA  1 
ATOM   128  C C   . MET A 1 19 ? -17.611 -1.824  -5.200  1.00 34.68  ? 53  MET A C   1 
ATOM   129  O O   . MET A 1 19 ? -16.823 -2.768  -5.240  1.00 26.95  ? 53  MET A O   1 
ATOM   130  C CB  . MET A 1 19 ? -18.278 -0.877  -3.055  1.00 27.79  ? 53  MET A CB  1 
ATOM   131  C CG  . MET A 1 19 ? -17.937 -0.019  -1.893  1.00 46.62  ? 53  MET A CG  1 
ATOM   132  S SD  . MET A 1 19 ? -18.996 -0.430  -0.513  1.00 61.77  ? 53  MET A SD  1 
ATOM   133  C CE  . MET A 1 19 ? -18.445 0.841   0.589   1.00 88.00  ? 53  MET A CE  1 
ATOM   134  N N   . GLU A 1 20 ? -18.718 -1.762  -5.929  1.00 31.53  ? 54  GLU A N   1 
ATOM   135  C CA  . GLU A 1 20 ? -19.073 -2.823  -6.852  1.00 38.91  ? 54  GLU A CA  1 
ATOM   136  C C   . GLU A 1 20 ? -17.983 -3.029  -7.889  1.00 29.23  ? 54  GLU A C   1 
ATOM   137  O O   . GLU A 1 20 ? -17.700 -4.159  -8.279  1.00 30.30  ? 54  GLU A O   1 
ATOM   138  C CB  . GLU A 1 20 ? -20.411 -2.528  -7.531  1.00 50.89  ? 54  GLU A CB  1 
ATOM   139  C CG  . GLU A 1 20 ? -21.591 -3.168  -6.830  1.00 60.71  ? 54  GLU A CG  1 
ATOM   140  C CD  . GLU A 1 20 ? -21.429 -4.669  -6.701  1.00 64.33  ? 54  GLU A CD  1 
ATOM   141  O OE1 . GLU A 1 20 ? -20.855 -5.289  -7.621  1.00 56.20  ? 54  GLU A OE1 1 
ATOM   142  O OE2 . GLU A 1 20 ? -21.874 -5.230  -5.680  1.00 69.03  ? 54  GLU A OE2 1 
ATOM   143  N N   . PHE A 1 21 ? -17.369 -1.940  -8.334  1.00 25.36  ? 55  PHE A N   1 
ATOM   144  C CA  . PHE A 1 21 ? -16.297 -2.059  -9.308  1.00 29.49  ? 55  PHE A CA  1 
ATOM   145  C C   . PHE A 1 21 ? -15.081 -2.745  -8.700  1.00 20.25  ? 55  PHE A C   1 
ATOM   146  O O   . PHE A 1 21 ? -14.430 -3.561  -9.351  1.00 27.87  ? 55  PHE A O   1 
ATOM   147  C CB  . PHE A 1 21 ? -15.896 -0.702  -9.879  1.00 32.72  ? 55  PHE A CB  1 
ATOM   148  C CG  . PHE A 1 21 ? -14.808 -0.793  -10.899 1.00 26.32  ? 55  PHE A CG  1 
ATOM   149  C CD1 . PHE A 1 21 ? -15.073 -1.288  -12.162 1.00 33.23  ? 55  PHE A CD1 1 
ATOM   150  C CD2 . PHE A 1 21 ? -13.513 -0.414  -10.589 1.00 26.60  ? 55  PHE A CD2 1 
ATOM   151  C CE1 . PHE A 1 21 ? -14.072 -1.391  -13.102 1.00 29.45  ? 55  PHE A CE1 1 
ATOM   152  C CE2 . PHE A 1 21 ? -12.507 -0.512  -11.528 1.00 28.17  ? 55  PHE A CE2 1 
ATOM   153  C CZ  . PHE A 1 21 ? -12.788 -1.002  -12.787 1.00 23.92  ? 55  PHE A CZ  1 
ATOM   154  N N   . VAL A 1 22 ? -14.782 -2.411  -7.449  1.00 26.17  ? 56  VAL A N   1 
ATOM   155  C CA  . VAL A 1 22 ? -13.658 -3.016  -6.747  1.00 30.35  ? 56  VAL A CA  1 
ATOM   156  C C   . VAL A 1 22 ? -13.890 -4.514  -6.575  1.00 27.04  ? 56  VAL A C   1 
ATOM   157  O O   . VAL A 1 22 ? -12.988 -5.322  -6.795  1.00 27.37  ? 56  VAL A O   1 
ATOM   158  C CB  . VAL A 1 22 ? -13.435 -2.366  -5.370  1.00 33.54  ? 56  VAL A CB  1 
ATOM   159  C CG1 . VAL A 1 22 ? -12.283 -3.042  -4.646  1.00 43.13  ? 56  VAL A CG1 1 
ATOM   160  C CG2 . VAL A 1 22 ? -13.171 -0.876  -5.526  1.00 37.14  ? 56  VAL A CG2 1 
ATOM   161  N N   . VAL A 1 23 ? -15.109 -4.875  -6.184  1.00 32.67  ? 57  VAL A N   1 
ATOM   162  C CA  . VAL A 1 23 ? -15.491 -6.275  -6.060  1.00 27.20  ? 57  VAL A CA  1 
ATOM   163  C C   . VAL A 1 23 ? -15.358 -6.967  -7.409  1.00 29.78  ? 57  VAL A C   1 
ATOM   164  O O   . VAL A 1 23 ? -14.780 -8.050  -7.514  1.00 27.91  ? 57  VAL A O   1 
ATOM   165  C CB  . VAL A 1 23 ? -16.938 -6.418  -5.557  1.00 26.85  ? 57  VAL A CB  1 
ATOM   166  C CG1 . VAL A 1 23 ? -17.398 -7.863  -5.655  1.00 27.68  ? 57  VAL A CG1 1 
ATOM   167  C CG2 . VAL A 1 23 ? -17.052 -5.909  -4.127  1.00 24.37  ? 57  VAL A CG2 1 
ATOM   168  N N   . TYR A 1 24 ? -15.897 -6.328  -8.442  1.00 35.13  ? 58  TYR A N   1 
ATOM   169  C CA  . TYR A 1 24 ? -15.797 -6.833  -9.803  1.00 24.39  ? 58  TYR A CA  1 
ATOM   170  C C   . TYR A 1 24 ? -14.339 -7.068  -10.193 1.00 35.15  ? 58  TYR A C   1 
ATOM   171  O O   . TYR A 1 24 ? -14.000 -8.100  -10.771 1.00 32.22  ? 58  TYR A O   1 
ATOM   172  C CB  . TYR A 1 24 ? -16.461 -5.852  -10.771 1.00 32.88  ? 58  TYR A CB  1 
ATOM   173  C CG  . TYR A 1 24 ? -16.042 -6.013  -12.214 1.00 39.60  ? 58  TYR A CG  1 
ATOM   174  C CD1 . TYR A 1 24 ? -16.688 -6.911  -13.051 1.00 43.68  ? 58  TYR A CD1 1 
ATOM   175  C CD2 . TYR A 1 24 ? -15.005 -5.253  -12.742 1.00 43.71  ? 58  TYR A CD2 1 
ATOM   176  C CE1 . TYR A 1 24 ? -16.309 -7.055  -14.374 1.00 55.24  ? 58  TYR A CE1 1 
ATOM   177  C CE2 . TYR A 1 24 ? -14.619 -5.390  -14.060 1.00 54.33  ? 58  TYR A CE2 1 
ATOM   178  C CZ  . TYR A 1 24 ? -15.273 -6.290  -14.872 1.00 61.20  ? 58  TYR A CZ  1 
ATOM   179  O OH  . TYR A 1 24 ? -14.889 -6.427  -16.186 1.00 68.11  ? 58  TYR A OH  1 
ATOM   180  N N   . VAL A 1 25 ? -13.479 -6.109  -9.867  1.00 20.82  ? 59  VAL A N   1 
ATOM   181  C CA  . VAL A 1 25 ? -12.058 -6.210  -10.187 1.00 19.12  ? 59  VAL A CA  1 
ATOM   182  C C   . VAL A 1 25 ? -11.417 -7.428  -9.527  1.00 24.02  ? 59  VAL A C   1 
ATOM   183  O O   . VAL A 1 25 ? -10.660 -8.164  -10.160 1.00 24.34  ? 59  VAL A O   1 
ATOM   184  C CB  . VAL A 1 25 ? -11.290 -4.947  -9.755  1.00 26.86  ? 59  VAL A CB  1 
ATOM   185  C CG1 . VAL A 1 25 ? -9.792  -5.205  -9.764  1.00 34.33  ? 59  VAL A CG1 1 
ATOM   186  C CG2 . VAL A 1 25 ? -11.645 -3.777  -10.656 1.00 28.49  ? 59  VAL A CG2 1 
ATOM   187  N N   . LEU A 1 26 ? -11.728 -7.635  -8.253  1.00 25.84  ? 60  LEU A N   1 
ATOM   188  C CA  . LEU A 1 26 ? -11.158 -8.745  -7.498  1.00 26.91  ? 60  LEU A CA  1 
ATOM   189  C C   . LEU A 1 26 ? -11.649 -10.096 -8.008  1.00 31.76  ? 60  LEU A C   1 
ATOM   190  O O   . LEU A 1 26 ? -10.877 -11.049 -8.101  1.00 33.39  ? 60  LEU A O   1 
ATOM   191  C CB  . LEU A 1 26 ? -11.457 -8.583  -6.005  1.00 33.07  ? 60  LEU A CB  1 
ATOM   192  C CG  . LEU A 1 26 ? -10.719 -7.421  -5.336  1.00 20.90  ? 60  LEU A CG  1 
ATOM   193  C CD1 . LEU A 1 26 ? -11.381 -7.026  -4.022  1.00 21.18  ? 60  LEU A CD1 1 
ATOM   194  C CD2 . LEU A 1 26 ? -9.250  -7.763  -5.128  1.00 20.48  ? 60  LEU A CD2 1 
ATOM   195  N N   . GLU A 1 27 ? -12.936 -10.175 -8.335  1.00 26.33  ? 61  GLU A N   1 
ATOM   196  C CA  . GLU A 1 27 ? -13.491 -11.378 -8.943  1.00 34.46  ? 61  GLU A CA  1 
ATOM   197  C C   . GLU A 1 27 ? -12.842 -11.599 -10.299 1.00 39.35  ? 61  GLU A C   1 
ATOM   198  O O   . GLU A 1 27 ? -12.483 -12.719 -10.667 1.00 37.41  ? 61  GLU A O   1 
ATOM   199  C CB  . GLU A 1 27 ? -14.997 -11.226 -9.156  1.00 34.76  ? 61  GLU A CB  1 
ATOM   200  C CG  . GLU A 1 27 ? -15.838 -11.214 -7.899  1.00 30.43  ? 61  GLU A CG  1 
ATOM   201  C CD  . GLU A 1 27 ? -17.315 -11.052 -8.211  1.00 46.71  ? 61  GLU A CD  1 
ATOM   202  O OE1 . GLU A 1 27 ? -17.645 -10.684 -9.359  1.00 60.75  ? 61  GLU A OE1 1 
ATOM   203  O OE2 . GLU A 1 27 ? -18.148 -11.289 -7.313  1.00 49.69  ? 61  GLU A OE2 1 
ATOM   204  N N   . ARG A 1 28 ? -12.696 -10.503 -11.032 1.00 34.59  ? 62  ARG A N   1 
ATOM   205  C CA  . ARG A 1 28 ? -12.267 -10.519 -12.421 1.00 35.48  ? 62  ARG A CA  1 
ATOM   206  C C   . ARG A 1 28 ? -10.810 -10.898 -12.601 1.00 31.29  ? 62  ARG A C   1 
ATOM   207  O O   . ARG A 1 28 ? -10.484 -11.859 -13.298 1.00 29.74  ? 62  ARG A O   1 
ATOM   208  C CB  . ARG A 1 28 ? -12.474 -9.127  -13.014 1.00 45.73  ? 62  ARG A CB  1 
ATOM   209  C CG  . ARG A 1 28 ? -12.175 -9.016  -14.490 1.00 48.33  ? 62  ARG A CG  1 
ATOM   210  C CD  . ARG A 1 28 ? -13.407 -9.358  -15.298 1.00 74.68  ? 62  ARG A CD  1 
ATOM   211  N NE  . ARG A 1 28 ? -13.388 -8.717  -16.607 1.00 88.52  ? 62  ARG A NE  1 
ATOM   212  C CZ  . ARG A 1 28 ? -13.261 -9.373  -17.755 1.00 92.65  ? 62  ARG A CZ  1 
ATOM   213  N NH1 . ARG A 1 28 ? -13.155 -10.696 -17.758 1.00 97.74  ? 62  ARG A NH1 1 
ATOM   214  N NH2 . ARG A 1 28 ? -13.254 -8.705  -18.902 1.00 90.29  ? 62  ARG A NH2 1 
ATOM   215  N N   . PHE A 1 29 ? -9.932  -10.122 -11.979 1.00 26.70  ? 63  PHE A N   1 
ATOM   216  C CA  . PHE A 1 29 ? -8.503  -10.216 -12.251 1.00 31.50  ? 63  PHE A CA  1 
ATOM   217  C C   . PHE A 1 29 ? -7.740  -10.971 -11.181 1.00 30.76  ? 63  PHE A C   1 
ATOM   218  O O   . PHE A 1 29 ? -6.574  -11.315 -11.368 1.00 34.36  ? 63  PHE A O   1 
ATOM   219  C CB  . PHE A 1 29 ? -7.909  -8.811  -12.415 1.00 19.81  ? 63  PHE A CB  1 
ATOM   220  C CG  . PHE A 1 29 ? -8.555  -8.008  -13.504 1.00 27.77  ? 63  PHE A CG  1 
ATOM   221  C CD1 . PHE A 1 29 ? -8.260  -8.263  -14.833 1.00 33.01  ? 63  PHE A CD1 1 
ATOM   222  C CD2 . PHE A 1 29 ? -9.464  -7.004  -13.204 1.00 27.34  ? 63  PHE A CD2 1 
ATOM   223  C CE1 . PHE A 1 29 ? -8.856  -7.530  -15.846 1.00 28.11  ? 63  PHE A CE1 1 
ATOM   224  C CE2 . PHE A 1 29 ? -10.063 -6.266  -14.213 1.00 27.38  ? 63  PHE A CE2 1 
ATOM   225  C CZ  . PHE A 1 29 ? -9.757  -6.530  -15.537 1.00 25.16  ? 63  PHE A CZ  1 
ATOM   226  N N   . PHE A 1 30 ? -8.399  -11.229 -10.057 1.00 25.31  ? 64  PHE A N   1 
ATOM   227  C CA  . PHE A 1 30 ? -7.737  -11.907 -8.948  1.00 26.78  ? 64  PHE A CA  1 
ATOM   228  C C   . PHE A 1 30 ? -8.445  -13.161 -8.485  1.00 28.83  ? 64  PHE A C   1 
ATOM   229  O O   . PHE A 1 30 ? -8.073  -13.743 -7.463  1.00 23.62  ? 64  PHE A O   1 
ATOM   230  C CB  . PHE A 1 30 ? -7.532  -10.955 -7.775  1.00 27.69  ? 64  PHE A CB  1 
ATOM   231  C CG  . PHE A 1 30 ? -6.725  -9.753  -8.128  1.00 28.65  ? 64  PHE A CG  1 
ATOM   232  C CD1 . PHE A 1 30 ? -5.346  -9.833  -8.225  1.00 29.66  ? 64  PHE A CD1 1 
ATOM   233  C CD2 . PHE A 1 30 ? -7.346  -8.544  -8.387  1.00 21.04  ? 64  PHE A CD2 1 
ATOM   234  C CE1 . PHE A 1 30 ? -4.601  -8.723  -8.561  1.00 26.48  ? 64  PHE A CE1 1 
ATOM   235  C CE2 . PHE A 1 30 ? -6.609  -7.432  -8.720  1.00 26.99  ? 64  PHE A CE2 1 
ATOM   236  C CZ  . PHE A 1 30 ? -5.230  -7.520  -8.809  1.00 32.23  ? 64  PHE A CZ  1 
ATOM   237  N N   . ASN A 1 31 ? -9.470  -13.566 -9.223  1.00 25.91  ? 65  ASN A N   1 
ATOM   238  C CA  . ASN A 1 31 ? -9.952  -14.923 -9.092  1.00 35.99  ? 65  ASN A CA  1 
ATOM   239  C C   . ASN A 1 31 ? -10.634 -15.107 -7.741  1.00 27.18  ? 65  ASN A C   1 
ATOM   240  O O   . ASN A 1 31 ? -10.628 -16.196 -7.169  1.00 26.94  ? 65  ASN A O   1 
ATOM   241  C CB  . ASN A 1 31 ? -8.753  -15.871 -9.209  1.00 39.58  ? 65  ASN A CB  1 
ATOM   242  C CG  . ASN A 1 31 ? -8.985  -16.990 -10.196 1.00 83.38  ? 65  ASN A CG  1 
ATOM   243  O OD1 . ASN A 1 31 ? -10.006 -17.030 -10.879 1.00 93.47  ? 65  ASN A OD1 1 
ATOM   244  N ND2 . ASN A 1 31 ? -8.040  -17.922 -10.262 1.00 103.88 ? 65  ASN A ND2 1 
ATOM   245  N N   . LYS A 1 32 ? -11.222 -14.041 -7.218  1.00 23.95  ? 66  LYS A N   1 
ATOM   246  C CA  . LYS A 1 32 ? -11.874 -14.127 -5.917  1.00 24.42  ? 66  LYS A CA  1 
ATOM   247  C C   . LYS A 1 32 ? -13.338 -14.474 -6.100  1.00 27.85  ? 66  LYS A C   1 
ATOM   248  O O   . LYS A 1 32 ? -13.986 -13.986 -7.022  1.00 24.52  ? 66  LYS A O   1 
ATOM   249  C CB  . LYS A 1 32 ? -11.736 -12.803 -5.153  1.00 32.93  ? 66  LYS A CB  1 
ATOM   250  C CG  . LYS A 1 32 ? -10.306 -12.321 -5.038  1.00 31.65  ? 66  LYS A CG  1 
ATOM   251  C CD  . LYS A 1 32 ? -9.477  -13.302 -4.228  1.00 40.24  ? 66  LYS A CD  1 
ATOM   252  C CE  . LYS A 1 32 ? -7.998  -12.977 -4.310  1.00 41.93  ? 66  LYS A CE  1 
ATOM   253  N NZ  . LYS A 1 32 ? -7.214  -13.722 -3.288  1.00 52.15  ? 66  LYS A NZ  1 
ATOM   254  N N   . SER A 1 33 ? -13.851 -15.340 -5.235  1.00 37.51  ? 67  SER A N   1 
ATOM   255  C CA  . SER A 1 33 ? -15.286 -15.534 -5.163  1.00 36.56  ? 67  SER A CA  1 
ATOM   256  C C   . SER A 1 33 ? -15.835 -14.190 -4.720  1.00 34.57  ? 67  SER A C   1 
ATOM   257  O O   . SER A 1 33 ? -15.099 -13.375 -4.165  1.00 28.04  ? 67  SER A O   1 
ATOM   258  C CB  . SER A 1 33 ? -15.643 -16.612 -4.144  1.00 28.92  ? 67  SER A CB  1 
ATOM   259  O OG  . SER A 1 33 ? -15.265 -16.216 -2.840  1.00 45.99  ? 67  SER A OG  1 
ATOM   260  N N   . ARG A 1 34 ? -17.114 -13.946 -4.968  1.00 27.09  ? 68  ARG A N   1 
ATOM   261  C CA  . ARG A 1 34 ? -17.707 -12.673 -4.591  1.00 32.99  ? 68  ARG A CA  1 
ATOM   262  C C   . ARG A 1 34 ? -17.532 -12.400 -3.101  1.00 32.96  ? 68  ARG A C   1 
ATOM   263  O O   . ARG A 1 34 ? -17.318 -11.262 -2.685  1.00 32.44  ? 68  ARG A O   1 
ATOM   264  C CB  . ARG A 1 34 ? -19.187 -12.634 -4.960  1.00 32.05  ? 68  ARG A CB  1 
ATOM   265  C CG  . ARG A 1 34 ? -19.859 -11.347 -4.548  1.00 35.71  ? 68  ARG A CG  1 
ATOM   266  C CD  . ARG A 1 34 ? -21.210 -11.186 -5.207  1.00 55.98  ? 68  ARG A CD  1 
ATOM   267  N NE  . ARG A 1 34 ? -21.848 -9.951  -4.771  1.00 55.65  ? 68  ARG A NE  1 
ATOM   268  C CZ  . ARG A 1 34 ? -21.654 -8.771  -5.345  1.00 54.35  ? 68  ARG A CZ  1 
ATOM   269  N NH1 . ARG A 1 34 ? -20.842 -8.662  -6.389  1.00 47.96  ? 68  ARG A NH1 1 
ATOM   270  N NH2 . ARG A 1 34 ? -22.271 -7.698  -4.876  1.00 62.88  ? 68  ARG A NH2 1 
ATOM   271  N N   . GLU A 1 35 ? -17.617 -13.455 -2.301  1.00 31.28  ? 69  GLU A N   1 
ATOM   272  C CA  . GLU A 1 35 ? -17.510 -13.321 -0.855  1.00 35.15  ? 69  GLU A CA  1 
ATOM   273  C C   . GLU A 1 35 ? -16.107 -12.894 -0.427  1.00 31.11  ? 69  GLU A C   1 
ATOM   274  O O   . GLU A 1 35 ? -15.948 -12.060 0.464   1.00 36.47  ? 69  GLU A O   1 
ATOM   275  C CB  . GLU A 1 35 ? -17.916 -14.627 -0.168  1.00 39.50  ? 69  GLU A CB  1 
ATOM   276  C CG  . GLU A 1 35 ? -17.997 -14.532 1.341   1.00 66.09  ? 69  GLU A CG  1 
ATOM   277  C CD  . GLU A 1 35 ? -16.658 -14.758 2.008   1.00 87.30  ? 69  GLU A CD  1 
ATOM   278  O OE1 . GLU A 1 35 ? -15.786 -15.396 1.383   1.00 92.80  ? 69  GLU A OE1 1 
ATOM   279  O OE2 . GLU A 1 35 ? -16.481 -14.302 3.157   1.00 95.16  ? 69  GLU A OE2 1 
ATOM   280  N N   . ASP A 1 36 ? -15.091 -13.466 -1.066  1.00 28.07  ? 70  ASP A N   1 
ATOM   281  C CA  . ASP A 1 36 ? -13.708 -13.100 -0.776  1.00 30.27  ? 70  ASP A CA  1 
ATOM   282  C C   . ASP A 1 36 ? -13.387 -11.715 -1.326  1.00 20.81  ? 70  ASP A C   1 
ATOM   283  O O   . ASP A 1 36 ? -12.603 -10.971 -0.741  1.00 29.66  ? 70  ASP A O   1 
ATOM   284  C CB  . ASP A 1 36 ? -12.738 -14.138 -1.346  1.00 29.11  ? 70  ASP A CB  1 
ATOM   285  C CG  . ASP A 1 36 ? -12.743 -15.433 -0.558  1.00 62.69  ? 70  ASP A CG  1 
ATOM   286  O OD1 . ASP A 1 36 ? -13.144 -15.410 0.624   1.00 71.30  ? 70  ASP A OD1 1 
ATOM   287  O OD2 . ASP A 1 36 ? -12.340 -16.473 -1.118  1.00 75.36  ? 70  ASP A OD2 1 
ATOM   288  N N   . ALA A 1 37 ? -13.999 -11.373 -2.453  1.00 27.00  ? 71  ALA A N   1 
ATOM   289  C CA  . ALA A 1 37 ? -13.811 -10.056 -3.046  1.00 31.43  ? 71  ALA A CA  1 
ATOM   290  C C   . ALA A 1 37 ? -14.391 -8.987  -2.129  1.00 33.38  ? 71  ALA A C   1 
ATOM   291  O O   . ALA A 1 37 ? -13.754 -7.967  -1.866  1.00 29.07  ? 71  ALA A O   1 
ATOM   292  C CB  . ALA A 1 37 ? -14.458 -9.991  -4.421  1.00 30.10  ? 71  ALA A CB  1 
ATOM   293  N N   . THR A 1 38 ? -15.601 -9.238  -1.638  1.00 27.37  ? 72  THR A N   1 
ATOM   294  C CA  . THR A 1 38 ? -16.273 -8.319  -0.729  1.00 28.20  ? 72  THR A CA  1 
ATOM   295  C C   . THR A 1 38 ? -15.420 -8.054  0.505   1.00 24.92  ? 72  THR A C   1 
ATOM   296  O O   . THR A 1 38 ? -15.292 -6.915  0.950   1.00 26.75  ? 72  THR A O   1 
ATOM   297  C CB  . THR A 1 38 ? -17.643 -8.871  -0.281  1.00 31.60  ? 72  THR A CB  1 
ATOM   298  O OG1 . THR A 1 38 ? -18.470 -9.100  -1.428  1.00 29.42  ? 72  THR A OG1 1 
ATOM   299  C CG2 . THR A 1 38 ? -18.334 -7.889  0.653   1.00 34.18  ? 72  THR A CG2 1 
ATOM   300  N N   . ARG A 1 39 ? -14.838 -9.114  1.056   1.00 20.03  ? 73  ARG A N   1 
ATOM   301  C CA  . ARG A 1 39 ? -13.988 -8.990  2.236   1.00 38.51  ? 73  ARG A CA  1 
ATOM   302  C C   . ARG A 1 39 ? -12.781 -8.098  1.976   1.00 21.48  ? 73  ARG A C   1 
ATOM   303  O O   . ARG A 1 39 ? -12.471 -7.208  2.766   1.00 28.45  ? 73  ARG A O   1 
ATOM   304  C CB  . ARG A 1 39 ? -13.510 -10.364 2.704   1.00 38.67  ? 73  ARG A CB  1 
ATOM   305  C CG  . ARG A 1 39 ? -12.377 -10.290 3.713   1.00 48.95  ? 73  ARG A CG  1 
ATOM   306  C CD  . ARG A 1 39 ? -11.790 -11.660 3.994   1.00 56.31  ? 73  ARG A CD  1 
ATOM   307  N NE  . ARG A 1 39 ? -11.233 -12.276 2.794   1.00 57.79  ? 73  ARG A NE  1 
ATOM   308  C CZ  . ARG A 1 39 ? -9.982  -12.110 2.379   1.00 63.37  ? 73  ARG A CZ  1 
ATOM   309  N NH1 . ARG A 1 39 ? -9.150  -11.340 3.067   1.00 58.17  ? 73  ARG A NH1 1 
ATOM   310  N NH2 . ARG A 1 39 ? -9.563  -12.712 1.275   1.00 65.28  ? 73  ARG A NH2 1 
ATOM   311  N N   . ILE A 1 40 ? -12.094 -8.350  0.868   1.00 23.37  ? 74  ILE A N   1 
ATOM   312  C CA  . ILE A 1 40 ? -10.914 -7.577  0.514   1.00 24.63  ? 74  ILE A CA  1 
ATOM   313  C C   . ILE A 1 40 ? -11.290 -6.127  0.228   1.00 31.89  ? 74  ILE A C   1 
ATOM   314  O O   . ILE A 1 40 ? -10.609 -5.202  0.672   1.00 21.22  ? 74  ILE A O   1 
ATOM   315  C CB  . ILE A 1 40 ? -10.196 -8.182  -0.703  1.00 22.72  ? 74  ILE A CB  1 
ATOM   316  C CG1 . ILE A 1 40 ? -9.707  -9.595  -0.377  1.00 27.47  ? 74  ILE A CG1 1 
ATOM   317  C CG2 . ILE A 1 40 ? -9.039  -7.298  -1.138  1.00 23.44  ? 74  ILE A CG2 1 
ATOM   318  C CD1 . ILE A 1 40 ? -9.051  -10.302 -1.541  1.00 31.38  ? 74  ILE A CD1 1 
ATOM   319  N N   . MET A 1 41 ? -12.382 -5.940  -0.505  1.00 27.05  ? 75  MET A N   1 
ATOM   320  C CA  . MET A 1 41 ? -12.868 -4.607  -0.834  1.00 29.75  ? 75  MET A CA  1 
ATOM   321  C C   . MET A 1 41 ? -13.140 -3.795  0.430   1.00 36.67  ? 75  MET A C   1 
ATOM   322  O O   . MET A 1 41 ? -12.736 -2.637  0.538   1.00 26.81  ? 75  MET A O   1 
ATOM   323  C CB  . MET A 1 41 ? -14.132 -4.699  -1.694  1.00 31.31  ? 75  MET A CB  1 
ATOM   324  C CG  . MET A 1 41 ? -14.737 -3.355  -2.071  1.00 29.83  ? 75  MET A CG  1 
ATOM   325  S SD  . MET A 1 41 ? -15.854 -2.700  -0.818  1.00 34.58  ? 75  MET A SD  1 
ATOM   326  C CE  . MET A 1 41 ? -17.212 -3.863  -0.926  1.00 29.23  ? 75  MET A CE  1 
ATOM   327  N N   . LEU A 1 42 ? -13.824 -4.412  1.388   1.00 32.49  ? 76  LEU A N   1 
ATOM   328  C CA  . LEU A 1 42 ? -14.150 -3.744  2.641   1.00 26.00  ? 76  LEU A CA  1 
ATOM   329  C C   . LEU A 1 42 ? -12.900 -3.496  3.478   1.00 25.33  ? 76  LEU A C   1 
ATOM   330  O O   . LEU A 1 42 ? -12.786 -2.471  4.149   1.00 25.25  ? 76  LEU A O   1 
ATOM   331  C CB  . LEU A 1 42 ? -15.169 -4.562  3.431   1.00 26.82  ? 76  LEU A CB  1 
ATOM   332  C CG  . LEU A 1 42 ? -16.573 -4.610  2.830   1.00 27.68  ? 76  LEU A CG  1 
ATOM   333  C CD1 . LEU A 1 42 ? -17.426 -5.625  3.557   1.00 31.69  ? 76  LEU A CD1 1 
ATOM   334  C CD2 . LEU A 1 42 ? -17.222 -3.236  2.871   1.00 28.95  ? 76  LEU A CD2 1 
ATOM   335  N N   . HIS A 1 43 ? -11.966 -4.440  3.435   1.00 23.90  ? 77  HIS A N   1 
ATOM   336  C CA  . HIS A 1 43 ? -10.697 -4.286  4.135   1.00 21.16  ? 77  HIS A CA  1 
ATOM   337  C C   . HIS A 1 43 ? -9.896  -3.115  3.573   1.00 17.07  ? 77  HIS A C   1 
ATOM   338  O O   . HIS A 1 43 ? -9.276  -2.366  4.321   1.00 26.74  ? 77  HIS A O   1 
ATOM   339  C CB  . HIS A 1 43 ? -9.882  -5.580  4.063   1.00 22.43  ? 77  HIS A CB  1 
ATOM   340  C CG  . HIS A 1 43 ? -8.456  -5.420  4.490   1.00 34.93  ? 77  HIS A CG  1 
ATOM   341  N ND1 . HIS A 1 43 ? -8.062  -5.471  5.809   1.00 37.59  ? 77  HIS A ND1 1 
ATOM   342  C CD2 . HIS A 1 43 ? -7.328  -5.212  3.768   1.00 33.58  ? 77  HIS A CD2 1 
ATOM   343  C CE1 . HIS A 1 43 ? -6.754  -5.300  5.883   1.00 45.47  ? 77  HIS A CE1 1 
ATOM   344  N NE2 . HIS A 1 43 ? -6.286  -5.141  4.657   1.00 33.78  ? 77  HIS A NE2 1 
ATOM   345  N N   . VAL A 1 44 ? -9.916  -2.958  2.252   1.00 24.06  ? 78  VAL A N   1 
ATOM   346  C CA  . VAL A 1 44 ? -9.241  -1.838  1.602   1.00 25.37  ? 78  VAL A CA  1 
ATOM   347  C C   . VAL A 1 44 ? -9.886  -0.517  2.004   1.00 29.40  ? 78  VAL A C   1 
ATOM   348  O O   . VAL A 1 44 ? -9.206  0.480   2.238   1.00 29.75  ? 78  VAL A O   1 
ATOM   349  C CB  . VAL A 1 44 ? -9.286  -1.961  0.067   1.00 40.22  ? 78  VAL A CB  1 
ATOM   350  C CG1 . VAL A 1 44 ? -8.854  -0.655  -0.584  1.00 38.44  ? 78  VAL A CG1 1 
ATOM   351  C CG2 . VAL A 1 44 ? -8.418  -3.119  -0.402  1.00 35.03  ? 78  VAL A CG2 1 
ATOM   352  N N   . HIS A 1 45 ? -11.211 -0.526  2.080   1.00 26.83  ? 79  HIS A N   1 
ATOM   353  C CA  . HIS A 1 45 ? -11.972 0.656   2.459   1.00 24.02  ? 79  HIS A CA  1 
ATOM   354  C C   . HIS A 1 45 ? -11.606 1.114   3.866   1.00 39.33  ? 79  HIS A C   1 
ATOM   355  O O   . HIS A 1 45 ? -11.558 2.310   4.156   1.00 32.78  ? 79  HIS A O   1 
ATOM   356  C CB  . HIS A 1 45 ? -13.465 0.339   2.389   1.00 26.35  ? 79  HIS A CB  1 
ATOM   357  C CG  . HIS A 1 45 ? -14.348 1.518   2.648   1.00 41.35  ? 79  HIS A CG  1 
ATOM   358  N ND1 . HIS A 1 45 ? -14.600 2.481   1.694   1.00 44.40  ? 79  HIS A ND1 1 
ATOM   359  C CD2 . HIS A 1 45 ? -15.047 1.886   3.747   1.00 50.51  ? 79  HIS A CD2 1 
ATOM   360  C CE1 . HIS A 1 45 ? -15.412 3.394   2.197   1.00 47.95  ? 79  HIS A CE1 1 
ATOM   361  N NE2 . HIS A 1 45 ? -15.698 3.056   3.441   1.00 48.36  ? 79  HIS A NE2 1 
ATOM   362  N N   . GLN A 1 46 ? -11.339 0.146   4.733   1.00 33.61  ? 80  GLN A N   1 
ATOM   363  C CA  . GLN A 1 46 ? -11.099 0.413   6.142   0.99 36.90  ? 80  GLN A CA  1 
ATOM   364  C C   . GLN A 1 46 ? -9.620  0.661   6.424   1.00 39.50  ? 80  GLN A C   1 
ATOM   365  O O   . GLN A 1 46 ? -9.269  1.483   7.270   1.00 32.57  ? 80  GLN A O   1 
ATOM   366  C CB  . GLN A 1 46 ? -11.590 -0.774  6.971   0.99 47.25  ? 80  GLN A CB  1 
ATOM   367  C CG  . GLN A 1 46 ? -11.964 -0.444  8.403   0.99 73.60  ? 80  GLN A CG  1 
ATOM   368  C CD  . GLN A 1 46 ? -12.550 -1.640  9.125   0.99 93.47  ? 80  GLN A CD  1 
ATOM   369  O OE1 . GLN A 1 46 ? -12.633 -2.737  8.568   0.99 103.22 ? 80  GLN A OE1 1 
ATOM   370  N NE2 . GLN A 1 46 ? -12.960 -1.438  10.371  0.99 100.66 ? 80  GLN A NE2 1 
ATOM   371  N N   . ASN A 1 47 ? -8.762  -0.049  5.700   1.00 29.78  ? 81  ASN A N   1 
ATOM   372  C CA  . ASN A 1 47 ? -7.324  -0.020  5.949   1.00 29.35  ? 81  ASN A CA  1 
ATOM   373  C C   . ASN A 1 47 ? -6.574  0.915   5.003   1.00 37.48  ? 81  ASN A C   1 
ATOM   374  O O   . ASN A 1 47 ? -5.423  1.272   5.255   1.00 37.80  ? 81  ASN A O   1 
ATOM   375  C CB  . ASN A 1 47 ? -6.753  -1.436  5.847   1.00 29.47  ? 81  ASN A CB  1 
ATOM   376  C CG  . ASN A 1 47 ? -5.339  -1.533  6.370   1.00 39.28  ? 81  ASN A CG  1 
ATOM   377  O OD1 . ASN A 1 47 ? -4.489  -2.185  5.767   1.00 40.43  ? 81  ASN A OD1 1 
ATOM   378  N ND2 . ASN A 1 47 ? -5.078  -0.883  7.499   1.00 46.60  ? 81  ASN A ND2 1 
ATOM   379  N N   . GLY A 1 48 ? -7.232  1.305   3.917   1.00 33.82  ? 82  GLY A N   1 
ATOM   380  C CA  . GLY A 1 48 ? -6.627  2.184   2.932   1.00 28.28  ? 82  GLY A CA  1 
ATOM   381  C C   . GLY A 1 48 ? -5.867  1.420   1.865   1.00 33.21  ? 82  GLY A C   1 
ATOM   382  O O   . GLY A 1 48 ? -5.589  1.947   0.788   1.00 37.90  ? 82  GLY A O   1 
ATOM   383  N N   . VAL A 1 49 ? -5.530  0.171   2.167   1.00 33.14  ? 83  VAL A N   1 
ATOM   384  C CA  . VAL A 1 49 ? -4.800  -0.678  1.233   1.00 30.54  ? 83  VAL A CA  1 
ATOM   385  C C   . VAL A 1 49 ? -5.084  -2.147  1.530   1.00 32.64  ? 83  VAL A C   1 
ATOM   386  O O   . VAL A 1 49 ? -5.361  -2.514  2.673   1.00 32.81  ? 83  VAL A O   1 
ATOM   387  C CB  . VAL A 1 49 ? -3.280  -0.427  1.314   1.00 33.43  ? 83  VAL A CB  1 
ATOM   388  C CG1 . VAL A 1 49 ? -2.740  -0.879  2.661   1.00 43.92  ? 83  VAL A CG1 1 
ATOM   389  C CG2 . VAL A 1 49 ? -2.555  -1.141  0.182   1.00 35.51  ? 83  VAL A CG2 1 
ATOM   390  N N   . GLY A 1 50 ? -5.022  -2.983  0.500   1.00 29.13  ? 84  GLY A N   1 
ATOM   391  C CA  . GLY A 1 50 ? -5.268  -4.404  0.664   1.00 32.05  ? 84  GLY A CA  1 
ATOM   392  C C   . GLY A 1 50 ? -4.571  -5.249  -0.384  1.00 38.41  ? 84  GLY A C   1 
ATOM   393  O O   . GLY A 1 50 ? -4.338  -4.798  -1.507  1.00 29.77  ? 84  GLY A O   1 
ATOM   394  N N   . VAL A 1 51 ? -4.238  -6.481  -0.013  1.00 34.19  ? 85  VAL A N   1 
ATOM   395  C CA  . VAL A 1 51 ? -3.597  -7.411  -0.932  1.00 24.96  ? 85  VAL A CA  1 
ATOM   396  C C   . VAL A 1 51 ? -4.634  -8.152  -1.763  1.00 28.34  ? 85  VAL A C   1 
ATOM   397  O O   . VAL A 1 51 ? -5.537  -8.787  -1.221  1.00 34.76  ? 85  VAL A O   1 
ATOM   398  C CB  . VAL A 1 51 ? -2.741  -8.451  -0.186  1.00 30.45  ? 85  VAL A CB  1 
ATOM   399  C CG1 . VAL A 1 51 ? -2.012  -9.341  -1.180  1.00 30.24  ? 85  VAL A CG1 1 
ATOM   400  C CG2 . VAL A 1 51 ? -1.755  -7.764  0.736   1.00 31.97  ? 85  VAL A CG2 1 
ATOM   401  N N   . CYS A 1 52 ? -4.494  -8.069  -3.080  1.00 23.10  ? 86  CYS A N   1 
ATOM   402  C CA  . CYS A 1 52 ? -5.398  -8.753  -3.992  1.00 29.96  ? 86  CYS A CA  1 
ATOM   403  C C   . CYS A 1 52 ? -4.924  -10.181 -4.224  1.00 32.69  ? 86  CYS A C   1 
ATOM   404  O O   . CYS A 1 52 ? -5.728  -11.091 -4.419  1.00 31.06  ? 86  CYS A O   1 
ATOM   405  C CB  . CYS A 1 52 ? -5.472  -8.010  -5.322  1.00 25.49  ? 86  CYS A CB  1 
ATOM   406  S SG  . CYS A 1 52 ? -5.904  -6.268  -5.176  1.00 41.94  ? 86  CYS A SG  1 
ATOM   407  N N   . GLY A 1 53 ? -3.609  -10.365 -4.200  1.00 25.72  ? 87  GLY A N   1 
ATOM   408  C CA  . GLY A 1 53 ? -3.019  -11.674 -4.393  1.00 26.88  ? 87  GLY A CA  1 
ATOM   409  C C   . GLY A 1 53 ? -1.507  -11.603 -4.455  1.00 27.57  ? 87  GLY A C   1 
ATOM   410  O O   . GLY A 1 53 ? -0.923  -10.520 -4.435  1.00 19.19  ? 87  GLY A O   1 
ATOM   411  N N   . VAL A 1 54 ? -0.873  -12.767 -4.521  1.00 35.49  ? 88  VAL A N   1 
ATOM   412  C CA  . VAL A 1 54 ? 0.577   -12.844 -4.632  1.00 28.49  ? 88  VAL A CA  1 
ATOM   413  C C   . VAL A 1 54 ? 0.933   -13.727 -5.818  1.00 28.66  ? 88  VAL A C   1 
ATOM   414  O O   . VAL A 1 54 ? 0.447   -14.853 -5.931  1.00 28.22  ? 88  VAL A O   1 
ATOM   415  C CB  . VAL A 1 54 ? 1.212   -13.409 -3.350  1.00 24.60  ? 88  VAL A CB  1 
ATOM   416  C CG1 . VAL A 1 54 ? 2.732   -13.454 -3.481  1.00 22.32  ? 88  VAL A CG1 1 
ATOM   417  C CG2 . VAL A 1 54 ? 0.802   -12.576 -2.148  1.00 31.41  ? 88  VAL A CG2 1 
ATOM   418  N N   . TYR A 1 55 ? 1.773   -13.207 -6.705  1.00 14.64  ? 89  TYR A N   1 
ATOM   419  C CA  . TYR A 1 55 ? 2.104   -13.902 -7.940  1.00 25.79  ? 89  TYR A CA  1 
ATOM   420  C C   . TYR A 1 55 ? 3.567   -13.697 -8.281  1.00 29.05  ? 89  TYR A C   1 
ATOM   421  O O   . TYR A 1 55 ? 4.277   -12.967 -7.591  1.00 27.37  ? 89  TYR A O   1 
ATOM   422  C CB  . TYR A 1 55 ? 1.244   -13.371 -9.086  1.00 20.25  ? 89  TYR A CB  1 
ATOM   423  C CG  . TYR A 1 55 ? -0.208  -13.189 -8.719  1.00 35.09  ? 89  TYR A CG  1 
ATOM   424  C CD1 . TYR A 1 55 ? -1.108  -14.239 -8.830  1.00 26.86  ? 89  TYR A CD1 1 
ATOM   425  C CD2 . TYR A 1 55 ? -0.679  -11.968 -8.253  1.00 29.50  ? 89  TYR A CD2 1 
ATOM   426  C CE1 . TYR A 1 55 ? -2.436  -14.079 -8.492  1.00 28.68  ? 89  TYR A CE1 1 
ATOM   427  C CE2 . TYR A 1 55 ? -2.005  -11.798 -7.914  1.00 23.88  ? 89  TYR A CE2 1 
ATOM   428  C CZ  . TYR A 1 55 ? -2.880  -12.856 -8.036  1.00 26.18  ? 89  TYR A CZ  1 
ATOM   429  O OH  . TYR A 1 55 ? -4.202  -12.693 -7.698  1.00 29.50  ? 89  TYR A OH  1 
ATOM   430  N N   . THR A 1 56 ? 4.017   -14.343 -9.351  1.00 23.75  ? 90  THR A N   1 
ATOM   431  C CA  . THR A 1 56 ? 5.344   -14.074 -9.872  1.00 30.67  ? 90  THR A CA  1 
ATOM   432  C C   . THR A 1 56 ? 5.359   -12.637 -10.362 1.00 29.95  ? 90  THR A C   1 
ATOM   433  O O   . THR A 1 56 ? 4.305   -12.042 -10.591 1.00 30.62  ? 90  THR A O   1 
ATOM   434  C CB  . THR A 1 56 ? 5.695   -14.997 -11.045 1.00 32.88  ? 90  THR A CB  1 
ATOM   435  O OG1 . THR A 1 56 ? 4.872   -14.666 -12.171 1.00 31.26  ? 90  THR A OG1 1 
ATOM   436  C CG2 . THR A 1 56 ? 5.476   -16.454 -10.661 1.00 27.87  ? 90  THR A CG2 1 
ATOM   437  N N   . TYR A 1 57 ? 6.550   -12.080 -10.524 1.00 26.80  ? 91  TYR A N   1 
ATOM   438  C CA  . TYR A 1 57 ? 6.688   -10.692 -10.937 1.00 25.43  ? 91  TYR A CA  1 
ATOM   439  C C   . TYR A 1 57 ? 5.954   -10.381 -12.244 1.00 26.08  ? 91  TYR A C   1 
ATOM   440  O O   . TYR A 1 57 ? 5.208   -9.406  -12.325 1.00 23.96  ? 91  TYR A O   1 
ATOM   441  C CB  . TYR A 1 57 ? 8.162   -10.320 -11.062 1.00 28.24  ? 91  TYR A CB  1 
ATOM   442  C CG  . TYR A 1 57 ? 8.376   -8.924  -11.581 1.00 34.02  ? 91  TYR A CG  1 
ATOM   443  C CD1 . TYR A 1 57 ? 8.070   -7.820  -10.799 1.00 30.23  ? 91  TYR A CD1 1 
ATOM   444  C CD2 . TYR A 1 57 ? 8.884   -8.708  -12.854 1.00 43.16  ? 91  TYR A CD2 1 
ATOM   445  C CE1 . TYR A 1 57 ? 8.264   -6.540  -11.268 1.00 40.77  ? 91  TYR A CE1 1 
ATOM   446  C CE2 . TYR A 1 57 ? 9.082   -7.430  -13.331 1.00 50.15  ? 91  TYR A CE2 1 
ATOM   447  C CZ  . TYR A 1 57 ? 8.770   -6.351  -12.535 1.00 52.50  ? 91  TYR A CZ  1 
ATOM   448  O OH  . TYR A 1 57 ? 8.969   -5.075  -13.006 1.00 59.45  ? 91  TYR A OH  1 
ATOM   449  N N   . GLU A 1 58 ? 6.166   -11.211 -13.263 1.00 26.22  ? 92  GLU A N   1 
ATOM   450  C CA  . GLU A 1 58 ? 5.553   -10.989 -14.570 1.00 31.39  ? 92  GLU A CA  1 
ATOM   451  C C   . GLU A 1 58 ? 4.032   -11.025 -14.505 1.00 30.51  ? 92  GLU A C   1 
ATOM   452  O O   . GLU A 1 58 ? 3.358   -10.216 -15.145 1.00 25.09  ? 92  GLU A O   1 
ATOM   453  C CB  . GLU A 1 58 ? 6.041   -12.026 -15.582 1.00 33.33  ? 92  GLU A CB  1 
ATOM   454  C CG  . GLU A 1 58 ? 7.498   -11.886 -15.962 1.00 46.31  ? 92  GLU A CG  1 
ATOM   455  C CD  . GLU A 1 58 ? 8.430   -12.496 -14.938 1.00 59.09  ? 92  GLU A CD  1 
ATOM   456  O OE1 . GLU A 1 58 ? 7.938   -13.168 -14.008 1.00 52.95  ? 92  GLU A OE1 1 
ATOM   457  O OE2 . GLU A 1 58 ? 9.656   -12.304 -15.068 1.00 57.80  ? 92  GLU A OE2 1 
ATOM   458  N N   . VAL A 1 59 ? 3.495   -11.973 -13.745 1.00 24.00  ? 93  VAL A N   1 
ATOM   459  C CA  . VAL A 1 59 ? 2.049   -12.101 -13.594 1.00 24.58  ? 93  VAL A CA  1 
ATOM   460  C C   . VAL A 1 59 ? 1.484   -10.950 -12.771 1.00 22.77  ? 93  VAL A C   1 
ATOM   461  O O   . VAL A 1 59 ? 0.402   -10.441 -13.057 1.00 29.03  ? 93  VAL A O   1 
ATOM   462  C CB  . VAL A 1 59 ? 1.668   -13.443 -12.946 1.00 32.90  ? 93  VAL A CB  1 
ATOM   463  C CG1 . VAL A 1 59 ? 0.185   -13.468 -12.600 1.00 36.21  ? 93  VAL A CG1 1 
ATOM   464  C CG2 . VAL A 1 59 ? 2.020   -14.599 -13.864 1.00 29.93  ? 93  VAL A CG2 1 
ATOM   465  N N   . ALA A 1 60 ? 2.220   -10.549 -11.740 1.00 21.27  ? 94  ALA A N   1 
ATOM   466  C CA  . ALA A 1 60 ? 1.818   -9.411  -10.924 1.00 23.14  ? 94  ALA A CA  1 
ATOM   467  C C   . ALA A 1 60 ? 1.761   -8.176  -11.804 1.00 27.94  ? 94  ALA A C   1 
ATOM   468  O O   . ALA A 1 60 ? 0.857   -7.350  -11.694 1.00 24.49  ? 94  ALA A O   1 
ATOM   469  C CB  . ALA A 1 60 ? 2.795   -9.205  -9.778  1.00 22.77  ? 94  ALA A CB  1 
ATOM   470  N N   . GLU A 1 61 ? 2.739   -8.055  -12.691 1.00 30.07  ? 95  GLU A N   1 
ATOM   471  C CA  . GLU A 1 61 ? 2.835   -6.879  -13.540 1.00 33.21  ? 95  GLU A CA  1 
ATOM   472  C C   . GLU A 1 61 ? 1.630   -6.761  -14.466 1.00 30.76  ? 95  GLU A C   1 
ATOM   473  O O   . GLU A 1 61 ? 1.079   -5.678  -14.633 1.00 24.83  ? 95  GLU A O   1 
ATOM   474  C CB  . GLU A 1 61 ? 4.138   -6.895  -14.336 1.00 23.01  ? 95  GLU A CB  1 
ATOM   475  C CG  . GLU A 1 61 ? 4.846   -5.556  -14.283 1.00 50.21  ? 95  GLU A CG  1 
ATOM   476  C CD  . GLU A 1 61 ? 6.269   -5.637  -14.768 1.00 69.20  ? 95  GLU A CD  1 
ATOM   477  O OE1 . GLU A 1 61 ? 6.651   -6.687  -15.335 1.00 62.34  ? 95  GLU A OE1 1 
ATOM   478  O OE2 . GLU A 1 61 ? 7.004   -4.646  -14.589 1.00 83.30  ? 95  GLU A OE2 1 
ATOM   479  N N   . THR A 1 62 ? 1.220   -7.870  -15.072 1.00 29.34  ? 96  THR A N   1 
ATOM   480  C CA  . THR A 1 62 ? 0.078   -7.848  -15.981 1.00 24.68  ? 96  THR A CA  1 
ATOM   481  C C   . THR A 1 62 ? -1.223  -7.586  -15.230 1.00 37.01  ? 96  THR A C   1 
ATOM   482  O O   . THR A 1 62 ? -2.107  -6.898  -15.736 1.00 34.45  ? 96  THR A O   1 
ATOM   483  C CB  . THR A 1 62 ? -0.020  -9.141  -16.806 1.00 32.21  ? 96  THR A CB  1 
ATOM   484  O OG1 . THR A 1 62 ? -0.045  -10.271 -15.927 1.00 34.62  ? 96  THR A OG1 1 
ATOM   485  C CG2 . THR A 1 62 ? 1.166   -9.254  -17.750 1.00 32.68  ? 96  THR A CG2 1 
ATOM   486  N N   . LYS A 1 63 ? -1.347  -8.130  -14.025 1.00 25.80  ? 97  LYS A N   1 
ATOM   487  C CA  . LYS A 1 63 ? -2.565  -7.906  -13.258 1.00 26.06  ? 97  LYS A CA  1 
ATOM   488  C C   . LYS A 1 63 ? -2.712  -6.449  -12.841 1.00 36.20  ? 97  LYS A C   1 
ATOM   489  O O   . LYS A 1 63 ? -3.820  -5.910  -12.823 1.00 32.95  ? 97  LYS A O   1 
ATOM   490  C CB  . LYS A 1 63 ? -2.646  -8.847  -12.051 1.00 28.79  ? 97  LYS A CB  1 
ATOM   491  C CG  . LYS A 1 63 ? -3.026  -10.257 -12.450 1.00 33.73  ? 97  LYS A CG  1 
ATOM   492  C CD  . LYS A 1 63 ? -3.348  -11.126 -11.258 1.00 40.12  ? 97  LYS A CD  1 
ATOM   493  C CE  . LYS A 1 63 ? -3.560  -12.554 -11.700 1.00 35.11  ? 97  LYS A CE  1 
ATOM   494  N NZ  . LYS A 1 63 ? -4.559  -12.657 -12.796 1.00 32.35  ? 97  LYS A NZ  1 
ATOM   495  N N   . VAL A 1 64 ? -1.594  -5.809  -12.513 1.00 22.21  ? 98  VAL A N   1 
ATOM   496  C CA  . VAL A 1 64 ? -1.607  -4.379  -12.212 1.00 28.64  ? 98  VAL A CA  1 
ATOM   497  C C   . VAL A 1 64 ? -2.108  -3.602  -13.422 1.00 32.00  ? 98  VAL A C   1 
ATOM   498  O O   . VAL A 1 64 ? -3.047  -2.819  -13.319 1.00 35.44  ? 98  VAL A O   1 
ATOM   499  C CB  . VAL A 1 64 ? -0.208  -3.864  -11.811 1.00 32.35  ? 98  VAL A CB  1 
ATOM   500  C CG1 . VAL A 1 64 ? -0.198  -2.346  -11.764 1.00 23.41  ? 98  VAL A CG1 1 
ATOM   501  C CG2 . VAL A 1 64 ? 0.199   -4.447  -10.466 1.00 32.12  ? 98  VAL A CG2 1 
ATOM   502  N N   . ALA A 1 65 ? -1.485  -3.844  -14.571 1.00 36.43  ? 99  ALA A N   1 
ATOM   503  C CA  . ALA A 1 65 ? -1.854  -3.160  -15.808 1.00 30.26  ? 99  ALA A CA  1 
ATOM   504  C C   . ALA A 1 65 ? -3.319  -3.388  -16.168 1.00 32.85  ? 99  ALA A C   1 
ATOM   505  O O   . ALA A 1 65 ? -4.009  -2.469  -16.606 1.00 29.82  ? 99  ALA A O   1 
ATOM   506  C CB  . ALA A 1 65 ? -0.954  -3.606  -16.947 1.00 30.00  ? 99  ALA A CB  1 
ATOM   507  N N   . GLN A 1 66 ? -3.791  -4.616  -15.976 1.00 31.42  ? 100 GLN A N   1 
ATOM   508  C CA  . GLN A 1 66 ? -5.167  -4.971  -16.306 1.00 31.51  ? 100 GLN A CA  1 
ATOM   509  C C   . GLN A 1 66 ? -6.173  -4.253  -15.415 1.00 31.50  ? 100 GLN A C   1 
ATOM   510  O O   . GLN A 1 66 ? -7.227  -3.824  -15.882 1.00 34.01  ? 100 GLN A O   1 
ATOM   511  C CB  . GLN A 1 66 ? -5.359  -6.484  -16.224 1.00 35.63  ? 100 GLN A CB  1 
ATOM   512  C CG  . GLN A 1 66 ? -4.640  -7.241  -17.326 1.00 40.92  ? 100 GLN A CG  1 
ATOM   513  C CD  . GLN A 1 66 ? -4.532  -8.724  -17.046 1.00 51.59  ? 100 GLN A CD  1 
ATOM   514  O OE1 . GLN A 1 66 ? -4.975  -9.206  -16.003 1.00 46.65  ? 100 GLN A OE1 1 
ATOM   515  N NE2 . GLN A 1 66 ? -3.938  -9.458  -17.979 1.00 55.04  ? 100 GLN A NE2 1 
ATOM   516  N N   . VAL A 1 67 ? -5.847  -4.121  -14.132 1.00 27.93  ? 101 VAL A N   1 
ATOM   517  C CA  . VAL A 1 67 ? -6.722  -3.419  -13.201 1.00 28.37  ? 101 VAL A CA  1 
ATOM   518  C C   . VAL A 1 67 ? -6.783  -1.934  -13.540 1.00 27.12  ? 101 VAL A C   1 
ATOM   519  O O   . VAL A 1 67 ? -7.859  -1.336  -13.561 1.00 20.49  ? 101 VAL A O   1 
ATOM   520  C CB  . VAL A 1 67 ? -6.269  -3.594  -11.741 1.00 25.46  ? 101 VAL A CB  1 
ATOM   521  C CG1 . VAL A 1 67 ? -7.076  -2.687  -10.825 1.00 15.81  ? 101 VAL A CG1 1 
ATOM   522  C CG2 . VAL A 1 67 ? -6.403  -5.049  -11.313 1.00 27.92  ? 101 VAL A CG2 1 
ATOM   523  N N   . ILE A 1 68 ? -5.619  -1.344  -13.801 1.00 23.93  ? 102 ILE A N   1 
ATOM   524  C CA  . ILE A 1 68 ? -5.535  0.057   -14.192 1.00 26.76  ? 102 ILE A CA  1 
ATOM   525  C C   . ILE A 1 68 ? -6.330  0.295   -15.471 1.00 24.65  ? 102 ILE A C   1 
ATOM   526  O O   . ILE A 1 68 ? -7.152  1.209   -15.546 1.00 29.52  ? 102 ILE A O   1 
ATOM   527  C CB  . ILE A 1 68 ? -4.077  0.482   -14.449 1.00 29.36  ? 102 ILE A CB  1 
ATOM   528  C CG1 . ILE A 1 68 ? -3.195  0.174   -13.237 1.00 32.61  ? 102 ILE A CG1 1 
ATOM   529  C CG2 . ILE A 1 68 ? -4.009  1.961   -14.800 1.00 31.13  ? 102 ILE A CG2 1 
ATOM   530  C CD1 . ILE A 1 68 ? -2.969  1.354   -12.321 1.00 44.42  ? 102 ILE A CD1 1 
ATOM   531  N N   . ASP A 1 69 ? -6.074  -0.535  -16.478 1.00 25.27  ? 103 ASP A N   1 
ATOM   532  C CA  . ASP A 1 69 ? -6.751  -0.418  -17.762 1.00 23.41  ? 103 ASP A CA  1 
ATOM   533  C C   . ASP A 1 69 ? -8.263  -0.508  -17.593 1.00 27.20  ? 103 ASP A C   1 
ATOM   534  O O   . ASP A 1 69 ? -9.009  0.290   -18.157 1.00 29.14  ? 103 ASP A O   1 
ATOM   535  C CB  . ASP A 1 69 ? -6.269  -1.508  -18.721 1.00 36.38  ? 103 ASP A CB  1 
ATOM   536  C CG  . ASP A 1 69 ? -7.056  -1.533  -20.016 1.00 63.43  ? 103 ASP A CG  1 
ATOM   537  O OD1 . ASP A 1 69 ? -7.208  -0.462  -20.640 1.00 73.16  ? 103 ASP A OD1 1 
ATOM   538  O OD2 . ASP A 1 69 ? -7.518  -2.624  -20.410 1.00 76.92  ? 103 ASP A OD2 1 
ATOM   539  N N   . SER A 1 70 ? -8.706  -1.488  -16.814 1.00 23.66  ? 104 SER A N   1 
ATOM   540  C CA  . SER A 1 70 ? -10.126 -1.677  -16.558 1.00 26.37  ? 104 SER A CA  1 
ATOM   541  C C   . SER A 1 70 ? -10.710 -0.465  -15.844 1.00 31.61  ? 104 SER A C   1 
ATOM   542  O O   . SER A 1 70 ? -11.757 0.050   -16.233 1.00 29.08  ? 104 SER A O   1 
ATOM   543  C CB  . SER A 1 70 ? -10.357 -2.940  -15.729 1.00 25.28  ? 104 SER A CB  1 
ATOM   544  O OG  . SER A 1 70 ? -11.739 -3.150  -15.498 1.00 35.12  ? 104 SER A OG  1 
ATOM   545  N N   . ALA A 1 71 ? -10.024 -0.008  -14.802 1.00 27.42  ? 105 ALA A N   1 
ATOM   546  C CA  . ALA A 1 71 ? -10.488 1.130   -14.018 1.00 34.70  ? 105 ALA A CA  1 
ATOM   547  C C   . ALA A 1 71 ? -10.607 2.394   -14.865 1.00 31.11  ? 105 ALA A C   1 
ATOM   548  O O   . ALA A 1 71 ? -11.635 3.072   -14.842 1.00 29.22  ? 105 ALA A O   1 
ATOM   549  C CB  . ALA A 1 71 ? -9.568  1.367   -12.828 1.00 27.27  ? 105 ALA A CB  1 
ATOM   550  N N   . ARG A 1 72 ? -9.553  2.706   -15.611 1.00 26.86  ? 106 ARG A N   1 
ATOM   551  C CA  . ARG A 1 72 ? -9.525  3.914   -16.428 1.00 32.83  ? 106 ARG A CA  1 
ATOM   552  C C   . ARG A 1 72 ? -10.619 3.905   -17.491 1.00 36.79  ? 106 ARG A C   1 
ATOM   553  O O   . ARG A 1 72 ? -11.237 4.933   -17.763 1.00 41.05  ? 106 ARG A O   1 
ATOM   554  C CB  . ARG A 1 72 ? -8.156  4.090   -17.086 1.00 32.29  ? 106 ARG A CB  1 
ATOM   555  C CG  . ARG A 1 72 ? -7.006  4.157   -16.100 1.00 36.87  ? 106 ARG A CG  1 
ATOM   556  C CD  . ARG A 1 72 ? -7.202  5.276   -15.091 1.00 31.53  ? 106 ARG A CD  1 
ATOM   557  N NE  . ARG A 1 72 ? -6.129  5.292   -14.102 1.00 32.81  ? 106 ARG A NE  1 
ATOM   558  C CZ  . ARG A 1 72 ? -6.213  4.734   -12.899 1.00 37.19  ? 106 ARG A CZ  1 
ATOM   559  N NH1 . ARG A 1 72 ? -7.329  4.119   -12.529 1.00 27.98  ? 106 ARG A NH1 1 
ATOM   560  N NH2 . ARG A 1 72 ? -5.184  4.793   -12.065 1.00 32.58  ? 106 ARG A NH2 1 
ATOM   561  N N   . ARG A 1 73 ? -10.854 2.743   -18.090 1.00 25.57  ? 107 ARG A N   1 
ATOM   562  C CA  . ARG A 1 73 ? -11.884 2.617   -19.115 1.00 34.79  ? 107 ARG A CA  1 
ATOM   563  C C   . ARG A 1 73 ? -13.289 2.668   -18.511 1.00 29.17  ? 107 ARG A C   1 
ATOM   564  O O   . ARG A 1 73 ? -14.251 3.024   -19.190 1.00 29.65  ? 107 ARG A O   1 
ATOM   565  C CB  . ARG A 1 73 ? -11.674 1.351   -19.948 1.00 39.94  ? 107 ARG A CB  1 
ATOM   566  C CG  . ARG A 1 73 ? -10.440 1.419   -20.841 1.00 54.15  ? 107 ARG A CG  1 
ATOM   567  C CD  . ARG A 1 73 ? -10.307 0.199   -21.738 1.00 65.93  ? 107 ARG A CD  1 
ATOM   568  N NE  . ARG A 1 73 ? -10.091 -1.024  -20.972 1.00 75.52  ? 107 ARG A NE  1 
ATOM   569  C CZ  . ARG A 1 73 ? -11.032 -1.931  -20.731 1.00 75.46  ? 107 ARG A CZ  1 
ATOM   570  N NH1 . ARG A 1 73 ? -12.259 -1.756  -21.203 1.00 72.22  ? 107 ARG A NH1 1 
ATOM   571  N NH2 . ARG A 1 73 ? -10.747 -3.014  -20.023 1.00 73.80  ? 107 ARG A NH2 1 
ATOM   572  N N   . HIS A 1 74 ? -13.398 2.311   -17.236 1.00 21.39  ? 108 HIS A N   1 
ATOM   573  C CA  . HIS A 1 74 ? -14.630 2.519   -16.484 1.00 29.97  ? 108 HIS A CA  1 
ATOM   574  C C   . HIS A 1 74 ? -14.643 3.951   -15.963 1.00 29.14  ? 108 HIS A C   1 
ATOM   575  O O   . HIS A 1 74 ? -15.590 4.377   -15.303 1.00 23.20  ? 108 HIS A O   1 
ATOM   576  C CB  . HIS A 1 74 ? -14.706 1.570   -15.289 1.00 35.42  ? 108 HIS A CB  1 
ATOM   577  C CG  . HIS A 1 74 ? -15.087 0.166   -15.638 1.00 40.46  ? 108 HIS A CG  1 
ATOM   578  N ND1 . HIS A 1 74 ? -14.167 -0.779  -16.037 1.00 41.23  ? 108 HIS A ND1 1 
ATOM   579  C CD2 . HIS A 1 74 ? -16.285 -0.468  -15.605 1.00 49.82  ? 108 HIS A CD2 1 
ATOM   580  C CE1 . HIS A 1 74 ? -14.780 -1.929  -16.248 1.00 46.34  ? 108 HIS A CE1 1 
ATOM   581  N NE2 . HIS A 1 74 ? -16.066 -1.767  -15.990 1.00 51.25  ? 108 HIS A NE2 1 
ATOM   582  N N   . GLN A 1 75 ? -13.570 4.679   -16.249 1.00 26.38  ? 109 GLN A N   1 
ATOM   583  C CA  . GLN A 1 75 ? -13.391 6.044   -15.767 1.00 25.04  ? 109 GLN A CA  1 
ATOM   584  C C   . GLN A 1 75 ? -13.396 6.129   -14.243 1.00 24.10  ? 109 GLN A C   1 
ATOM   585  O O   . GLN A 1 75 ? -13.971 7.050   -13.665 1.00 27.51  ? 109 GLN A O   1 
ATOM   586  C CB  . GLN A 1 75 ? -14.442 6.978   -16.367 1.00 29.85  ? 109 GLN A CB  1 
ATOM   587  C CG  . GLN A 1 75 ? -14.557 6.874   -17.878 1.00 40.50  ? 109 GLN A CG  1 
ATOM   588  C CD  . GLN A 1 75 ? -15.140 8.124   -18.505 1.00 44.58  ? 109 GLN A CD  1 
ATOM   589  O OE1 . GLN A 1 75 ? -16.247 8.109   -19.040 1.00 57.28  ? 109 GLN A OE1 1 
ATOM   590  N NE2 . GLN A 1 75 ? -14.396 9.215   -18.435 1.00 68.12  ? 109 GLN A NE2 1 
ATOM   591  N N   . HIS A 1 76 ? -12.751 5.159   -13.601 1.00 21.76  ? 110 HIS A N   1 
ATOM   592  C CA  . HIS A 1 76 ? -12.540 5.195   -12.160 1.00 21.65  ? 110 HIS A CA  1 
ATOM   593  C C   . HIS A 1 76 ? -11.061 5.411   -11.859 1.00 24.99  ? 110 HIS A C   1 
ATOM   594  O O   . HIS A 1 76 ? -10.201 5.015   -12.647 1.00 30.31  ? 110 HIS A O   1 
ATOM   595  C CB  . HIS A 1 76 ? -13.029 3.904   -11.501 1.00 24.41  ? 110 HIS A CB  1 
ATOM   596  C CG  . HIS A 1 76 ? -14.481 3.624   -11.721 1.00 24.95  ? 110 HIS A CG  1 
ATOM   597  N ND1 . HIS A 1 76 ? -15.464 4.569   -11.505 1.00 29.96  ? 110 HIS A ND1 1 
ATOM   598  C CD2 . HIS A 1 76 ? -15.125 2.503   -12.122 1.00 25.41  ? 110 HIS A CD2 1 
ATOM   599  C CE1 . HIS A 1 76 ? -16.644 4.045   -11.776 1.00 41.11  ? 110 HIS A CE1 1 
ATOM   600  N NE2 . HIS A 1 76 ? -16.466 2.787   -12.150 1.00 30.05  ? 110 HIS A NE2 1 
ATOM   601  N N   . PRO A 1 77 ? -10.762 6.047   -10.718 1.00 30.50  ? 111 PRO A N   1 
ATOM   602  C CA  . PRO A 1 77 ? -9.389  6.381   -10.326 1.00 33.72  ? 111 PRO A CA  1 
ATOM   603  C C   . PRO A 1 77 ? -8.704  5.265   -9.542  1.00 29.90  ? 111 PRO A C   1 
ATOM   604  O O   . PRO A 1 77 ? -7.680  5.522   -8.908  1.00 39.73  ? 111 PRO A O   1 
ATOM   605  C CB  . PRO A 1 77 ? -9.574  7.600   -9.409  1.00 28.75  ? 111 PRO A CB  1 
ATOM   606  C CG  . PRO A 1 77 ? -11.066 7.899   -9.397  1.00 38.98  ? 111 PRO A CG  1 
ATOM   607  C CD  . PRO A 1 77 ? -11.743 6.639   -9.801  1.00 24.85  ? 111 PRO A CD  1 
ATOM   608  N N   . LEU A 1 78 ? -9.254  4.055   -9.582  1.00 25.53  ? 112 LEU A N   1 
ATOM   609  C CA  . LEU A 1 78 ? -8.726  2.953   -8.782  1.00 30.77  ? 112 LEU A CA  1 
ATOM   610  C C   . LEU A 1 78 ? -7.217  2.791   -8.947  1.00 34.44  ? 112 LEU A C   1 
ATOM   611  O O   . LEU A 1 78 ? -6.720  2.597   -10.056 1.00 33.02  ? 112 LEU A O   1 
ATOM   612  C CB  . LEU A 1 78 ? -9.438  1.643   -9.127  1.00 26.89  ? 112 LEU A CB  1 
ATOM   613  C CG  . LEU A 1 78 ? -9.061  0.433   -8.270  1.00 27.74  ? 112 LEU A CG  1 
ATOM   614  C CD1 . LEU A 1 78 ? -9.290  0.724   -6.791  1.00 27.07  ? 112 LEU A CD1 1 
ATOM   615  C CD2 . LEU A 1 78 ? -9.842  -0.796  -8.705  1.00 22.80  ? 112 LEU A CD2 1 
ATOM   616  N N   . GLN A 1 79 ? -6.495  2.879   -7.834  1.00 29.80  ? 113 GLN A N   1 
ATOM   617  C CA  . GLN A 1 79 ? -5.044  2.740   -7.847  1.00 33.26  ? 113 GLN A CA  1 
ATOM   618  C C   . GLN A 1 79 ? -4.618  1.313   -7.528  1.00 35.82  ? 113 GLN A C   1 
ATOM   619  O O   . GLN A 1 79 ? -5.115  0.700   -6.583  1.00 31.54  ? 113 GLN A O   1 
ATOM   620  C CB  . GLN A 1 79 ? -4.399  3.710   -6.855  1.00 39.57  ? 113 GLN A CB  1 
ATOM   621  C CG  . GLN A 1 79 ? -4.495  5.163   -7.272  1.00 54.31  ? 113 GLN A CG  1 
ATOM   622  C CD  . GLN A 1 79 ? -3.903  5.405   -8.644  1.00 69.06  ? 113 GLN A CD  1 
ATOM   623  O OE1 . GLN A 1 79 ? -2.914  4.781   -9.026  1.00 72.21  ? 113 GLN A OE1 1 
ATOM   624  N NE2 . GLN A 1 79 ? -4.509  6.313   -9.396  1.00 74.93  ? 113 GLN A NE2 1 
ATOM   625  N N   . CYS A 1 80 ? -3.692  0.792   -8.324  1.00 34.73  ? 114 CYS A N   1 
ATOM   626  C CA  . CYS A 1 80 ? -3.198  -0.564  -8.142  1.00 33.46  ? 114 CYS A CA  1 
ATOM   627  C C   . CYS A 1 80 ? -1.688  -0.607  -8.341  1.00 31.95  ? 114 CYS A C   1 
ATOM   628  O O   . CYS A 1 80 ? -1.163  -0.040  -9.297  1.00 27.73  ? 114 CYS A O   1 
ATOM   629  C CB  . CYS A 1 80 ? -3.889  -1.515  -9.120  1.00 27.21  ? 114 CYS A CB  1 
ATOM   630  S SG  . CYS A 1 80 ? -3.531  -3.264  -8.842  1.00 31.85  ? 114 CYS A SG  1 
ATOM   631  N N   . THR A 1 81 ? -0.994  -1.277  -7.429  1.00 29.89  ? 115 THR A N   1 
ATOM   632  C CA  . THR A 1 81 ? 0.457   -1.382  -7.501  1.00 28.22  ? 115 THR A CA  1 
ATOM   633  C C   . THR A 1 81 ? 0.909   -2.721  -6.935  1.00 25.65  ? 115 THR A C   1 
ATOM   634  O O   . THR A 1 81 ? 0.085   -3.571  -6.599  1.00 29.37  ? 115 THR A O   1 
ATOM   635  C CB  . THR A 1 81 ? 1.138   -0.239  -6.728  1.00 30.10  ? 115 THR A CB  1 
ATOM   636  O OG1 . THR A 1 81 ? 2.550   -0.260  -6.976  1.00 42.21  ? 115 THR A OG1 1 
ATOM   637  C CG2 . THR A 1 81 ? 0.880   -0.386  -5.239  1.00 26.81  ? 115 THR A CG2 1 
ATOM   638  N N   . MET A 1 82 ? 2.218   -2.910  -6.824  1.00 21.97  ? 116 MET A N   1 
ATOM   639  C CA  . MET A 1 82 ? 2.760   -4.171  -6.341  1.00 27.52  ? 116 MET A CA  1 
ATOM   640  C C   . MET A 1 82 ? 4.011   -3.960  -5.500  1.00 26.79  ? 116 MET A C   1 
ATOM   641  O O   . MET A 1 82 ? 4.695   -2.946  -5.633  1.00 34.29  ? 116 MET A O   1 
ATOM   642  C CB  . MET A 1 82 ? 3.077   -5.094  -7.521  1.00 27.56  ? 116 MET A CB  1 
ATOM   643  C CG  . MET A 1 82 ? 3.920   -4.435  -8.603  1.00 38.54  ? 116 MET A CG  1 
ATOM   644  S SD  . MET A 1 82 ? 4.152   -5.475  -10.060 1.00 47.85  ? 116 MET A SD  1 
ATOM   645  C CE  . MET A 1 82 ? 5.279   -6.705  -9.418  1.00 34.92  ? 116 MET A CE  1 
ATOM   646  N N   . GLU A 1 83 ? 4.302   -4.923  -4.632  1.00 36.54  ? 117 GLU A N   1 
ATOM   647  C CA  . GLU A 1 83 ? 5.556   -4.924  -3.887  1.00 29.73  ? 117 GLU A CA  1 
ATOM   648  C C   . GLU A 1 83 ? 6.011   -6.350  -3.599  1.00 29.93  ? 117 GLU A C   1 
ATOM   649  O O   . GLU A 1 83 ? 5.207   -7.283  -3.631  1.00 25.04  ? 117 GLU A O   1 
ATOM   650  C CB  . GLU A 1 83 ? 5.425   -4.124  -2.588  1.00 50.97  ? 117 GLU A CB  1 
ATOM   651  C CG  . GLU A 1 83 ? 4.431   -4.690  -1.587  1.00 79.16  ? 117 GLU A CG  1 
ATOM   652  C CD  . GLU A 1 83 ? 4.315   -3.818  -0.356  1.00 103.18 ? 117 GLU A CD  1 
ATOM   653  O OE1 . GLU A 1 83 ? 5.178   -2.936  -0.193  1.00 119.01 ? 117 GLU A OE1 1 
ATOM   654  O OE2 . GLU A 1 83 ? 3.370   -4.006  0.441   1.00 99.54  ? 117 GLU A OE2 1 
ATOM   655  N N   . LYS A 1 84 ? 7.305   -6.509  -3.336  1.00 28.57  ? 118 LYS A N   1 
ATOM   656  C CA  . LYS A 1 84 ? 7.874   -7.809  -3.003  1.00 36.39  ? 118 LYS A CA  1 
ATOM   657  C C   . LYS A 1 84 ? 7.102   -8.473  -1.874  1.00 27.32  ? 118 LYS A C   1 
ATOM   658  O O   . LYS A 1 84 ? 6.760   -7.828  -0.884  1.00 35.31  ? 118 LYS A O   1 
ATOM   659  C CB  . LYS A 1 84 ? 9.338   -7.667  -2.585  1.00 37.99  ? 118 LYS A CB  1 
ATOM   660  C CG  . LYS A 1 84 ? 10.319  -7.495  -3.731  1.00 53.51  ? 118 LYS A CG  1 
ATOM   661  C CD  . LYS A 1 84 ? 11.669  -7.008  -3.214  1.00 65.35  ? 118 LYS A CD  1 
ATOM   662  C CE  . LYS A 1 84 ? 12.558  -8.158  -2.768  1.00 70.88  ? 118 LYS A CE  1 
ATOM   663  N NZ  . LYS A 1 84 ? 13.329  -8.737  -3.904  1.00 76.15  ? 118 LYS A NZ  1 
ATOM   664  N N   . ASP A 1 85 ? 6.836   -9.765  -2.023  1.00 33.28  ? 119 ASP A N   1 
ATOM   665  C CA  . ASP A 1 85 ? 6.187   -10.533 -0.973  1.00 36.38  ? 119 ASP A CA  1 
ATOM   666  C C   . ASP A 1 85 ? 7.202   -10.887 0.108   1.00 63.48  ? 119 ASP A C   1 
ATOM   667  O O   . ASP A 1 85 ? 6.873   -11.502 1.122   1.00 75.02  ? 119 ASP A O   1 
ATOM   668  C CB  . ASP A 1 85 ? 5.565   -11.806 -1.547  1.00 46.57  ? 119 ASP A CB  1 
ATOM   669  C CG  . ASP A 1 85 ? 4.687   -12.527 -0.545  1.00 60.79  ? 119 ASP A CG  1 
ATOM   670  O OD1 . ASP A 1 85 ? 4.017   -11.845 0.259   1.00 63.66  ? 119 ASP A OD1 1 
ATOM   671  O OD2 . ASP A 1 85 ? 4.663   -13.776 -0.564  1.00 63.74  ? 119 ASP A OD2 1 
ATOM   672  O OXT . ASP A 1 85 ? 8.385   -10.567 -0.014  1.00 66.06  ? 119 ASP A OXT 1 
ATOM   673  N N   . GLN B 1 2  ? 2.296   -20.788 16.696  1.00 83.90  ? 36  GLN B N   1 
ATOM   674  C CA  . GLN B 1 2  ? 2.795   -19.873 15.678  1.00 76.26  ? 36  GLN B CA  1 
ATOM   675  C C   . GLN B 1 2  ? 2.754   -18.431 16.157  1.00 74.77  ? 36  GLN B C   1 
ATOM   676  O O   . GLN B 1 2  ? 1.802   -18.012 16.829  1.00 65.07  ? 36  GLN B O   1 
ATOM   677  C CB  . GLN B 1 2  ? 1.977   -19.996 14.390  1.00 73.47  ? 36  GLN B CB  1 
ATOM   678  N N   . LYS B 1 3  ? 3.798   -17.678 15.825  1.00 69.15  ? 37  LYS B N   1 
ATOM   679  C CA  . LYS B 1 3  ? 3.767   -16.244 16.036  1.00 65.83  ? 37  LYS B CA  1 
ATOM   680  C C   . LYS B 1 3  ? 2.568   -15.719 15.270  1.00 69.00  ? 37  LYS B C   1 
ATOM   681  O O   . LYS B 1 3  ? 2.343   -16.108 14.120  1.00 57.47  ? 37  LYS B O   1 
ATOM   682  C CB  . LYS B 1 3  ? 5.042   -15.588 15.506  1.00 67.87  ? 37  LYS B CB  1 
ATOM   683  N N   . PRO B 1 4  ? 1.764   -14.862 15.910  1.00 70.58  ? 38  PRO B N   1 
ATOM   684  C CA  . PRO B 1 4  ? 0.748   -14.200 15.102  1.00 60.55  ? 38  PRO B CA  1 
ATOM   685  C C   . PRO B 1 4  ? 1.450   -13.374 14.037  1.00 62.95  ? 38  PRO B C   1 
ATOM   686  O O   . PRO B 1 4  ? 2.525   -12.824 14.273  1.00 73.78  ? 38  PRO B O   1 
ATOM   687  C CB  . PRO B 1 4  ? 0.055   -13.285 16.113  1.00 59.97  ? 38  PRO B CB  1 
ATOM   688  C CG  . PRO B 1 4  ? 1.067   -13.100 17.197  1.00 65.93  ? 38  PRO B CG  1 
ATOM   689  C CD  . PRO B 1 4  ? 1.669   -14.461 17.321  1.00 69.61  ? 38  PRO B CD  1 
ATOM   690  N N   . SER B 1 5  ? 0.835   -13.322 12.868  1.00 47.03  ? 39  SER B N   1 
ATOM   691  C CA  . SER B 1 5  ? 1.309   -12.578 11.709  1.00 37.69  ? 39  SER B CA  1 
ATOM   692  C C   . SER B 1 5  ? 2.011   -11.261 12.027  1.00 31.39  ? 39  SER B C   1 
ATOM   693  O O   . SER B 1 5  ? 1.578   -10.510 12.898  1.00 39.27  ? 39  SER B O   1 
ATOM   694  C CB  . SER B 1 5  ? 0.115   -12.285 10.804  1.00 63.10  ? 39  SER B CB  1 
ATOM   695  O OG  . SER B 1 5  ? -0.798  -11.422 11.462  1.00 73.96  ? 39  SER B OG  1 
ATOM   696  N N   . LEU B 1 6  ? 3.090   -10.984 11.302  1.00 23.39  ? 40  LEU B N   1 
ATOM   697  C CA  . LEU B 1 6  ? 3.717   -9.672  11.349  1.00 26.03  ? 40  LEU B CA  1 
ATOM   698  C C   . LEU B 1 6  ? 2.971   -8.738  10.406  1.00 30.94  ? 40  LEU B C   1 
ATOM   699  O O   . LEU B 1 6  ? 2.209   -9.184  9.549   1.00 22.53  ? 40  LEU B O   1 
ATOM   700  C CB  . LEU B 1 6  ? 5.189   -9.750  10.947  1.00 21.78  ? 40  LEU B CB  1 
ATOM   701  C CG  . LEU B 1 6  ? 6.095   -10.615 11.820  1.00 27.07  ? 40  LEU B CG  1 
ATOM   702  C CD1 . LEU B 1 6  ? 7.552   -10.295 11.533  1.00 38.55  ? 40  LEU B CD1 1 
ATOM   703  C CD2 . LEU B 1 6  ? 5.779   -10.400 13.290  1.00 23.56  ? 40  LEU B CD2 1 
ATOM   704  N N   . TYR B 1 7  ? 3.190   -7.439  10.570  1.00 25.44  ? 41  TYR B N   1 
ATOM   705  C CA  . TYR B 1 7  ? 2.539   -6.449  9.729   1.00 26.73  ? 41  TYR B CA  1 
ATOM   706  C C   . TYR B 1 7  ? 3.566   -5.508  9.120   1.00 30.85  ? 41  TYR B C   1 
ATOM   707  O O   . TYR B 1 7  ? 4.481   -5.046  9.801   1.00 29.14  ? 41  TYR B O   1 
ATOM   708  C CB  . TYR B 1 7  ? 1.501   -5.662  10.532  1.00 20.44  ? 41  TYR B CB  1 
ATOM   709  C CG  . TYR B 1 7  ? 0.228   -6.435  10.801  1.00 17.05  ? 41  TYR B CG  1 
ATOM   710  C CD1 . TYR B 1 7  ? 0.202   -7.473  11.722  1.00 21.26  ? 41  TYR B CD1 1 
ATOM   711  C CD2 . TYR B 1 7  ? -0.948  -6.126  10.131  1.00 33.12  ? 41  TYR B CD2 1 
ATOM   712  C CE1 . TYR B 1 7  ? -0.959  -8.184  11.967  1.00 30.47  ? 41  TYR B CE1 1 
ATOM   713  C CE2 . TYR B 1 7  ? -2.113  -6.829  10.369  1.00 29.81  ? 41  TYR B CE2 1 
ATOM   714  C CZ  . TYR B 1 7  ? -2.114  -7.856  11.287  1.00 32.59  ? 41  TYR B CZ  1 
ATOM   715  O OH  . TYR B 1 7  ? -3.276  -8.557  11.525  1.00 41.36  ? 41  TYR B OH  1 
ATOM   716  N N   . ARG B 1 8  ? 3.422   -5.236  7.829   1.00 25.76  ? 42  ARG B N   1 
ATOM   717  C CA  . ARG B 1 8  ? 4.305   -4.291  7.166   1.00 32.41  ? 42  ARG B CA  1 
ATOM   718  C C   . ARG B 1 8  ? 3.720   -2.888  7.230   1.00 32.47  ? 42  ARG B C   1 
ATOM   719  O O   . ARG B 1 8  ? 2.515   -2.697  7.066   1.00 31.64  ? 42  ARG B O   1 
ATOM   720  C CB  . ARG B 1 8  ? 4.567   -4.708  5.716   1.00 27.60  ? 42  ARG B CB  1 
ATOM   721  C CG  . ARG B 1 8  ? 3.320   -4.890  4.874   1.00 57.50  ? 42  ARG B CG  1 
ATOM   722  C CD  . ARG B 1 8  ? 3.686   -5.220  3.436   1.00 70.35  ? 42  ARG B CD  1 
ATOM   723  N NE  . ARG B 1 8  ? 4.481   -6.442  3.340   1.00 67.58  ? 42  ARG B NE  1 
ATOM   724  C CZ  . ARG B 1 8  ? 5.088   -6.853  2.232   1.00 63.43  ? 42  ARG B CZ  1 
ATOM   725  N NH1 . ARG B 1 8  ? 4.999   -6.137  1.121   1.00 53.36  ? 42  ARG B NH1 1 
ATOM   726  N NH2 . ARG B 1 8  ? 5.791   -7.977  2.234   1.00 60.19  ? 42  ARG B NH2 1 
ATOM   727  N N   . VAL B 1 9  ? 4.576   -1.909  7.492   1.00 29.19  ? 43  VAL B N   1 
ATOM   728  C CA  . VAL B 1 9  ? 4.146   -0.523  7.545   1.00 31.76  ? 43  VAL B CA  1 
ATOM   729  C C   . VAL B 1 9  ? 4.435   0.147   6.212   1.00 28.21  ? 43  VAL B C   1 
ATOM   730  O O   . VAL B 1 9  ? 5.552   0.079   5.700   1.00 27.96  ? 43  VAL B O   1 
ATOM   731  C CB  . VAL B 1 9  ? 4.845   0.249   8.677   1.00 30.41  ? 43  VAL B CB  1 
ATOM   732  C CG1 . VAL B 1 9  ? 4.432   1.711   8.652   1.00 22.74  ? 43  VAL B CG1 1 
ATOM   733  C CG2 . VAL B 1 9  ? 4.518   -0.380  10.023  1.00 28.00  ? 43  VAL B CG2 1 
ATOM   734  N N   . LEU B 1 10 ? 3.418   0.789   5.651   1.00 20.60  ? 44  LEU B N   1 
ATOM   735  C CA  . LEU B 1 10 ? 3.533   1.398   4.337   1.00 27.85  ? 44  LEU B CA  1 
ATOM   736  C C   . LEU B 1 10 ? 3.324   2.902   4.409   1.00 30.34  ? 44  LEU B C   1 
ATOM   737  O O   . LEU B 1 10 ? 2.526   3.392   5.206   1.00 35.01  ? 44  LEU B O   1 
ATOM   738  C CB  . LEU B 1 10 ? 2.505   0.790   3.383   1.00 29.96  ? 44  LEU B CB  1 
ATOM   739  C CG  . LEU B 1 10 ? 2.369   -0.733  3.403   1.00 33.24  ? 44  LEU B CG  1 
ATOM   740  C CD1 . LEU B 1 10 ? 1.181   -1.174  2.563   1.00 34.63  ? 44  LEU B CD1 1 
ATOM   741  C CD2 . LEU B 1 10 ? 3.647   -1.395  2.920   1.00 36.95  ? 44  LEU B CD2 1 
ATOM   742  N N   . ILE B 1 11 ? 4.055   3.630   3.574   1.00 26.56  ? 45  ILE B N   1 
ATOM   743  C CA  . ILE B 1 11 ? 3.789   5.044   3.376   1.00 26.48  ? 45  ILE B CA  1 
ATOM   744  C C   . ILE B 1 11 ? 3.352   5.266   1.936   1.00 28.87  ? 45  ILE B C   1 
ATOM   745  O O   . ILE B 1 11 ? 3.889   4.654   1.012   1.00 29.66  ? 45  ILE B O   1 
ATOM   746  C CB  . ILE B 1 11 ? 5.011   5.923   3.706   1.00 30.03  ? 45  ILE B CB  1 
ATOM   747  C CG1 . ILE B 1 11 ? 6.262   5.386   3.012   1.00 32.60  ? 45  ILE B CG1 1 
ATOM   748  C CG2 . ILE B 1 11 ? 5.220   5.997   5.210   1.00 27.62  ? 45  ILE B CG2 1 
ATOM   749  C CD1 . ILE B 1 11 ? 7.497   6.227   3.252   1.00 40.54  ? 45  ILE B CD1 1 
ATOM   750  N N   . LEU B 1 12 ? 2.362   6.130   1.752   1.00 30.75  ? 46  LEU B N   1 
ATOM   751  C CA  . LEU B 1 12 ? 1.840   6.410   0.427   1.00 23.85  ? 46  LEU B CA  1 
ATOM   752  C C   . LEU B 1 12 ? 2.474   7.674   -0.130  1.00 25.19  ? 46  LEU B C   1 
ATOM   753  O O   . LEU B 1 12 ? 2.840   8.579   0.621   1.00 25.15  ? 46  LEU B O   1 
ATOM   754  C CB  . LEU B 1 12 ? 0.317   6.552   0.475   1.00 22.68  ? 46  LEU B CB  1 
ATOM   755  C CG  . LEU B 1 12 ? -0.422  5.356   1.080   1.00 35.82  ? 46  LEU B CG  1 
ATOM   756  C CD1 . LEU B 1 12 ? -1.901  5.659   1.258   1.00 45.17  ? 46  LEU B CD1 1 
ATOM   757  C CD2 . LEU B 1 12 ? -0.223  4.114   0.224   1.00 45.64  ? 46  LEU B CD2 1 
ATOM   758  N N   . ASN B 1 13 ? 2.615   7.728   -1.449  1.00 28.11  ? 47  ASN B N   1 
ATOM   759  C CA  . ASN B 1 13 ? 3.137   8.918   -2.101  1.00 30.65  ? 47  ASN B CA  1 
ATOM   760  C C   . ASN B 1 13 ? 2.090   10.024  -2.129  1.00 33.55  ? 47  ASN B C   1 
ATOM   761  O O   . ASN B 1 13 ? 0.889   9.754   -2.138  1.00 32.49  ? 47  ASN B O   1 
ATOM   762  C CB  . ASN B 1 13 ? 3.589   8.594   -3.526  1.00 28.26  ? 47  ASN B CB  1 
ATOM   763  C CG  . ASN B 1 13 ? 4.330   9.746   -4.176  1.00 35.67  ? 47  ASN B CG  1 
ATOM   764  O OD1 . ASN B 1 13 ? 5.065   10.479  -3.516  1.00 34.84  ? 47  ASN B OD1 1 
ATOM   765  N ND2 . ASN B 1 13 ? 4.143   9.908   -5.481  1.00 51.61  ? 47  ASN B ND2 1 
ATOM   766  N N   . ASP B 1 14 ? 2.556   11.267  -2.126  1.00 33.83  ? 48  ASP B N   1 
ATOM   767  C CA  . ASP B 1 14 ? 1.683   12.422  -2.294  1.00 32.76  ? 48  ASP B CA  1 
ATOM   768  C C   . ASP B 1 14 ? 2.498   13.585  -2.851  1.00 36.68  ? 48  ASP B C   1 
ATOM   769  O O   . ASP B 1 14 ? 3.726   13.532  -2.877  1.00 39.31  ? 48  ASP B O   1 
ATOM   770  C CB  . ASP B 1 14 ? 0.989   12.796  -0.980  1.00 40.04  ? 48  ASP B CB  1 
ATOM   771  C CG  . ASP B 1 14 ? 1.954   13.314  0.068   1.00 49.36  ? 48  ASP B CG  1 
ATOM   772  O OD1 . ASP B 1 14 ? 2.532   14.402  -0.138  1.00 55.69  ? 48  ASP B OD1 1 
ATOM   773  O OD2 . ASP B 1 14 ? 2.124   12.643  1.106   1.00 42.39  ? 48  ASP B OD2 1 
ATOM   774  N N   . ASP B 1 15 ? 1.813   14.632  -3.298  1.00 34.95  ? 49  ASP B N   1 
ATOM   775  C CA  . ASP B 1 15 ? 2.471   15.707  -4.031  1.00 41.26  ? 49  ASP B CA  1 
ATOM   776  C C   . ASP B 1 15 ? 2.761   16.935  -3.174  1.00 40.24  ? 49  ASP B C   1 
ATOM   777  O O   . ASP B 1 15 ? 2.977   18.027  -3.701  1.00 49.42  ? 49  ASP B O   1 
ATOM   778  C CB  . ASP B 1 15 ? 1.623   16.109  -5.238  1.00 46.68  ? 49  ASP B CB  1 
ATOM   779  C CG  . ASP B 1 15 ? 1.261   14.925  -6.114  1.00 66.22  ? 49  ASP B CG  1 
ATOM   780  O OD1 . ASP B 1 15 ? 2.128   14.051  -6.323  1.00 72.40  ? 49  ASP B OD1 1 
ATOM   781  O OD2 . ASP B 1 15 ? 0.110   14.872  -6.596  1.00 68.74  ? 49  ASP B OD2 1 
ATOM   782  N N   . TYR B 1 16 ? 2.773   16.759  -1.857  1.00 31.53  ? 50  TYR B N   1 
ATOM   783  C CA  . TYR B 1 16 ? 2.950   17.891  -0.953  1.00 32.57  ? 50  TYR B CA  1 
ATOM   784  C C   . TYR B 1 16 ? 4.008   17.649  0.122   1.00 39.67  ? 50  TYR B C   1 
ATOM   785  O O   . TYR B 1 16 ? 4.769   18.553  0.465   1.00 44.84  ? 50  TYR B O   1 
ATOM   786  C CB  . TYR B 1 16 ? 1.611   18.271  -0.318  1.00 43.48  ? 50  TYR B CB  1 
ATOM   787  C CG  . TYR B 1 16 ? 0.518   18.483  -1.341  1.00 40.89  ? 50  TYR B CG  1 
ATOM   788  C CD1 . TYR B 1 16 ? 0.411   19.681  -2.032  1.00 41.61  ? 50  TYR B CD1 1 
ATOM   789  C CD2 . TYR B 1 16 ? -0.397  17.478  -1.626  1.00 52.05  ? 50  TYR B CD2 1 
ATOM   790  C CE1 . TYR B 1 16 ? -0.580  19.878  -2.973  1.00 43.47  ? 50  TYR B CE1 1 
ATOM   791  C CE2 . TYR B 1 16 ? -1.393  17.665  -2.566  1.00 53.34  ? 50  TYR B CE2 1 
ATOM   792  C CZ  . TYR B 1 16 ? -1.479  18.867  -3.236  1.00 47.70  ? 50  TYR B CZ  1 
ATOM   793  O OH  . TYR B 1 16 ? -2.470  19.057  -4.172  1.00 58.78  ? 50  TYR B OH  1 
ATOM   794  N N   . THR B 1 17 ? 4.057   16.430  0.648   1.00 36.49  ? 51  THR B N   1 
ATOM   795  C CA  . THR B 1 17 ? 5.051   16.086  1.657   1.00 28.09  ? 51  THR B CA  1 
ATOM   796  C C   . THR B 1 17 ? 6.458   16.162  1.073   1.00 27.49  ? 51  THR B C   1 
ATOM   797  O O   . THR B 1 17 ? 6.763   15.491  0.089   1.00 30.20  ? 51  THR B O   1 
ATOM   798  C CB  . THR B 1 17 ? 4.816   14.678  2.229   1.00 28.81  ? 51  THR B CB  1 
ATOM   799  O OG1 . THR B 1 17 ? 3.470   14.569  2.704   1.00 30.82  ? 51  THR B OG1 1 
ATOM   800  C CG2 . THR B 1 17 ? 5.777   14.405  3.376   1.00 14.59  ? 51  THR B CG2 1 
ATOM   801  N N   . PRO B 1 18 ? 7.322   16.986  1.683   1.00 34.23  ? 52  PRO B N   1 
ATOM   802  C CA  . PRO B 1 18 ? 8.708   17.135  1.231   1.00 31.35  ? 52  PRO B CA  1 
ATOM   803  C C   . PRO B 1 18 ? 9.456   15.808  1.300   1.00 30.48  ? 52  PRO B C   1 
ATOM   804  O O   . PRO B 1 18 ? 9.192   15.000  2.189   1.00 36.77  ? 52  PRO B O   1 
ATOM   805  C CB  . PRO B 1 18 ? 9.304   18.120  2.243   1.00 31.21  ? 52  PRO B CB  1 
ATOM   806  C CG  . PRO B 1 18 ? 8.140   18.838  2.818   1.00 27.74  ? 52  PRO B CG  1 
ATOM   807  C CD  . PRO B 1 18 ? 7.023   17.843  2.841   1.00 26.94  ? 52  PRO B CD  1 
ATOM   808  N N   . MET B 1 19 ? 10.375  15.590  0.365   1.00 35.43  ? 53  MET B N   1 
ATOM   809  C CA  . MET B 1 19 ? 11.194  14.383  0.364   1.00 37.58  ? 53  MET B CA  1 
ATOM   810  C C   . MET B 1 19 ? 12.013  14.276  1.630   1.00 32.92  ? 53  MET B C   1 
ATOM   811  O O   . MET B 1 19 ? 12.156  13.196  2.200   1.00 33.84  ? 53  MET B O   1 
ATOM   812  C CB  . MET B 1 19 ? 12.163  14.405  -0.804  1.00 31.84  ? 53  MET B CB  1 
ATOM   813  C CG  . MET B 1 19 ? 11.525  14.173  -2.123  1.00 45.98  ? 53  MET B CG  1 
ATOM   814  S SD  . MET B 1 19 ? 12.781  14.130  -3.393  1.00 67.89  ? 53  MET B SD  1 
ATOM   815  C CE  . MET B 1 19 ? 11.696  14.010  -4.788  1.00 88.50  ? 53  MET B CE  1 
ATOM   816  N N   . GLU B 1 20 ? 12.581  15.401  2.041   1.00 33.42  ? 54  GLU B N   1 
ATOM   817  C CA  . GLU B 1 20 ? 13.414  15.435  3.230   1.00 39.62  ? 54  GLU B CA  1 
ATOM   818  C C   . GLU B 1 20 ? 12.644  14.959  4.446   1.00 30.38  ? 54  GLU B C   1 
ATOM   819  O O   . GLU B 1 20 ? 13.191  14.271  5.304   1.00 32.08  ? 54  GLU B O   1 
ATOM   820  C CB  . GLU B 1 20 ? 13.979  16.836  3.460   1.00 50.88  ? 54  GLU B CB  1 
ATOM   821  C CG  . GLU B 1 20 ? 15.357  17.029  2.864   1.00 61.31  ? 54  GLU B CG  1 
ATOM   822  C CD  . GLU B 1 20 ? 16.353  16.009  3.384   1.00 66.13  ? 54  GLU B CD  1 
ATOM   823  O OE1 . GLU B 1 20 ? 16.247  15.622  4.569   1.00 58.43  ? 54  GLU B OE1 1 
ATOM   824  O OE2 . GLU B 1 20 ? 17.240  15.594  2.612   1.00 68.38  ? 54  GLU B OE2 1 
ATOM   825  N N   . PHE B 1 21 ? 11.368  15.318  4.521   1.00 28.94  ? 55  PHE B N   1 
ATOM   826  C CA  . PHE B 1 21 ? 10.558  14.883  5.647   1.00 31.19  ? 55  PHE B CA  1 
ATOM   827  C C   . PHE B 1 21 ? 10.346  13.376  5.616   1.00 15.05  ? 55  PHE B C   1 
ATOM   828  O O   . PHE B 1 21 ? 10.378  12.718  6.653   1.00 27.39  ? 55  PHE B O   1 
ATOM   829  C CB  . PHE B 1 21 ? 9.209   15.599  5.687   1.00 30.98  ? 55  PHE B CB  1 
ATOM   830  C CG  . PHE B 1 21 ? 8.361   15.185  6.849   1.00 25.76  ? 55  PHE B CG  1 
ATOM   831  C CD1 . PHE B 1 21 ? 8.671   15.611  8.128   1.00 26.85  ? 55  PHE B CD1 1 
ATOM   832  C CD2 . PHE B 1 21 ? 7.276   14.346  6.671   1.00 22.31  ? 55  PHE B CD2 1 
ATOM   833  C CE1 . PHE B 1 21 ? 7.908   15.222  9.203   1.00 26.27  ? 55  PHE B CE1 1 
ATOM   834  C CE2 . PHE B 1 21 ? 6.506   13.954  7.745   1.00 21.05  ? 55  PHE B CE2 1 
ATOM   835  C CZ  . PHE B 1 21 ? 6.821   14.393  9.013   1.00 21.36  ? 55  PHE B CZ  1 
ATOM   836  N N   . VAL B 1 22 ? 10.130  12.839  4.420   1.00 27.15  ? 56  VAL B N   1 
ATOM   837  C CA  . VAL B 1 22 ? 9.937   11.405  4.253   1.00 31.45  ? 56  VAL B CA  1 
ATOM   838  C C   . VAL B 1 22 ? 11.199  10.653  4.659   1.00 22.82  ? 56  VAL B C   1 
ATOM   839  O O   . VAL B 1 22 ? 11.134  9.640   5.353   1.00 28.16  ? 56  VAL B O   1 
ATOM   840  C CB  . VAL B 1 22 ? 9.565   11.050  2.803   1.00 35.45  ? 56  VAL B CB  1 
ATOM   841  C CG1 . VAL B 1 22 ? 9.409   9.544   2.650   1.00 44.55  ? 56  VAL B CG1 1 
ATOM   842  C CG2 . VAL B 1 22 ? 8.288   11.765  2.394   1.00 35.93  ? 56  VAL B CG2 1 
ATOM   843  N N   . VAL B 1 23 ? 12.346  11.161  4.222   1.00 32.69  ? 57  VAL B N   1 
ATOM   844  C CA  . VAL B 1 23 ? 13.632  10.589  4.602   1.00 25.01  ? 57  VAL B CA  1 
ATOM   845  C C   . VAL B 1 23 ? 13.799  10.653  6.114   1.00 29.92  ? 57  VAL B C   1 
ATOM   846  O O   . VAL B 1 23 ? 14.165  9.667   6.755   1.00 28.07  ? 57  VAL B O   1 
ATOM   847  C CB  . VAL B 1 23 ? 14.798  11.336  3.930   1.00 30.74  ? 57  VAL B CB  1 
ATOM   848  C CG1 . VAL B 1 23 ? 16.130  10.886  4.511   1.00 29.17  ? 57  VAL B CG1 1 
ATOM   849  C CG2 . VAL B 1 23 ? 14.761  11.124  2.425   1.00 25.19  ? 57  VAL B CG2 1 
ATOM   850  N N   . TYR B 1 24 ? 13.521  11.824  6.675   1.00 30.10  ? 58  TYR B N   1 
ATOM   851  C CA  . TYR B 1 24 ? 13.569  12.025  8.115   1.00 22.46  ? 58  TYR B CA  1 
ATOM   852  C C   . TYR B 1 24 ? 12.690  11.009  8.838   1.00 33.52  ? 58  TYR B C   1 
ATOM   853  O O   . TYR B 1 24 ? 13.103  10.418  9.833   1.00 28.77  ? 58  TYR B O   1 
ATOM   854  C CB  . TYR B 1 24 ? 13.137  13.453  8.458   1.00 31.30  ? 58  TYR B CB  1 
ATOM   855  C CG  . TYR B 1 24 ? 12.710  13.653  9.894   1.00 39.35  ? 58  TYR B CG  1 
ATOM   856  C CD1 . TYR B 1 24 ? 13.640  13.950  10.883  1.00 45.60  ? 58  TYR B CD1 1 
ATOM   857  C CD2 . TYR B 1 24 ? 11.374  13.557  10.260  1.00 44.88  ? 58  TYR B CD2 1 
ATOM   858  C CE1 . TYR B 1 24 ? 13.250  14.138  12.197  1.00 56.83  ? 58  TYR B CE1 1 
ATOM   859  C CE2 . TYR B 1 24 ? 10.975  13.743  11.569  1.00 53.17  ? 58  TYR B CE2 1 
ATOM   860  C CZ  . TYR B 1 24 ? 11.915  14.034  12.533  1.00 62.27  ? 58  TYR B CZ  1 
ATOM   861  O OH  . TYR B 1 24 ? 11.518  14.220  13.837  1.00 66.99  ? 58  TYR B OH  1 
ATOM   862  N N   . VAL B 1 25 ? 11.479  10.807  8.329   1.00 21.48  ? 59  VAL B N   1 
ATOM   863  C CA  . VAL B 1 25 ? 10.542  9.862   8.931   1.00 16.29  ? 59  VAL B CA  1 
ATOM   864  C C   . VAL B 1 25 ? 11.105  8.445   8.954   1.00 19.88  ? 59  VAL B C   1 
ATOM   865  O O   . VAL B 1 25 ? 11.005  7.743   9.958   1.00 22.33  ? 59  VAL B O   1 
ATOM   866  C CB  . VAL B 1 25 ? 9.196   9.849   8.181   1.00 26.81  ? 59  VAL B CB  1 
ATOM   867  C CG1 . VAL B 1 25 ? 8.375   8.634   8.580   1.00 34.35  ? 59  VAL B CG1 1 
ATOM   868  C CG2 . VAL B 1 25 ? 8.429   11.135  8.447   1.00 28.08  ? 59  VAL B CG2 1 
ATOM   869  N N   . LEU B 1 26 ? 11.697  8.029   7.839   1.00 26.90  ? 60  LEU B N   1 
ATOM   870  C CA  . LEU B 1 26 ? 12.241  6.682   7.717   1.00 25.58  ? 60  LEU B CA  1 
ATOM   871  C C   . LEU B 1 26 ? 13.447  6.477   8.627   1.00 28.52  ? 60  LEU B C   1 
ATOM   872  O O   . LEU B 1 26 ? 13.591  5.424   9.247   1.00 34.43  ? 60  LEU B O   1 
ATOM   873  C CB  . LEU B 1 26 ? 12.594  6.379   6.260   1.00 34.52  ? 60  LEU B CB  1 
ATOM   874  C CG  . LEU B 1 26 ? 11.382  6.234   5.337   1.00 25.62  ? 60  LEU B CG  1 
ATOM   875  C CD1 . LEU B 1 26 ? 11.775  6.390   3.875   1.00 16.62  ? 60  LEU B CD1 1 
ATOM   876  C CD2 . LEU B 1 26 ? 10.681  4.904   5.577   1.00 22.61  ? 60  LEU B CD2 1 
ATOM   877  N N   . GLU B 1 27 ? 14.311  7.485   8.702   1.00 29.26  ? 61  GLU B N   1 
ATOM   878  C CA  . GLU B 1 27 ? 15.440  7.451   9.624   1.00 34.65  ? 61  GLU B CA  1 
ATOM   879  C C   . GLU B 1 27 ? 14.921  7.415   11.050  1.00 38.11  ? 61  GLU B C   1 
ATOM   880  O O   . GLU B 1 27 ? 15.420  6.678   11.898  1.00 36.01  ? 61  GLU B O   1 
ATOM   881  C CB  . GLU B 1 27 ? 16.302  8.703   9.462   1.00 34.18  ? 61  GLU B CB  1 
ATOM   882  C CG  . GLU B 1 27 ? 17.087  8.797   8.170   1.00 31.14  ? 61  GLU B CG  1 
ATOM   883  C CD  . GLU B 1 27 ? 17.908  10.072  8.100   1.00 47.89  ? 61  GLU B CD  1 
ATOM   884  O OE1 . GLU B 1 27 ? 17.658  10.985  8.916   1.00 59.89  ? 61  GLU B OE1 1 
ATOM   885  O OE2 . GLU B 1 27 ? 18.799  10.167  7.233   1.00 50.36  ? 61  GLU B OE2 1 
ATOM   886  N N   . ARG B 1 28 ? 13.902  8.231   11.290  1.00 34.33  ? 62  ARG B N   1 
ATOM   887  C CA  . ARG B 1 28 ? 13.378  8.484   12.622  1.00 32.56  ? 62  ARG B CA  1 
ATOM   888  C C   . ARG B 1 28 ? 12.639  7.295   13.220  1.00 29.65  ? 62  ARG B C   1 
ATOM   889  O O   . ARG B 1 28 ? 12.983  6.810   14.296  1.00 30.24  ? 62  ARG B O   1 
ATOM   890  C CB  . ARG B 1 28 ? 12.411  9.661   12.553  1.00 48.34  ? 62  ARG B CB  1 
ATOM   891  C CG  . ARG B 1 28 ? 11.875  10.107  13.890  1.00 48.66  ? 62  ARG B CG  1 
ATOM   892  C CD  . ARG B 1 28 ? 12.797  11.134  14.509  1.00 72.41  ? 62  ARG B CD  1 
ATOM   893  N NE  . ARG B 1 28 ? 12.084  12.015  15.427  1.00 87.56  ? 62  ARG B NE  1 
ATOM   894  C CZ  . ARG B 1 28 ? 12.266  12.027  16.742  1.00 92.73  ? 62  ARG B CZ  1 
ATOM   895  N NH1 . ARG B 1 28 ? 13.147  11.207  17.300  1.00 97.93  ? 62  ARG B NH1 1 
ATOM   896  N NH2 . ARG B 1 28 ? 11.570  12.863  17.498  1.00 90.58  ? 62  ARG B NH2 1 
ATOM   897  N N   . PHE B 1 29 ? 11.606  6.846   12.519  1.00 28.54  ? 63  PHE B N   1 
ATOM   898  C CA  . PHE B 1 29 ? 10.662  5.892   13.080  1.00 28.89  ? 63  PHE B CA  1 
ATOM   899  C C   . PHE B 1 29 ? 10.890  4.476   12.571  1.00 25.43  ? 63  PHE B C   1 
ATOM   900  O O   . PHE B 1 29 ? 10.324  3.520   13.103  1.00 29.46  ? 63  PHE B O   1 
ATOM   901  C CB  . PHE B 1 29 ? 9.233   6.336   12.767  1.00 22.83  ? 63  PHE B CB  1 
ATOM   902  C CG  . PHE B 1 29 ? 8.894   7.699   13.297  1.00 28.41  ? 63  PHE B CG  1 
ATOM   903  C CD1 . PHE B 1 29 ? 8.637   7.885   14.647  1.00 32.81  ? 63  PHE B CD1 1 
ATOM   904  C CD2 . PHE B 1 29 ? 8.832   8.793   12.449  1.00 26.72  ? 63  PHE B CD2 1 
ATOM   905  C CE1 . PHE B 1 29 ? 8.325   9.136   15.143  1.00 30.04  ? 63  PHE B CE1 1 
ATOM   906  C CE2 . PHE B 1 29 ? 8.520   10.051  12.937  1.00 26.98  ? 63  PHE B CE2 1 
ATOM   907  C CZ  . PHE B 1 29 ? 8.264   10.222  14.286  1.00 29.84  ? 63  PHE B CZ  1 
ATOM   908  N N   . PHE B 1 30 ? 11.721  4.340   11.544  1.00 22.81  ? 64  PHE B N   1 
ATOM   909  C CA  . PHE B 1 30 ? 11.958  3.029   10.952  1.00 21.95  ? 64  PHE B CA  1 
ATOM   910  C C   . PHE B 1 30 ? 13.426  2.634   10.910  1.00 28.59  ? 64  PHE B C   1 
ATOM   911  O O   . PHE B 1 30 ? 13.788  1.638   10.284  1.00 19.65  ? 64  PHE B O   1 
ATOM   912  C CB  . PHE B 1 30 ? 11.347  2.952   9.561   1.00 25.19  ? 64  PHE B CB  1 
ATOM   913  C CG  . PHE B 1 30 ? 9.876   3.199   9.546   1.00 30.82  ? 64  PHE B CG  1 
ATOM   914  C CD1 . PHE B 1 30 ? 8.992   2.205   9.933   1.00 30.45  ? 64  PHE B CD1 1 
ATOM   915  C CD2 . PHE B 1 30 ? 9.377   4.434   9.173   1.00 18.33  ? 64  PHE B CD2 1 
ATOM   916  C CE1 . PHE B 1 30 ? 7.633   2.434   9.929   1.00 23.25  ? 64  PHE B CE1 1 
ATOM   917  C CE2 . PHE B 1 30 ? 8.019   4.669   9.165   1.00 23.24  ? 64  PHE B CE2 1 
ATOM   918  C CZ  . PHE B 1 30 ? 7.147   3.669   9.544   1.00 28.36  ? 64  PHE B CZ  1 
ATOM   919  N N   . ASN B 1 31 ? 14.267  3.417   11.573  1.00 22.67  ? 65  ASN B N   1 
ATOM   920  C CA  . ASN B 1 31 ? 15.609  2.961   11.863  1.00 36.81  ? 65  ASN B CA  1 
ATOM   921  C C   . ASN B 1 31 ? 16.434  2.812   10.585  1.00 25.80  ? 65  ASN B C   1 
ATOM   922  O O   . ASN B 1 31 ? 17.307  1.947   10.488  1.00 29.48  ? 65  ASN B O   1 
ATOM   923  C CB  . ASN B 1 31 ? 15.490  1.610   12.559  1.00 37.01  ? 65  ASN B CB  1 
ATOM   924  C CG  . ASN B 1 31 ? 16.220  1.564   13.874  1.00 84.52  ? 65  ASN B CG  1 
ATOM   925  O OD1 . ASN B 1 31 ? 16.804  2.554   14.322  1.00 94.87  ? 65  ASN B OD1 1 
ATOM   926  N ND2 . ASN B 1 31 ? 16.196  0.403   14.504  1.00 104.93 ? 65  ASN B ND2 1 
ATOM   927  N N   . LYS B 1 32 ? 16.148  3.636   9.586   1.00 23.77  ? 66  LYS B N   1 
ATOM   928  C CA  . LYS B 1 32 ? 16.873  3.511   8.333   1.00 26.33  ? 66  LYS B CA  1 
ATOM   929  C C   . LYS B 1 32 ? 18.078  4.429   8.358   1.00 30.09  ? 66  LYS B C   1 
ATOM   930  O O   . LYS B 1 32 ? 17.998  5.546   8.869   1.00 24.76  ? 66  LYS B O   1 
ATOM   931  C CB  . LYS B 1 32 ? 15.972  3.835   7.145   1.00 28.67  ? 66  LYS B CB  1 
ATOM   932  C CG  . LYS B 1 32 ? 14.687  3.029   7.124   1.00 32.99  ? 66  LYS B CG  1 
ATOM   933  C CD  . LYS B 1 32 ? 14.980  1.551   6.950   1.00 39.48  ? 66  LYS B CD  1 
ATOM   934  C CE  . LYS B 1 32 ? 13.734  0.712   7.180   1.00 40.79  ? 66  LYS B CE  1 
ATOM   935  N NZ  . LYS B 1 32 ? 13.922  -0.689  6.719   1.00 54.58  ? 66  LYS B NZ  1 
ATOM   936  N N   . SER B 1 33 ? 19.204  3.948   7.844   1.00 37.17  ? 67  SER B N   1 
ATOM   937  C CA  . SER B 1 33 ? 20.317  4.837   7.577   1.00 37.49  ? 67  SER B CA  1 
ATOM   938  C C   . SER B 1 33 ? 19.794  5.806   6.534   1.00 33.24  ? 67  SER B C   1 
ATOM   939  O O   . SER B 1 33 ? 18.809  5.517   5.856   1.00 30.56  ? 67  SER B O   1 
ATOM   940  C CB  . SER B 1 33 ? 21.512  4.062   7.029   1.00 30.83  ? 67  SER B CB  1 
ATOM   941  O OG  . SER B 1 33 ? 21.204  3.484   5.774   1.00 42.72  ? 67  SER B OG  1 
ATOM   942  N N   . ARG B 1 34 ? 20.434  6.960   6.408   1.00 27.71  ? 68  ARG B N   1 
ATOM   943  C CA  . ARG B 1 34 ? 19.980  7.951   5.444   1.00 32.57  ? 68  ARG B CA  1 
ATOM   944  C C   . ARG B 1 34 ? 19.940  7.375   4.033   1.00 34.22  ? 68  ARG B C   1 
ATOM   945  O O   . ARG B 1 34 ? 19.060  7.707   3.239   1.00 34.54  ? 68  ARG B O   1 
ATOM   946  C CB  . ARG B 1 34 ? 20.872  9.187   5.477   1.00 34.46  ? 68  ARG B CB  1 
ATOM   947  C CG  . ARG B 1 34 ? 20.473  10.225  4.455   1.00 38.71  ? 68  ARG B CG  1 
ATOM   948  C CD  . ARG B 1 34 ? 21.127  11.555  4.734   1.00 57.37  ? 68  ARG B CD  1 
ATOM   949  N NE  . ARG B 1 34 ? 20.770  12.534  3.718   1.00 55.39  ? 68  ARG B NE  1 
ATOM   950  C CZ  . ARG B 1 34 ? 19.694  13.306  3.786   1.00 55.08  ? 68  ARG B CZ  1 
ATOM   951  N NH1 . ARG B 1 34 ? 18.879  13.215  4.828   1.00 48.42  ? 68  ARG B NH1 1 
ATOM   952  N NH2 . ARG B 1 34 ? 19.435  14.171  2.817   1.00 65.13  ? 68  ARG B NH2 1 
ATOM   953  N N   . GLU B 1 35 ? 20.896  6.507   3.728   1.00 30.68  ? 69  GLU B N   1 
ATOM   954  C CA  . GLU B 1 35 ? 20.990  5.915   2.401   1.00 34.92  ? 69  GLU B CA  1 
ATOM   955  C C   . GLU B 1 35 ? 19.817  4.977   2.116   1.00 30.35  ? 69  GLU B C   1 
ATOM   956  O O   . GLU B 1 35 ? 19.270  4.972   1.013   1.00 38.57  ? 69  GLU B O   1 
ATOM   957  C CB  . GLU B 1 35 ? 22.325  5.189   2.233   1.00 39.14  ? 69  GLU B CB  1 
ATOM   958  C CG  . GLU B 1 35 ? 22.582  4.681   0.827   1.00 65.93  ? 69  GLU B CG  1 
ATOM   959  C CD  . GLU B 1 35 ? 21.965  3.321   0.581   1.00 88.01  ? 69  GLU B CD  1 
ATOM   960  O OE1 . GLU B 1 35 ? 21.727  2.591   1.566   1.00 93.58  ? 69  GLU B OE1 1 
ATOM   961  O OE2 . GLU B 1 35 ? 21.723  2.981   -0.596  1.00 95.70  ? 69  GLU B OE2 1 
ATOM   962  N N   . ASP B 1 36 ? 19.433  4.187   3.112   1.00 25.27  ? 70  ASP B N   1 
ATOM   963  C CA  . ASP B 1 36 ? 18.294  3.287   2.972   1.00 28.05  ? 70  ASP B CA  1 
ATOM   964  C C   . ASP B 1 36 ? 16.981  4.063   2.968   1.00 24.91  ? 70  ASP B C   1 
ATOM   965  O O   . ASP B 1 36 ? 16.023  3.676   2.304   1.00 29.34  ? 70  ASP B O   1 
ATOM   966  C CB  . ASP B 1 36 ? 18.287  2.240   4.087   1.00 28.49  ? 70  ASP B CB  1 
ATOM   967  C CG  . ASP B 1 36 ? 19.362  1.187   3.904   1.00 62.35  ? 70  ASP B CG  1 
ATOM   968  O OD1 . ASP B 1 36 ? 19.829  1.005   2.761   1.00 72.90  ? 70  ASP B OD1 1 
ATOM   969  O OD2 . ASP B 1 36 ? 19.737  0.539   4.903   1.00 74.58  ? 70  ASP B OD2 1 
ATOM   970  N N   . ALA B 1 37 ? 16.943  5.158   3.719   1.00 24.47  ? 71  ALA B N   1 
ATOM   971  C CA  . ALA B 1 37 ? 15.766  6.014   3.752   1.00 32.24  ? 71  ALA B CA  1 
ATOM   972  C C   . ALA B 1 37 ? 15.553  6.664   2.392   1.00 36.07  ? 71  ALA B C   1 
ATOM   973  O O   . ALA B 1 37 ? 14.437  6.687   1.870   1.00 32.12  ? 71  ALA B O   1 
ATOM   974  C CB  . ALA B 1 37 ? 15.907  7.074   4.836   1.00 28.21  ? 71  ALA B CB  1 
ATOM   975  N N   . THR B 1 38 ? 16.636  7.184   1.820   1.00 27.16  ? 72  THR B N   1 
ATOM   976  C CA  . THR B 1 38 ? 16.589  7.812   0.505   1.00 22.04  ? 72  THR B CA  1 
ATOM   977  C C   . THR B 1 38 ? 16.048  6.847   -0.542  1.00 23.61  ? 72  THR B C   1 
ATOM   978  O O   . THR B 1 38 ? 15.227  7.220   -1.380  1.00 28.00  ? 72  THR B O   1 
ATOM   979  C CB  . THR B 1 38 ? 17.985  8.297   0.064   1.00 28.37  ? 72  THR B CB  1 
ATOM   980  O OG1 . THR B 1 38 ? 18.497  9.232   1.020   1.00 27.44  ? 72  THR B OG1 1 
ATOM   981  C CG2 . THR B 1 38 ? 17.912  8.964   -1.301  1.00 31.23  ? 72  THR B CG2 1 
ATOM   982  N N   . ARG B 1 39 ? 16.513  5.603   -0.492  1.00 22.17  ? 73  ARG B N   1 
ATOM   983  C CA  . ARG B 1 39 ? 16.067  4.583   -1.433  1.00 33.40  ? 73  ARG B CA  1 
ATOM   984  C C   . ARG B 1 39 ? 14.567  4.335   -1.327  1.00 17.81  ? 73  ARG B C   1 
ATOM   985  O O   . ARG B 1 39 ? 13.864  4.293   -2.332  1.00 25.15  ? 73  ARG B O   1 
ATOM   986  C CB  . ARG B 1 39 ? 16.815  3.271   -1.204  1.00 38.04  ? 73  ARG B CB  1 
ATOM   987  C CG  . ARG B 1 39 ? 16.184  2.088   -1.919  1.00 45.39  ? 73  ARG B CG  1 
ATOM   988  C CD  . ARG B 1 39 ? 16.827  0.776   -1.508  1.00 54.71  ? 73  ARG B CD  1 
ATOM   989  N NE  . ARG B 1 39 ? 16.681  0.521   -0.079  1.00 57.81  ? 73  ARG B NE  1 
ATOM   990  C CZ  . ARG B 1 39 ? 15.646  -0.108  0.466   1.00 64.88  ? 73  ARG B CZ  1 
ATOM   991  N NH1 . ARG B 1 39 ? 14.656  -0.548  -0.299  1.00 62.44  ? 73  ARG B NH1 1 
ATOM   992  N NH2 . ARG B 1 39 ? 15.599  -0.297  1.777   1.00 64.53  ? 73  ARG B NH2 1 
ATOM   993  N N   . ILE B 1 40 ? 14.089  4.153   -0.102  1.00 22.92  ? 74  ILE B N   1 
ATOM   994  C CA  . ILE B 1 40 ? 12.677  3.886   0.128   1.00 25.48  ? 74  ILE B CA  1 
ATOM   995  C C   . ILE B 1 40 ? 11.836  5.093   -0.273  1.00 30.38  ? 74  ILE B C   1 
ATOM   996  O O   . ILE B 1 40 ? 10.798  4.951   -0.916  1.00 29.38  ? 74  ILE B O   1 
ATOM   997  C CB  . ILE B 1 40 ? 12.408  3.524   1.599   1.00 21.49  ? 74  ILE B CB  1 
ATOM   998  C CG1 . ILE B 1 40 ? 13.153  2.241   1.969   1.00 29.98  ? 74  ILE B CG1 1 
ATOM   999  C CG2 . ILE B 1 40 ? 10.917  3.368   1.846   1.00 21.06  ? 74  ILE B CG2 1 
ATOM   1000 C CD1 . ILE B 1 40 ? 13.018  1.853   3.425   1.00 35.36  ? 74  ILE B CD1 1 
ATOM   1001 N N   . MET B 1 41 ? 12.301  6.280   0.102   1.00 25.88  ? 75  MET B N   1 
ATOM   1002 C CA  . MET B 1 41 ? 11.614  7.518   -0.240  1.00 32.69  ? 75  MET B CA  1 
ATOM   1003 C C   . MET B 1 41 ? 11.439  7.653   -1.750  1.00 32.82  ? 75  MET B C   1 
ATOM   1004 O O   . MET B 1 41 ? 10.353  7.973   -2.233  1.00 28.20  ? 75  MET B O   1 
ATOM   1005 C CB  . MET B 1 41 ? 12.375  8.722   0.322   1.00 29.60  ? 75  MET B CB  1 
ATOM   1006 C CG  . MET B 1 41 ? 11.748  10.068  -0.004  1.00 24.42  ? 75  MET B CG  1 
ATOM   1007 S SD  . MET B 1 41 ? 12.250  10.711  -1.611  1.00 32.98  ? 75  MET B SD  1 
ATOM   1008 C CE  . MET B 1 41 ? 13.977  11.079  -1.302  1.00 29.96  ? 75  MET B CE  1 
ATOM   1009 N N   . LEU B 1 42 ? 12.513  7.404   -2.491  1.00 29.47  ? 76  LEU B N   1 
ATOM   1010 C CA  . LEU B 1 42 ? 12.476  7.501   -3.944  1.00 25.93  ? 76  LEU B CA  1 
ATOM   1011 C C   . LEU B 1 42 ? 11.615  6.398   -4.555  1.00 27.44  ? 76  LEU B C   1 
ATOM   1012 O O   . LEU B 1 42 ? 10.928  6.615   -5.553  1.00 28.83  ? 76  LEU B O   1 
ATOM   1013 C CB  . LEU B 1 42 ? 13.891  7.449   -4.519  1.00 29.33  ? 76  LEU B CB  1 
ATOM   1014 C CG  . LEU B 1 42 ? 14.761  8.673   -4.228  1.00 24.95  ? 76  LEU B CG  1 
ATOM   1015 C CD1 . LEU B 1 42 ? 16.205  8.421   -4.623  1.00 29.22  ? 76  LEU B CD1 1 
ATOM   1016 C CD2 . LEU B 1 42 ? 14.215  9.897   -4.943  1.00 28.10  ? 76  LEU B CD2 1 
ATOM   1017 N N   . HIS B 1 43 ? 11.654  5.217   -3.949  1.00 26.63  ? 77  HIS B N   1 
ATOM   1018 C CA  . HIS B 1 43 ? 10.819  4.108   -4.394  1.00 25.84  ? 77  HIS B CA  1 
ATOM   1019 C C   . HIS B 1 43 ? 9.335   4.423   -4.205  1.00 19.30  ? 77  HIS B C   1 
ATOM   1020 O O   . HIS B 1 43 ? 8.512   4.083   -5.052  1.00 25.25  ? 77  HIS B O   1 
ATOM   1021 C CB  . HIS B 1 43 ? 11.192  2.823   -3.651  1.00 21.45  ? 77  HIS B CB  1 
ATOM   1022 C CG  . HIS B 1 43 ? 10.195  1.717   -3.821  1.00 34.66  ? 77  HIS B CG  1 
ATOM   1023 N ND1 . HIS B 1 43 ? 10.202  0.870   -4.908  1.00 39.34  ? 77  HIS B ND1 1 
ATOM   1024 C CD2 . HIS B 1 43 ? 9.161   1.325   -3.043  1.00 32.16  ? 77  HIS B CD2 1 
ATOM   1025 C CE1 . HIS B 1 43 ? 9.212   0.002   -4.791  1.00 44.52  ? 77  HIS B CE1 1 
ATOM   1026 N NE2 . HIS B 1 43 ? 8.566   0.255   -3.669  1.00 34.99  ? 77  HIS B NE2 1 
ATOM   1027 N N   . VAL B 1 44 ? 9.000   5.074   -3.095  1.00 26.11  ? 78  VAL B N   1 
ATOM   1028 C CA  . VAL B 1 44 ? 7.623   5.490   -2.836  1.00 27.73  ? 78  VAL B CA  1 
ATOM   1029 C C   . VAL B 1 44 ? 7.179   6.532   -3.853  1.00 28.83  ? 78  VAL B C   1 
ATOM   1030 O O   . VAL B 1 44 ? 6.046   6.511   -4.333  1.00 30.68  ? 78  VAL B O   1 
ATOM   1031 C CB  . VAL B 1 44 ? 7.468   6.083   -1.424  1.00 38.19  ? 78  VAL B CB  1 
ATOM   1032 C CG1 . VAL B 1 44 ? 6.122   6.781   -1.283  1.00 39.56  ? 78  VAL B CG1 1 
ATOM   1033 C CG2 . VAL B 1 44 ? 7.628   4.998   -0.371  1.00 33.77  ? 78  VAL B CG2 1 
ATOM   1034 N N   . HIS B 1 45 ? 8.087   7.447   -4.175  1.00 26.59  ? 79  HIS B N   1 
ATOM   1035 C CA  . HIS B 1 45 ? 7.818   8.506   -5.136  1.00 24.89  ? 79  HIS B CA  1 
ATOM   1036 C C   . HIS B 1 45 ? 7.497   7.925   -6.509  1.00 38.02  ? 79  HIS B C   1 
ATOM   1037 O O   . HIS B 1 45 ? 6.659   8.450   -7.241  1.00 37.99  ? 79  HIS B O   1 
ATOM   1038 C CB  . HIS B 1 45 ? 9.037   9.423   -5.236  1.00 31.81  ? 79  HIS B CB  1 
ATOM   1039 C CG  . HIS B 1 45 ? 8.828   10.619  -6.112  1.00 42.46  ? 79  HIS B CG  1 
ATOM   1040 N ND1 . HIS B 1 45 ? 8.136   11.732  -5.694  1.00 46.51  ? 79  HIS B ND1 1 
ATOM   1041 C CD2 . HIS B 1 45 ? 9.231   10.876  -7.380  1.00 50.68  ? 79  HIS B CD2 1 
ATOM   1042 C CE1 . HIS B 1 45 ? 8.114   12.626  -6.669  1.00 51.02  ? 79  HIS B CE1 1 
ATOM   1043 N NE2 . HIS B 1 45 ? 8.772   12.130  -7.701  1.00 49.01  ? 79  HIS B NE2 1 
ATOM   1044 N N   . GLN B 1 46 ? 8.168   6.829   -6.842  1.00 36.94  ? 80  GLN B N   1 
ATOM   1045 C CA  . GLN B 1 46 ? 8.067   6.232   -8.165  1.00 36.31  ? 80  GLN B CA  1 
ATOM   1046 C C   . GLN B 1 46 ? 6.946   5.199   -8.231  1.00 41.94  ? 80  GLN B C   1 
ATOM   1047 O O   . GLN B 1 46 ? 6.271   5.062   -9.252  1.00 36.87  ? 80  GLN B O   1 
ATOM   1048 C CB  . GLN B 1 46 ? 9.399   5.577   -8.522  1.00 46.35  ? 80  GLN B CB  1 
ATOM   1049 C CG  . GLN B 1 46 ? 9.672   5.446   -10.007 1.00 73.71  ? 80  GLN B CG  1 
ATOM   1050 C CD  . GLN B 1 46 ? 11.056  4.894   -10.285 1.00 93.06  ? 80  GLN B CD  1 
ATOM   1051 O OE1 . GLN B 1 46 ? 11.800  4.561   -9.361  1.00 102.55 ? 80  GLN B OE1 1 
ATOM   1052 N NE2 . GLN B 1 46 ? 11.409  4.793   -11.561 1.00 100.18 ? 80  GLN B NE2 1 
ATOM   1053 N N   . ASN B 1 47 ? 6.751   4.478   -7.131  1.00 30.25  ? 81  ASN B N   1 
ATOM   1054 C CA  . ASN B 1 47 ? 5.810   3.367   -7.091  1.00 28.19  ? 81  ASN B CA  1 
ATOM   1055 C C   . ASN B 1 47 ? 4.466   3.747   -6.477  1.00 38.19  ? 81  ASN B C   1 
ATOM   1056 O O   . ASN B 1 47 ? 3.482   3.022   -6.623  1.00 38.40  ? 81  ASN B O   1 
ATOM   1057 C CB  . ASN B 1 47 ? 6.423   2.198   -6.317  1.00 33.00  ? 81  ASN B CB  1 
ATOM   1058 C CG  . ASN B 1 47 ? 5.639   0.913   -6.479  1.00 40.87  ? 81  ASN B CG  1 
ATOM   1059 O OD1 . ASN B 1 47 ? 5.425   0.180   -5.513  1.00 38.61  ? 81  ASN B OD1 1 
ATOM   1060 N ND2 . ASN B 1 47 ? 5.207   0.632   -7.702  1.00 45.83  ? 81  ASN B ND2 1 
ATOM   1061 N N   . GLY B 1 48 ? 4.431   4.883   -5.790  1.00 36.39  ? 82  GLY B N   1 
ATOM   1062 C CA  . GLY B 1 48 ? 3.215   5.350   -5.148  1.00 27.15  ? 82  GLY B CA  1 
ATOM   1063 C C   . GLY B 1 48 ? 3.063   4.813   -3.737  1.00 33.20  ? 82  GLY B C   1 
ATOM   1064 O O   . GLY B 1 48 ? 2.308   5.356   -2.932  1.00 35.76  ? 82  GLY B O   1 
ATOM   1065 N N   . VAL B 1 49 ? 3.787   3.740   -3.439  1.00 37.16  ? 83  VAL B N   1 
ATOM   1066 C CA  . VAL B 1 49 ? 3.742   3.123   -2.120  1.00 31.33  ? 83  VAL B CA  1 
ATOM   1067 C C   . VAL B 1 49 ? 5.043   2.375   -1.847  1.00 32.52  ? 83  VAL B C   1 
ATOM   1068 O O   . VAL B 1 49 ? 5.699   1.896   -2.772  1.00 35.44  ? 83  VAL B O   1 
ATOM   1069 C CB  . VAL B 1 49 ? 2.556   2.145   -1.999  1.00 35.45  ? 83  VAL B CB  1 
ATOM   1070 C CG1 . VAL B 1 49 ? 2.767   0.950   -2.911  1.00 46.31  ? 83  VAL B CG1 1 
ATOM   1071 C CG2 . VAL B 1 49 ? 2.378   1.692   -0.560  1.00 35.43  ? 83  VAL B CG2 1 
ATOM   1072 N N   . GLY B 1 50 ? 5.417   2.279   -0.576  1.00 29.12  ? 84  GLY B N   1 
ATOM   1073 C CA  . GLY B 1 50 ? 6.632   1.582   -0.200  1.00 35.30  ? 84  GLY B CA  1 
ATOM   1074 C C   . GLY B 1 50 ? 6.585   1.035   1.212   1.00 39.13  ? 84  GLY B C   1 
ATOM   1075 O O   . GLY B 1 50 ? 5.898   1.582   2.075   1.00 27.36  ? 84  GLY B O   1 
ATOM   1076 N N   . VAL B 1 51 ? 7.315   -0.052  1.445   1.00 31.13  ? 85  VAL B N   1 
ATOM   1077 C CA  . VAL B 1 51 ? 7.389   -0.662  2.766   1.00 23.89  ? 85  VAL B CA  1 
ATOM   1078 C C   . VAL B 1 51 ? 8.467   0.004   3.608   1.00 31.61  ? 85  VAL B C   1 
ATOM   1079 O O   . VAL B 1 51 ? 9.630   0.071   3.206   1.00 31.65  ? 85  VAL B O   1 
ATOM   1080 C CB  . VAL B 1 51 ? 7.707   -2.167  2.691   1.00 29.43  ? 85  VAL B CB  1 
ATOM   1081 C CG1 . VAL B 1 51 ? 7.669   -2.782  4.079   1.00 28.22  ? 85  VAL B CG1 1 
ATOM   1082 C CG2 . VAL B 1 51 ? 6.728   -2.867  1.795   1.00 34.83  ? 85  VAL B CG2 1 
ATOM   1083 N N   . CYS B 1 52 ? 8.075   0.494   4.778   1.00 24.45  ? 86  CYS B N   1 
ATOM   1084 C CA  . CYS B 1 52 ? 9.011   1.122   5.698   1.00 31.60  ? 86  CYS B CA  1 
ATOM   1085 C C   . CYS B 1 52 ? 9.675   0.069   6.572   1.00 32.34  ? 86  CYS B C   1 
ATOM   1086 O O   . CYS B 1 52 ? 10.832  0.209   6.959   1.00 30.45  ? 86  CYS B O   1 
ATOM   1087 C CB  . CYS B 1 52 ? 8.286   2.139   6.576   1.00 25.68  ? 86  CYS B CB  1 
ATOM   1088 S SG  . CYS B 1 52 ? 7.350   3.375   5.659   1.00 37.99  ? 86  CYS B SG  1 
ATOM   1089 N N   . GLY B 1 53 ? 8.929   -0.985  6.884   1.00 28.91  ? 87  GLY B N   1 
ATOM   1090 C CA  . GLY B 1 53 ? 9.442   -2.068  7.698   1.00 22.76  ? 87  GLY B CA  1 
ATOM   1091 C C   . GLY B 1 53 ? 8.364   -3.083  8.016   1.00 28.35  ? 87  GLY B C   1 
ATOM   1092 O O   . GLY B 1 53 ? 7.197   -2.893  7.678   1.00 21.24  ? 87  GLY B O   1 
ATOM   1093 N N   . VAL B 1 54 ? 8.762   -4.172  8.662   1.00 36.15  ? 88  VAL B N   1 
ATOM   1094 C CA  . VAL B 1 54 ? 7.823   -5.206  9.068   1.00 31.58  ? 88  VAL B CA  1 
ATOM   1095 C C   . VAL B 1 54 ? 8.003   -5.476  10.554  1.00 28.89  ? 88  VAL B C   1 
ATOM   1096 O O   . VAL B 1 54 ? 9.115   -5.727  11.017  1.00 33.13  ? 88  VAL B O   1 
ATOM   1097 C CB  . VAL B 1 54 ? 8.031   -6.507  8.272   1.00 22.59  ? 88  VAL B CB  1 
ATOM   1098 C CG1 . VAL B 1 54 ? 7.018   -7.560  8.694   1.00 22.20  ? 88  VAL B CG1 1 
ATOM   1099 C CG2 . VAL B 1 54 ? 7.938   -6.235  6.780   1.00 31.09  ? 88  VAL B CG2 1 
ATOM   1100 N N   . TYR B 1 55 ? 6.904   -5.416  11.297  1.00 17.50  ? 89  TYR B N   1 
ATOM   1101 C CA  . TYR B 1 55 ? 6.961   -5.546  12.746  1.00 24.97  ? 89  TYR B CA  1 
ATOM   1102 C C   . TYR B 1 55 ? 5.772   -6.339  13.253  1.00 27.42  ? 89  TYR B C   1 
ATOM   1103 O O   . TYR B 1 55 ? 4.900   -6.727  12.477  1.00 25.68  ? 89  TYR B O   1 
ATOM   1104 C CB  . TYR B 1 55 ? 6.953   -4.164  13.393  1.00 22.34  ? 89  TYR B CB  1 
ATOM   1105 C CG  . TYR B 1 55 ? 7.865   -3.171  12.712  1.00 35.78  ? 89  TYR B CG  1 
ATOM   1106 C CD1 . TYR B 1 55 ? 9.205   -3.077  13.060  1.00 25.46  ? 89  TYR B CD1 1 
ATOM   1107 C CD2 . TYR B 1 55 ? 7.386   -2.333  11.714  1.00 25.62  ? 89  TYR B CD2 1 
ATOM   1108 C CE1 . TYR B 1 55 ? 10.042  -2.174  12.437  1.00 28.40  ? 89  TYR B CE1 1 
ATOM   1109 C CE2 . TYR B 1 55 ? 8.214   -1.426  11.086  1.00 25.98  ? 89  TYR B CE2 1 
ATOM   1110 C CZ  . TYR B 1 55 ? 9.541   -1.351  11.452  1.00 25.76  ? 89  TYR B CZ  1 
ATOM   1111 O OH  . TYR B 1 55 ? 10.367  -0.449  10.828  1.00 32.20  ? 89  TYR B OH  1 
ATOM   1112 N N   . THR B 1 56 ? 5.739   -6.583  14.557  1.00 19.56  ? 90  THR B N   1 
ATOM   1113 C CA  . THR B 1 56 ? 4.563   -7.172  15.168  1.00 26.97  ? 90  THR B CA  1 
ATOM   1114 C C   . THR B 1 56 ? 3.429   -6.169  15.032  1.00 35.52  ? 90  THR B C   1 
ATOM   1115 O O   . THR B 1 56 ? 3.663   -4.983  14.795  1.00 26.40  ? 90  THR B O   1 
ATOM   1116 C CB  . THR B 1 56 ? 4.780   -7.471  16.658  1.00 27.39  ? 90  THR B CB  1 
ATOM   1117 O OG1 . THR B 1 56 ? 4.889   -6.238  17.380  1.00 33.15  ? 90  THR B OG1 1 
ATOM   1118 C CG2 . THR B 1 56 ? 6.044   -8.290  16.859  1.00 30.00  ? 90  THR B CG2 1 
ATOM   1119 N N   . TYR B 1 57 ? 2.201   -6.645  15.184  1.00 25.18  ? 91  TYR B N   1 
ATOM   1120 C CA  . TYR B 1 57 ? 1.036   -5.792  15.018  1.00 27.98  ? 91  TYR B CA  1 
ATOM   1121 C C   . TYR B 1 57 ? 1.071   -4.552  15.913  1.00 23.83  ? 91  TYR B C   1 
ATOM   1122 O O   . TYR B 1 57 ? 0.865   -3.435  15.438  1.00 19.94  ? 91  TYR B O   1 
ATOM   1123 C CB  . TYR B 1 57 ? -0.242  -6.589  15.260  1.00 27.70  ? 91  TYR B CB  1 
ATOM   1124 C CG  . TYR B 1 57 ? -1.486  -5.743  15.201  1.00 36.20  ? 91  TYR B CG  1 
ATOM   1125 C CD1 . TYR B 1 57 ? -1.933  -5.220  13.996  1.00 32.96  ? 91  TYR B CD1 1 
ATOM   1126 C CD2 . TYR B 1 57 ? -2.211  -5.462  16.348  1.00 41.12  ? 91  TYR B CD2 1 
ATOM   1127 C CE1 . TYR B 1 57 ? -3.071  -4.441  13.934  1.00 40.86  ? 91  TYR B CE1 1 
ATOM   1128 C CE2 . TYR B 1 57 ? -3.352  -4.686  16.298  1.00 49.29  ? 91  TYR B CE2 1 
ATOM   1129 C CZ  . TYR B 1 57 ? -3.776  -4.178  15.089  1.00 52.98  ? 91  TYR B CZ  1 
ATOM   1130 O OH  . TYR B 1 57 ? -4.911  -3.405  15.031  1.00 55.02  ? 91  TYR B OH  1 
ATOM   1131 N N   . GLU B 1 58 ? 1.335   -4.750  17.201  1.00 23.14  ? 92  GLU B N   1 
ATOM   1132 C CA  . GLU B 1 58 ? 1.361   -3.647  18.161  1.00 32.69  ? 92  GLU B CA  1 
ATOM   1133 C C   . GLU B 1 58 ? 2.419   -2.608  17.815  1.00 30.82  ? 92  GLU B C   1 
ATOM   1134 O O   . GLU B 1 58 ? 2.175   -1.407  17.908  1.00 28.96  ? 92  GLU B O   1 
ATOM   1135 C CB  . GLU B 1 58 ? 1.598   -4.169  19.580  1.00 31.06  ? 92  GLU B CB  1 
ATOM   1136 C CG  . GLU B 1 58 ? 0.453   -4.979  20.151  1.00 44.31  ? 92  GLU B CG  1 
ATOM   1137 C CD  . GLU B 1 58 ? 0.448   -6.409  19.654  1.00 57.59  ? 92  GLU B CD  1 
ATOM   1138 O OE1 . GLU B 1 58 ? 1.429   -6.817  18.995  1.00 45.55  ? 92  GLU B OE1 1 
ATOM   1139 O OE2 . GLU B 1 58 ? -0.534  -7.129  19.925  1.00 58.67  ? 92  GLU B OE2 1 
ATOM   1140 N N   . VAL B 1 59 ? 3.602   -3.077  17.431  1.00 21.99  ? 93  VAL B N   1 
ATOM   1141 C CA  . VAL B 1 59 ? 4.690   -2.179  17.062  1.00 24.53  ? 93  VAL B CA  1 
ATOM   1142 C C   . VAL B 1 59 ? 4.392   -1.457  15.754  1.00 20.05  ? 93  VAL B C   1 
ATOM   1143 O O   . VAL B 1 59 ? 4.702   -0.278  15.599  1.00 29.18  ? 93  VAL B O   1 
ATOM   1144 C CB  . VAL B 1 59 ? 6.030   -2.933  16.946  1.00 33.41  ? 93  VAL B CB  1 
ATOM   1145 C CG1 . VAL B 1 59 ? 7.101   -2.027  16.371  1.00 34.45  ? 93  VAL B CG1 1 
ATOM   1146 C CG2 . VAL B 1 59 ? 6.459   -3.467  18.296  1.00 25.28  ? 93  VAL B CG2 1 
ATOM   1147 N N   . ALA B 1 60 ? 3.787   -2.173  14.815  1.00 23.75  ? 94  ALA B N   1 
ATOM   1148 C CA  . ALA B 1 60 ? 3.399   -1.580  13.543  1.00 23.43  ? 94  ALA B CA  1 
ATOM   1149 C C   . ALA B 1 60 ? 2.393   -0.481  13.817  1.00 30.28  ? 94  ALA B C   1 
ATOM   1150 O O   . ALA B 1 60 ? 2.431   0.589   13.207  1.00 28.42  ? 94  ALA B O   1 
ATOM   1151 C CB  . ALA B 1 60 ? 2.792   -2.628  12.628  1.00 20.20  ? 94  ALA B CB  1 
ATOM   1152 N N   . GLU B 1 61 ? 1.487   -0.750  14.748  1.00 31.19  ? 95  GLU B N   1 
ATOM   1153 C CA  . GLU B 1 61 ? 0.415   0.186   15.038  1.00 30.19  ? 95  GLU B CA  1 
ATOM   1154 C C   . GLU B 1 61 ? 0.978   1.476   15.607  1.00 31.27  ? 95  GLU B C   1 
ATOM   1155 O O   . GLU B 1 61 ? 0.530   2.569   15.261  1.00 19.89  ? 95  GLU B O   1 
ATOM   1156 C CB  . GLU B 1 61 ? -0.592  -0.441  16.001  1.00 30.06  ? 95  GLU B CB  1 
ATOM   1157 C CG  . GLU B 1 61 ? -2.032  -0.152  15.618  1.00 52.46  ? 95  GLU B CG  1 
ATOM   1158 C CD  . GLU B 1 61 ? -3.007  -1.058  16.328  1.00 69.27  ? 95  GLU B CD  1 
ATOM   1159 O OE1 . GLU B 1 61 ? -2.596  -1.709  17.313  1.00 59.18  ? 95  GLU B OE1 1 
ATOM   1160 O OE2 . GLU B 1 61 ? -4.182  -1.120  15.907  1.00 83.44  ? 95  GLU B OE2 1 
ATOM   1161 N N   . THR B 1 62 ? 1.978   1.336   16.469  1.00 30.41  ? 96  THR B N   1 
ATOM   1162 C CA  . THR B 1 62 ? 2.613   2.480   17.118  1.00 39.73  ? 96  THR B CA  1 
ATOM   1163 C C   . THR B 1 62 ? 3.379   3.325   16.101  1.00 30.47  ? 96  THR B C   1 
ATOM   1164 O O   . THR B 1 62 ? 3.337   4.557   16.139  1.00 32.21  ? 96  THR B O   1 
ATOM   1165 C CB  . THR B 1 62 ? 3.555   2.001   18.231  1.00 31.99  ? 96  THR B CB  1 
ATOM   1166 O OG1 . THR B 1 62 ? 2.790   1.302   19.224  1.00 36.24  ? 96  THR B OG1 1 
ATOM   1167 C CG2 . THR B 1 62 ? 4.271   3.166   18.875  1.00 30.39  ? 96  THR B CG2 1 
ATOM   1168 N N   . LYS B 1 63 ? 4.071   2.659   15.185  1.00 22.31  ? 97  LYS B N   1 
ATOM   1169 C CA  . LYS B 1 63 ? 4.848   3.368   14.177  1.00 24.25  ? 97  LYS B CA  1 
ATOM   1170 C C   . LYS B 1 63 ? 3.966   4.126   13.193  1.00 35.11  ? 97  LYS B C   1 
ATOM   1171 O O   . LYS B 1 63 ? 4.324   5.216   12.748  1.00 28.27  ? 97  LYS B O   1 
ATOM   1172 C CB  . LYS B 1 63 ? 5.791   2.402   13.457  1.00 31.15  ? 97  LYS B CB  1 
ATOM   1173 C CG  . LYS B 1 63 ? 6.980   2.028   14.316  1.00 31.98  ? 97  LYS B CG  1 
ATOM   1174 C CD  . LYS B 1 63 ? 8.036   1.282   13.542  1.00 37.85  ? 97  LYS B CD  1 
ATOM   1175 C CE  . LYS B 1 63 ? 9.126   0.809   14.472  1.00 33.33  ? 97  LYS B CE  1 
ATOM   1176 N NZ  . LYS B 1 63 ? 9.676   1.913   15.300  1.00 28.17  ? 97  LYS B NZ  1 
ATOM   1177 N N   . VAL B 1 64 ? 2.812   3.554   12.861  1.00 18.47  ? 98  VAL B N   1 
ATOM   1178 C CA  . VAL B 1 64 ? 1.849   4.252   12.016  1.00 27.09  ? 98  VAL B CA  1 
ATOM   1179 C C   . VAL B 1 64 ? 1.408   5.547   12.688  1.00 33.20  ? 98  VAL B C   1 
ATOM   1180 O O   . VAL B 1 64 ? 1.486   6.621   12.097  1.00 35.50  ? 98  VAL B O   1 
ATOM   1181 C CB  . VAL B 1 64 ? 0.609   3.381   11.719  1.00 31.83  ? 98  VAL B CB  1 
ATOM   1182 C CG1 . VAL B 1 64 ? -0.479  4.222   11.070  1.00 19.26  ? 98  VAL B CG1 1 
ATOM   1183 C CG2 . VAL B 1 64 ? 0.989   2.202   10.828  1.00 33.85  ? 98  VAL B CG2 1 
ATOM   1184 N N   . ALA B 1 65 ? 0.957   5.432   13.933  1.00 32.40  ? 99  ALA B N   1 
ATOM   1185 C CA  . ALA B 1 65 ? 0.486   6.586   14.690  1.00 29.45  ? 99  ALA B CA  1 
ATOM   1186 C C   . ALA B 1 65 ? 1.571   7.649   14.824  1.00 30.21  ? 99  ALA B C   1 
ATOM   1187 O O   . ALA B 1 65 ? 1.298   8.841   14.707  1.00 27.96  ? 99  ALA B O   1 
ATOM   1188 C CB  . ALA B 1 65 ? -0.006  6.152   16.063  1.00 27.77  ? 99  ALA B CB  1 
ATOM   1189 N N   . GLN B 1 66 ? 2.803   7.212   15.058  1.00 27.85  ? 100 GLN B N   1 
ATOM   1190 C CA  . GLN B 1 66 ? 3.923   8.132   15.229  1.00 26.55  ? 100 GLN B CA  1 
ATOM   1191 C C   . GLN B 1 66 ? 4.242   8.895   13.946  1.00 26.84  ? 100 GLN B C   1 
ATOM   1192 O O   . GLN B 1 66 ? 4.556   10.083  13.987  1.00 33.77  ? 100 GLN B O   1 
ATOM   1193 C CB  . GLN B 1 66 ? 5.158   7.381   15.728  1.00 34.56  ? 100 GLN B CB  1 
ATOM   1194 C CG  . GLN B 1 66 ? 5.021   6.885   17.155  1.00 35.88  ? 100 GLN B CG  1 
ATOM   1195 C CD  . GLN B 1 66 ? 6.068   5.857   17.527  1.00 52.79  ? 100 GLN B CD  1 
ATOM   1196 O OE1 . GLN B 1 66 ? 6.894   5.466   16.702  1.00 44.53  ? 100 GLN B OE1 1 
ATOM   1197 N NE2 . GLN B 1 66 ? 6.040   5.414   18.777  1.00 58.34  ? 100 GLN B NE2 1 
ATOM   1198 N N   . VAL B 1 67 ? 4.158   8.211   12.810  1.00 20.42  ? 101 VAL B N   1 
ATOM   1199 C CA  . VAL B 1 67 ? 4.412   8.853   11.526  1.00 27.93  ? 101 VAL B CA  1 
ATOM   1200 C C   . VAL B 1 67 ? 3.323   9.877   11.220  1.00 22.56  ? 101 VAL B C   1 
ATOM   1201 O O   . VAL B 1 67 ? 3.612   10.996  10.798  1.00 24.08  ? 101 VAL B O   1 
ATOM   1202 C CB  . VAL B 1 67 ? 4.495   7.829   10.377  1.00 23.56  ? 101 VAL B CB  1 
ATOM   1203 C CG1 . VAL B 1 67 ? 4.545   8.542   9.034   1.00 23.42  ? 101 VAL B CG1 1 
ATOM   1204 C CG2 . VAL B 1 67 ? 5.709   6.930   10.552  1.00 31.02  ? 101 VAL B CG2 1 
ATOM   1205 N N   . ILE B 1 68 ? 2.071   9.483   11.436  1.00 18.08  ? 102 ILE B N   1 
ATOM   1206 C CA  . ILE B 1 68 ? 0.938   10.379  11.241  1.00 30.26  ? 102 ILE B CA  1 
ATOM   1207 C C   . ILE B 1 68 ? 1.077   11.604  12.137  1.00 23.84  ? 102 ILE B C   1 
ATOM   1208 O O   . ILE B 1 68 ? 0.960   12.739  11.681  1.00 28.44  ? 102 ILE B O   1 
ATOM   1209 C CB  . ILE B 1 68 ? -0.394  9.683   11.581  1.00 26.60  ? 102 ILE B CB  1 
ATOM   1210 C CG1 . ILE B 1 68 ? -0.548  8.381   10.789  1.00 33.04  ? 102 ILE B CG1 1 
ATOM   1211 C CG2 . ILE B 1 68 ? -1.563  10.617  11.313  1.00 34.25  ? 102 ILE B CG2 1 
ATOM   1212 C CD1 . ILE B 1 68 ? -1.382  8.511   9.534   1.00 40.34  ? 102 ILE B CD1 1 
ATOM   1213 N N   . ASP B 1 69 ? 1.327   11.361  13.420  1.00 23.73  ? 103 ASP B N   1 
ATOM   1214 C CA  . ASP B 1 69 ? 1.457   12.438  14.393  1.00 26.91  ? 103 ASP B CA  1 
ATOM   1215 C C   . ASP B 1 69 ? 2.566   13.401  13.990  1.00 27.52  ? 103 ASP B C   1 
ATOM   1216 O O   . ASP B 1 69 ? 2.392   14.618  14.032  1.00 27.20  ? 103 ASP B O   1 
ATOM   1217 C CB  . ASP B 1 69 ? 1.741   11.871  15.783  1.00 33.59  ? 103 ASP B CB  1 
ATOM   1218 C CG  . ASP B 1 69 ? 2.054   12.950  16.798  1.00 61.55  ? 103 ASP B CG  1 
ATOM   1219 O OD1 . ASP B 1 69 ? 1.275   13.920  16.895  1.00 72.21  ? 103 ASP B OD1 1 
ATOM   1220 O OD2 . ASP B 1 69 ? 3.078   12.827  17.501  1.00 76.15  ? 103 ASP B OD2 1 
ATOM   1221 N N   . SER B 1 70 ? 3.707   12.845  13.601  1.00 24.81  ? 104 SER B N   1 
ATOM   1222 C CA  . SER B 1 70 ? 4.841   13.652  13.175  1.00 31.38  ? 104 SER B CA  1 
ATOM   1223 C C   . SER B 1 70 ? 4.491   14.466  11.934  1.00 28.62  ? 104 SER B C   1 
ATOM   1224 O O   . SER B 1 70 ? 4.755   15.665  11.875  1.00 20.70  ? 104 SER B O   1 
ATOM   1225 C CB  . SER B 1 70 ? 6.055   12.765  12.897  1.00 30.29  ? 104 SER B CB  1 
ATOM   1226 O OG  . SER B 1 70 ? 7.172   13.542  12.504  1.00 34.68  ? 104 SER B OG  1 
ATOM   1227 N N   . ALA B 1 71 ? 3.888   13.807  10.949  1.00 26.06  ? 105 ALA B N   1 
ATOM   1228 C CA  . ALA B 1 71 ? 3.524   14.462  9.698   1.00 32.20  ? 105 ALA B CA  1 
ATOM   1229 C C   . ALA B 1 71 ? 2.539   15.607  9.920   1.00 33.66  ? 105 ALA B C   1 
ATOM   1230 O O   . ALA B 1 71 ? 2.739   16.715  9.421   1.00 23.62  ? 105 ALA B O   1 
ATOM   1231 C CB  . ALA B 1 71 ? 2.951   13.448  8.716   1.00 34.57  ? 105 ALA B CB  1 
ATOM   1232 N N   . ARG B 1 72 ? 1.478   15.333  10.671  1.00 29.63  ? 106 ARG B N   1 
ATOM   1233 C CA  . ARG B 1 72 ? 0.444   16.332  10.918  1.00 30.97  ? 106 ARG B CA  1 
ATOM   1234 C C   . ARG B 1 72 ? 0.994   17.544  11.659  1.00 37.19  ? 106 ARG B C   1 
ATOM   1235 O O   . ARG B 1 72 ? 0.621   18.680  11.367  1.00 42.72  ? 106 ARG B O   1 
ATOM   1236 C CB  . ARG B 1 72 ? -0.719  15.718  11.700  1.00 30.25  ? 106 ARG B CB  1 
ATOM   1237 C CG  . ARG B 1 72 ? -1.363  14.531  11.010  1.00 35.54  ? 106 ARG B CG  1 
ATOM   1238 C CD  . ARG B 1 72 ? -1.849  14.889  9.617   1.00 28.95  ? 106 ARG B CD  1 
ATOM   1239 N NE  . ARG B 1 72 ? -2.406  13.728  8.933   1.00 33.94  ? 106 ARG B NE  1 
ATOM   1240 C CZ  . ARG B 1 72 ? -1.735  12.978  8.066   1.00 34.70  ? 106 ARG B CZ  1 
ATOM   1241 N NH1 . ARG B 1 72 ? -0.477  13.274  7.765   1.00 26.02  ? 106 ARG B NH1 1 
ATOM   1242 N NH2 . ARG B 1 72 ? -2.323  11.936  7.495   1.00 35.48  ? 106 ARG B NH2 1 
ATOM   1243 N N   . ARG B 1 73 ? 1.881   17.301  12.620  1.00 30.14  ? 107 ARG B N   1 
ATOM   1244 C CA  . ARG B 1 73 ? 2.478   18.387  13.389  1.00 38.19  ? 107 ARG B CA  1 
ATOM   1245 C C   . ARG B 1 73 ? 3.494   19.173  12.559  1.00 29.98  ? 107 ARG B C   1 
ATOM   1246 O O   . ARG B 1 73 ? 3.763   20.342  12.837  1.00 27.99  ? 107 ARG B O   1 
ATOM   1247 C CB  . ARG B 1 73 ? 3.098   17.860  14.686  1.00 39.05  ? 107 ARG B CB  1 
ATOM   1248 C CG  . ARG B 1 73 ? 2.057   17.380  15.693  1.00 55.44  ? 107 ARG B CG  1 
ATOM   1249 C CD  . ARG B 1 73 ? 2.683   16.960  17.013  1.00 66.12  ? 107 ARG B CD  1 
ATOM   1250 N NE  . ARG B 1 73 ? 3.556   15.800  16.864  1.00 76.02  ? 107 ARG B NE  1 
ATOM   1251 C CZ  . ARG B 1 73 ? 4.882   15.863  16.835  1.00 76.43  ? 107 ARG B CZ  1 
ATOM   1252 N NH1 . ARG B 1 73 ? 5.495   17.033  16.951  1.00 72.73  ? 107 ARG B NH1 1 
ATOM   1253 N NH2 . ARG B 1 73 ? 5.597   14.755  16.693  1.00 75.91  ? 107 ARG B NH2 1 
ATOM   1254 N N   . HIS B 1 74 ? 4.052   18.526  11.540  1.00 26.97  ? 108 HIS B N   1 
ATOM   1255 C CA  . HIS B 1 74 ? 4.864   19.215  10.544  1.00 31.14  ? 108 HIS B CA  1 
ATOM   1256 C C   . HIS B 1 74 ? 3.938   19.822  9.497   1.00 30.86  ? 108 HIS B C   1 
ATOM   1257 O O   . HIS B 1 74 ? 4.388   20.476  8.555   1.00 25.45  ? 108 HIS B O   1 
ATOM   1258 C CB  . HIS B 1 74 ? 5.810   18.242  9.844   1.00 37.04  ? 108 HIS B CB  1 
ATOM   1259 C CG  . HIS B 1 74 ? 7.013   17.864  10.651  1.00 39.73  ? 108 HIS B CG  1 
ATOM   1260 N ND1 . HIS B 1 74 ? 7.000   16.837  11.571  1.00 36.94  ? 108 HIS B ND1 1 
ATOM   1261 C CD2 . HIS B 1 74 ? 8.276   18.347  10.645  1.00 50.47  ? 108 HIS B CD2 1 
ATOM   1262 C CE1 . HIS B 1 74 ? 8.201   16.713  12.106  1.00 47.41  ? 108 HIS B CE1 1 
ATOM   1263 N NE2 . HIS B 1 74 ? 8.995   17.615  11.560  1.00 49.67  ? 108 HIS B NE2 1 
ATOM   1264 N N   . GLN B 1 75 ? 2.642   19.581  9.665   1.00 25.79  ? 109 GLN B N   1 
ATOM   1265 C CA  . GLN B 1 75 ? 1.628   20.032  8.719   1.00 25.62  ? 109 GLN B CA  1 
ATOM   1266 C C   . GLN B 1 75 ? 1.845   19.461  7.321   1.00 25.32  ? 109 GLN B C   1 
ATOM   1267 O O   . GLN B 1 75 ? 1.682   20.157  6.321   1.00 28.65  ? 109 GLN B O   1 
ATOM   1268 C CB  . GLN B 1 75 ? 1.555   21.560  8.677   1.00 31.05  ? 109 GLN B CB  1 
ATOM   1269 C CG  . GLN B 1 75 ? 1.442   22.202  10.049  1.00 35.97  ? 109 GLN B CG  1 
ATOM   1270 C CD  . GLN B 1 75 ? 0.816   23.578  9.995   1.00 43.69  ? 109 GLN B CD  1 
ATOM   1271 O OE1 . GLN B 1 75 ? 1.467   24.585  10.267  1.00 53.28  ? 109 GLN B OE1 1 
ATOM   1272 N NE2 . GLN B 1 75 ? -0.457  23.627  9.640   1.00 67.79  ? 109 GLN B NE2 1 
ATOM   1273 N N   . HIS B 1 76 ? 2.220   18.187  7.264   1.00 30.82  ? 110 HIS B N   1 
ATOM   1274 C CA  . HIS B 1 76 ? 2.311   17.470  5.999   1.00 22.96  ? 110 HIS B CA  1 
ATOM   1275 C C   . HIS B 1 76 ? 1.213   16.411  5.931   1.00 26.41  ? 110 HIS B C   1 
ATOM   1276 O O   . HIS B 1 76 ? 0.776   15.897  6.960   1.00 27.39  ? 110 HIS B O   1 
ATOM   1277 C CB  . HIS B 1 76 ? 3.683   16.818  5.834   1.00 24.31  ? 110 HIS B CB  1 
ATOM   1278 C CG  . HIS B 1 76 ? 4.824   17.791  5.865   1.00 28.50  ? 110 HIS B CG  1 
ATOM   1279 N ND1 . HIS B 1 76 ? 4.842   18.937  5.101   1.00 30.70  ? 110 HIS B ND1 1 
ATOM   1280 C CD2 . HIS B 1 76 ? 5.987   17.775  6.555   1.00 23.51  ? 110 HIS B CD2 1 
ATOM   1281 C CE1 . HIS B 1 76 ? 5.967   19.595  5.330   1.00 39.22  ? 110 HIS B CE1 1 
ATOM   1282 N NE2 . HIS B 1 76 ? 6.679   18.911  6.205   1.00 27.89  ? 110 HIS B NE2 1 
ATOM   1283 N N   . PRO B 1 77 ? 0.758   16.090  4.712   1.00 30.98  ? 111 PRO B N   1 
ATOM   1284 C CA  . PRO B 1 77 ? -0.330  15.133  4.488   1.00 28.51  ? 111 PRO B CA  1 
ATOM   1285 C C   . PRO B 1 77 ? 0.156   13.690  4.366   1.00 34.00  ? 111 PRO B C   1 
ATOM   1286 O O   . PRO B 1 77 ? -0.598  12.841  3.889   1.00 37.02  ? 111 PRO B O   1 
ATOM   1287 C CB  . PRO B 1 77 ? -0.916  15.578  3.140   1.00 29.42  ? 111 PRO B CB  1 
ATOM   1288 C CG  . PRO B 1 77 ? -0.123  16.808  2.717   1.00 41.01  ? 111 PRO B CG  1 
ATOM   1289 C CD  . PRO B 1 77 ? 1.159   16.752  3.464   1.00 23.22  ? 111 PRO B CD  1 
ATOM   1290 N N   . LEU B 1 78 ? 1.389   13.417  4.784   1.00 29.05  ? 112 LEU B N   1 
ATOM   1291 C CA  . LEU B 1 78 ? 1.968   12.085  4.618   1.00 30.71  ? 112 LEU B CA  1 
ATOM   1292 C C   . LEU B 1 78 ? 1.040   10.983  5.121   1.00 30.91  ? 112 LEU B C   1 
ATOM   1293 O O   . LEU B 1 78 ? 0.650   10.971  6.288   1.00 32.16  ? 112 LEU B O   1 
ATOM   1294 C CB  . LEU B 1 78 ? 3.324   11.992  5.318   1.00 28.58  ? 112 LEU B CB  1 
ATOM   1295 C CG  . LEU B 1 78 ? 4.095   10.685  5.109   1.00 27.63  ? 112 LEU B CG  1 
ATOM   1296 C CD1 . LEU B 1 78 ? 4.307   10.413  3.624   1.00 26.37  ? 112 LEU B CD1 1 
ATOM   1297 C CD2 . LEU B 1 78 ? 5.423   10.725  5.844   1.00 24.48  ? 112 LEU B CD2 1 
ATOM   1298 N N   . GLN B 1 79 ? 0.692   10.060  4.231   1.00 30.44  ? 113 GLN B N   1 
ATOM   1299 C CA  . GLN B 1 79 ? -0.184  8.947   4.578   1.00 32.53  ? 113 GLN B CA  1 
ATOM   1300 C C   . GLN B 1 79 ? 0.612   7.705   4.951   1.00 38.79  ? 113 GLN B C   1 
ATOM   1301 O O   . GLN B 1 79 ? 1.556   7.326   4.256   1.00 31.18  ? 113 GLN B O   1 
ATOM   1302 C CB  . GLN B 1 79 ? -1.137  8.630   3.425   1.00 38.63  ? 113 GLN B CB  1 
ATOM   1303 C CG  . GLN B 1 79 ? -2.191  9.693   3.193   1.00 54.81  ? 113 GLN B CG  1 
ATOM   1304 C CD  . GLN B 1 79 ? -3.008  9.970   4.437   1.00 68.92  ? 113 GLN B CD  1 
ATOM   1305 O OE1 . GLN B 1 79 ? -3.294  9.066   5.222   1.00 72.24  ? 113 GLN B OE1 1 
ATOM   1306 N NE2 . GLN B 1 79 ? -3.392  11.227  4.624   1.00 73.96  ? 113 GLN B NE2 1 
ATOM   1307 N N   . CYS B 1 80 ? 0.222   7.074   6.050   1.00 33.10  ? 114 CYS B N   1 
ATOM   1308 C CA  . CYS B 1 80 ? 0.898   5.878   6.530   1.00 32.40  ? 114 CYS B CA  1 
ATOM   1309 C C   . CYS B 1 80 ? -0.119  4.855   7.013   1.00 34.49  ? 114 CYS B C   1 
ATOM   1310 O O   . CYS B 1 80 ? -1.050  5.189   7.746   1.00 32.17  ? 114 CYS B O   1 
ATOM   1311 C CB  . CYS B 1 80 ? 1.867   6.234   7.658   1.00 27.98  ? 114 CYS B CB  1 
ATOM   1312 S SG  . CYS B 1 80 ? 2.937   4.879   8.182   1.00 34.24  ? 114 CYS B SG  1 
ATOM   1313 N N   . THR B 1 81 ? 0.059   3.606   6.597   1.00 33.16  ? 115 THR B N   1 
ATOM   1314 C CA  . THR B 1 81 ? -0.851  2.538   6.984   1.00 26.99  ? 115 THR B CA  1 
ATOM   1315 C C   . THR B 1 81 ? -0.087  1.226   7.104   1.00 27.15  ? 115 THR B C   1 
ATOM   1316 O O   . THR B 1 81 ? 1.136   1.203   6.986   1.00 29.29  ? 115 THR B O   1 
ATOM   1317 C CB  . THR B 1 81 ? -1.993  2.377   5.965   1.00 30.79  ? 115 THR B CB  1 
ATOM   1318 O OG1 . THR B 1 81 ? -2.966  1.453   6.468   1.00 36.77  ? 115 THR B OG1 1 
ATOM   1319 C CG2 . THR B 1 81 ? -1.451  1.873   4.636   1.00 27.08  ? 115 THR B CG2 1 
ATOM   1320 N N   . MET B 1 82 ? -0.810  0.137   7.336   1.00 25.88  ? 116 MET B N   1 
ATOM   1321 C CA  . MET B 1 82 ? -0.179  -1.163  7.517   1.00 26.79  ? 116 MET B CA  1 
ATOM   1322 C C   . MET B 1 82 ? -1.022  -2.284  6.923   1.00 32.25  ? 116 MET B C   1 
ATOM   1323 O O   . MET B 1 82 ? -2.233  -2.142  6.757   1.00 32.03  ? 116 MET B O   1 
ATOM   1324 C CB  . MET B 1 82 ? 0.056   -1.427  9.006   1.00 28.20  ? 116 MET B CB  1 
ATOM   1325 C CG  . MET B 1 82 ? -1.180  -1.219  9.869   1.00 39.37  ? 116 MET B CG  1 
ATOM   1326 S SD  . MET B 1 82 ? -0.847  -1.378  11.636  1.00 42.34  ? 116 MET B SD  1 
ATOM   1327 C CE  . MET B 1 82 ? -0.607  -3.145  11.775  1.00 33.69  ? 116 MET B CE  1 
ATOM   1328 N N   . GLU B 1 83 ? -0.372  -3.396  6.597   1.00 32.69  ? 117 GLU B N   1 
ATOM   1329 C CA  . GLU B 1 83 ? -1.077  -4.598  6.164   1.00 27.28  ? 117 GLU B CA  1 
ATOM   1330 C C   . GLU B 1 83 ? -0.308  -5.851  6.564   1.00 28.36  ? 117 GLU B C   1 
ATOM   1331 O O   . GLU B 1 83 ? 0.901   -5.796  6.799   1.00 22.74  ? 117 GLU B O   1 
ATOM   1332 C CB  . GLU B 1 83 ? -1.335  -4.577  4.654   1.00 51.09  ? 117 GLU B CB  1 
ATOM   1333 C CG  . GLU B 1 83 ? -0.082  -4.606  3.792   1.00 80.34  ? 117 GLU B CG  1 
ATOM   1334 C CD  . GLU B 1 83 ? -0.410  -4.546  2.313   1.00 104.53 ? 117 GLU B CD  1 
ATOM   1335 O OE1 . GLU B 1 83 ? -1.590  -4.759  1.965   1.00 119.47 ? 117 GLU B OE1 1 
ATOM   1336 O OE2 . GLU B 1 83 ? 0.504   -4.285  1.500   1.00 103.82 ? 117 GLU B OE2 1 
ATOM   1337 N N   . LYS B 1 84 ? -1.018  -6.972  6.650   1.00 28.64  ? 118 LYS B N   1 
ATOM   1338 C CA  . LYS B 1 84 ? -0.401  -8.252  6.987   1.00 34.33  ? 118 LYS B CA  1 
ATOM   1339 C C   . LYS B 1 84 ? 0.795   -8.534  6.094   1.00 28.90  ? 118 LYS B C   1 
ATOM   1340 O O   . LYS B 1 84 ? 0.737   -8.323  4.884   1.00 33.78  ? 118 LYS B O   1 
ATOM   1341 C CB  . LYS B 1 84 ? -1.404  -9.396  6.838   1.00 39.34  ? 118 LYS B CB  1 
ATOM   1342 C CG  . LYS B 1 84 ? -2.400  -9.524  7.975   1.00 53.93  ? 118 LYS B CG  1 
ATOM   1343 C CD  . LYS B 1 84 ? -3.560  -10.431 7.578   1.00 66.55  ? 118 LYS B CD  1 
ATOM   1344 C CE  . LYS B 1 84 ? -3.249  -11.903 7.809   1.00 68.91  ? 118 LYS B CE  1 
ATOM   1345 N NZ  . LYS B 1 84 ? -3.555  -12.313 9.208   1.00 76.66  ? 118 LYS B NZ  1 
ATOM   1346 N N   . ASP B 1 85 ? 1.874   -9.018  6.696   1.00 31.68  ? 119 ASP B N   1 
ATOM   1347 C CA  . ASP B 1 85 ? 3.053   -9.417  5.943   1.00 38.10  ? 119 ASP B CA  1 
ATOM   1348 C C   . ASP B 1 85 ? 2.821   -10.786 5.314   1.00 63.29  ? 119 ASP B C   1 
ATOM   1349 O O   . ASP B 1 85 ? 3.666   -11.313 4.591   1.00 74.81  ? 119 ASP B O   1 
ATOM   1350 C CB  . ASP B 1 85 ? 4.283   -9.456  6.850   1.00 46.18  ? 119 ASP B CB  1 
ATOM   1351 C CG  . ASP B 1 85 ? 5.572   -9.646  6.076   1.00 61.50  ? 119 ASP B CG  1 
ATOM   1352 O OD1 . ASP B 1 85 ? 5.677   -9.111  4.951   1.00 64.09  ? 119 ASP B OD1 1 
ATOM   1353 O OD2 . ASP B 1 85 ? 6.481   -10.329 6.593   1.00 63.43  ? 119 ASP B OD2 1 
ATOM   1354 O OXT . ASP B 1 85 ? 1.774   -11.400 5.523   1.00 63.54  ? 119 ASP B OXT 1 
HETATM 1355 O O   . HOH C 2 .  ? -19.288 2.777   -3.630  1.00 36.84  ? 1   HOH A O   1 
HETATM 1356 O O   . HOH C 2 .  ? -20.973 0.103   -5.492  1.00 39.22  ? 6   HOH A O   1 
HETATM 1357 O O   . HOH C 2 .  ? 9.090   -4.010  -4.148  1.00 47.59  ? 9   HOH A O   1 
HETATM 1358 O O   . HOH C 2 .  ? -15.632 4.161   -1.969  1.00 58.12  ? 10  HOH A O   1 
HETATM 1359 O O   . HOH C 2 .  ? 1.684   -16.240 -10.299 1.00 31.13  ? 22  HOH A O   1 
HETATM 1360 O O   . HOH C 2 .  ? 0.617   -16.944 -7.729  1.00 38.10  ? 26  HOH A O   1 
HETATM 1361 O O   . HOH C 2 .  ? -2.622  -15.176 -5.001  1.00 31.61  ? 31  HOH A O   1 
HETATM 1362 O O   . HOH C 2 .  ? -3.372  5.707   -14.408 1.00 44.46  ? 120 HOH A O   1 
HETATM 1363 O O   . HOH C 2 .  ? -18.402 -15.828 -6.471  1.00 33.05  ? 121 HOH A O   1 
HETATM 1364 O O   . HOH C 2 .  ? -7.307  4.053   -5.456  1.00 28.96  ? 122 HOH A O   1 
HETATM 1365 O O   . HOH C 2 .  ? 2.700   -15.361 0.456   1.00 37.80  ? 123 HOH A O   1 
HETATM 1366 O O   . HOH C 2 .  ? -9.052  3.965   4.379   1.00 38.48  ? 124 HOH A O   1 
HETATM 1367 O O   . HOH C 2 .  ? -16.339 9.372   -14.101 1.00 34.38  ? 125 HOH A O   1 
HETATM 1368 O O   . HOH C 2 .  ? -13.688 4.767   -21.530 1.00 42.00  ? 126 HOH A O   1 
HETATM 1369 O O   . HOH C 2 .  ? -11.502 -16.361 -3.538  1.00 49.53  ? 127 HOH A O   1 
HETATM 1370 O O   . HOH C 2 .  ? 8.823   -13.606 -9.384  1.00 42.86  ? 128 HOH A O   1 
HETATM 1371 O O   . HOH C 2 .  ? -16.593 4.944   6.063   1.00 48.07  ? 129 HOH A O   1 
HETATM 1372 O O   . HOH C 2 .  ? -9.614  -9.637  5.422   1.00 56.76  ? 130 HOH A O   1 
HETATM 1373 O O   . HOH C 2 .  ? -19.361 -7.160  -9.369  1.00 47.24  ? 131 HOH A O   1 
HETATM 1374 O O   . HOH C 2 .  ? -13.104 -4.886  -17.690 1.00 43.06  ? 132 HOH A O   1 
HETATM 1375 O O   . HOH C 2 .  ? -2.176  5.467   -11.563 1.00 55.75  ? 133 HOH A O   1 
HETATM 1376 O O   . HOH C 2 .  ? -13.827 -14.400 3.112   1.00 42.59  ? 134 HOH A O   1 
HETATM 1377 O O   . HOH C 2 .  ? -18.331 0.691   -12.648 1.00 48.14  ? 135 HOH A O   1 
HETATM 1378 O O   . HOH C 2 .  ? -5.152  6.039   -1.305  1.00 49.20  ? 136 HOH A O   1 
HETATM 1379 O O   . HOH D 2 .  ? 12.569  18.006  0.449   1.00 44.02  ? 2   HOH B O   1 
HETATM 1380 O O   . HOH D 2 .  ? 2.027   -9.454  15.198  1.00 29.37  ? 3   HOH B O   1 
HETATM 1381 O O   . HOH D 2 .  ? -3.947  -6.239  6.560   1.00 27.48  ? 4   HOH B O   1 
HETATM 1382 O O   . HOH D 2 .  ? -0.967  18.199  7.442   1.00 21.17  ? 5   HOH B O   1 
HETATM 1383 O O   . HOH D 2 .  ? 11.578  -3.756  9.465   1.00 35.58  ? 8   HOH B O   1 
HETATM 1384 O O   . HOH D 2 .  ? 5.498   -1.005  -2.936  1.00 71.42  ? 11  HOH B O   1 
HETATM 1385 O O   . HOH D 2 .  ? 5.962   11.748  -0.621  1.00 49.01  ? 21  HOH B O   1 
HETATM 1386 O O   . HOH D 2 .  ? 12.717  -0.613  12.092  1.00 52.13  ? 23  HOH B O   1 
HETATM 1387 O O   . HOH D 2 .  ? 10.435  17.613  -1.952  1.00 37.67  ? 25  HOH B O   1 
HETATM 1388 O O   . HOH D 2 .  ? 0.967   10.450  1.584   1.00 27.92  ? 28  HOH B O   1 
HETATM 1389 O O   . HOH D 2 .  ? 7.147   21.391  8.391   1.00 41.43  ? 30  HOH B O   1 
HETATM 1390 O O   . HOH D 2 .  ? 19.008  0.807   7.446   1.00 32.09  ? 32  HOH B O   1 
HETATM 1391 O O   . HOH D 2 .  ? -4.492  12.661  10.357  1.00 32.53  ? 120 HOH B O   1 
HETATM 1392 O O   . HOH D 2 .  ? -1.681  12.551  1.338   1.00 44.67  ? 121 HOH B O   1 
HETATM 1393 O O   . HOH D 2 .  ? -2.168  14.555  -0.509  1.00 36.22  ? 122 HOH B O   1 
HETATM 1394 O O   . HOH D 2 .  ? 9.558   19.397  7.005   1.00 53.07  ? 123 HOH B O   1 
HETATM 1395 O O   . HOH D 2 .  ? 8.653   -1.362  -1.054  1.00 39.69  ? 124 HOH B O   1 
HETATM 1396 O O   . HOH D 2 .  ? 5.435   11.450  16.162  1.00 38.87  ? 125 HOH B O   1 
HETATM 1397 O O   . HOH D 2 .  ? -3.478  4.208   8.790   1.00 36.32  ? 126 HOH B O   1 
HETATM 1398 O O   . HOH D 2 .  ? 6.235   14.915  -2.722  1.00 49.76  ? 127 HOH B O   1 
HETATM 1399 O O   . HOH D 2 .  ? 5.486   -6.511  20.066  1.00 35.02  ? 128 HOH B O   1 
HETATM 1400 O O   . HOH D 2 .  ? 11.792  17.431  7.499   1.00 55.85  ? 129 HOH B O   1 
# 
loop_
_pdbx_poly_seq_scheme.asym_id 
_pdbx_poly_seq_scheme.entity_id 
_pdbx_poly_seq_scheme.seq_id 
_pdbx_poly_seq_scheme.mon_id 
_pdbx_poly_seq_scheme.ndb_seq_num 
_pdbx_poly_seq_scheme.pdb_seq_num 
_pdbx_poly_seq_scheme.auth_seq_num 
_pdbx_poly_seq_scheme.pdb_mon_id 
_pdbx_poly_seq_scheme.auth_mon_id 
_pdbx_poly_seq_scheme.pdb_strand_id 
_pdbx_poly_seq_scheme.pdb_ins_code 
_pdbx_poly_seq_scheme.hetero 
A 1 1  THR 1  35  ?   ?   ?   A . n 
A 1 2  GLN 2  36  ?   ?   ?   A . n 
A 1 3  LYS 3  37  ?   ?   ?   A . n 
A 1 4  PRO 4  38  38  PRO PRO A . n 
A 1 5  SER 5  39  39  SER SER A . n 
A 1 6  LEU 6  40  40  LEU LEU A . n 
A 1 7  TYR 7  41  41  TYR TYR A . n 
A 1 8  ARG 8  42  42  ARG ARG A . n 
A 1 9  VAL 9  43  43  VAL VAL A . n 
A 1 10 LEU 10 44  44  LEU LEU A . n 
A 1 11 ILE 11 45  45  ILE ILE A . n 
A 1 12 LEU 12 46  46  LEU LEU A . n 
A 1 13 ASN 13 47  47  ASN ASN A . n 
A 1 14 ASP 14 48  48  ASP ASP A . n 
A 1 15 ASP 15 49  49  ASP ASP A . n 
A 1 16 TYR 16 50  50  TYR TYR A . n 
A 1 17 THR 17 51  51  THR THR A . n 
A 1 18 PRO 18 52  52  PRO PRO A . n 
A 1 19 MET 19 53  53  MET MET A . n 
A 1 20 GLU 20 54  54  GLU GLU A . n 
A 1 21 PHE 21 55  55  PHE PHE A . n 
A 1 22 VAL 22 56  56  VAL VAL A . n 
A 1 23 VAL 23 57  57  VAL VAL A . n 
A 1 24 TYR 24 58  58  TYR TYR A . n 
A 1 25 VAL 25 59  59  VAL VAL A . n 
A 1 26 LEU 26 60  60  LEU LEU A . n 
A 1 27 GLU 27 61  61  GLU GLU A . n 
A 1 28 ARG 28 62  62  ARG ARG A . n 
A 1 29 PHE 29 63  63  PHE PHE A . n 
A 1 30 PHE 30 64  64  PHE PHE A . n 
A 1 31 ASN 31 65  65  ASN ASN A . n 
A 1 32 LYS 32 66  66  LYS LYS A . n 
A 1 33 SER 33 67  67  SER SER A . n 
A 1 34 ARG 34 68  68  ARG ARG A . n 
A 1 35 GLU 35 69  69  GLU GLU A . n 
A 1 36 ASP 36 70  70  ASP ASP A . n 
A 1 37 ALA 37 71  71  ALA ALA A . n 
A 1 38 THR 38 72  72  THR THR A . n 
A 1 39 ARG 39 73  73  ARG ARG A . n 
A 1 40 ILE 40 74  74  ILE ILE A . n 
A 1 41 MET 41 75  75  MET MET A . n 
A 1 42 LEU 42 76  76  LEU LEU A . n 
A 1 43 HIS 43 77  77  HIS HIS A . n 
A 1 44 VAL 44 78  78  VAL VAL A . n 
A 1 45 HIS 45 79  79  HIS HIS A . n 
A 1 46 GLN 46 80  80  GLN GLN A . n 
A 1 47 ASN 47 81  81  ASN ASN A . n 
A 1 48 GLY 48 82  82  GLY GLY A . n 
A 1 49 VAL 49 83  83  VAL VAL A . n 
A 1 50 GLY 50 84  84  GLY GLY A . n 
A 1 51 VAL 51 85  85  VAL VAL A . n 
A 1 52 CYS 52 86  86  CYS CYS A . n 
A 1 53 GLY 53 87  87  GLY GLY A . n 
A 1 54 VAL 54 88  88  VAL VAL A . n 
A 1 55 TYR 55 89  89  TYR TYR A . n 
A 1 56 THR 56 90  90  THR THR A . n 
A 1 57 TYR 57 91  91  TYR TYR A . n 
A 1 58 GLU 58 92  92  GLU GLU A . n 
A 1 59 VAL 59 93  93  VAL VAL A . n 
A 1 60 ALA 60 94  94  ALA ALA A . n 
A 1 61 GLU 61 95  95  GLU GLU A . n 
A 1 62 THR 62 96  96  THR THR A . n 
A 1 63 LYS 63 97  97  LYS LYS A . n 
A 1 64 VAL 64 98  98  VAL VAL A . n 
A 1 65 ALA 65 99  99  ALA ALA A . n 
A 1 66 GLN 66 100 100 GLN GLN A . n 
A 1 67 VAL 67 101 101 VAL VAL A . n 
A 1 68 ILE 68 102 102 ILE ILE A . n 
A 1 69 ASP 69 103 103 ASP ASP A . n 
A 1 70 SER 70 104 104 SER SER A . n 
A 1 71 ALA 71 105 105 ALA ALA A . n 
A 1 72 ARG 72 106 106 ARG ARG A . n 
A 1 73 ARG 73 107 107 ARG ARG A . n 
A 1 74 HIS 74 108 108 HIS HIS A . n 
A 1 75 GLN 75 109 109 GLN GLN A . n 
A 1 76 HIS 76 110 110 HIS HIS A . n 
A 1 77 PRO 77 111 111 PRO PRO A . n 
A 1 78 LEU 78 112 112 LEU LEU A . n 
A 1 79 GLN 79 113 113 GLN GLN A . n 
A 1 80 CYS 80 114 114 CYS CYS A . n 
A 1 81 THR 81 115 115 THR THR A . n 
A 1 82 MET 82 116 116 MET MET A . n 
A 1 83 GLU 83 117 117 GLU GLU A . n 
A 1 84 LYS 84 118 118 LYS LYS A . n 
A 1 85 ASP 85 119 119 ASP ASP A . n 
B 1 1  THR 1  35  ?   ?   ?   B . n 
B 1 2  GLN 2  36  36  GLN GLN B . n 
B 1 3  LYS 3  37  37  LYS LYS B . n 
B 1 4  PRO 4  38  38  PRO PRO B . n 
B 1 5  SER 5  39  39  SER SER B . n 
B 1 6  LEU 6  40  40  LEU LEU B . n 
B 1 7  TYR 7  41  41  TYR TYR B . n 
B 1 8  ARG 8  42  42  ARG ARG B . n 
B 1 9  VAL 9  43  43  VAL VAL B . n 
B 1 10 LEU 10 44  44  LEU LEU B . n 
B 1 11 ILE 11 45  45  ILE ILE B . n 
B 1 12 LEU 12 46  46  LEU LEU B . n 
B 1 13 ASN 13 47  47  ASN ASN B . n 
B 1 14 ASP 14 48  48  ASP ASP B . n 
B 1 15 ASP 15 49  49  ASP ASP B . n 
B 1 16 TYR 16 50  50  TYR TYR B . n 
B 1 17 THR 17 51  51  THR THR B . n 
B 1 18 PRO 18 52  52  PRO PRO B . n 
B 1 19 MET 19 53  53  MET MET B . n 
B 1 20 GLU 20 54  54  GLU GLU B . n 
B 1 21 PHE 21 55  55  PHE PHE B . n 
B 1 22 VAL 22 56  56  VAL VAL B . n 
B 1 23 VAL 23 57  57  VAL VAL B . n 
B 1 24 TYR 24 58  58  TYR TYR B . n 
B 1 25 VAL 25 59  59  VAL VAL B . n 
B 1 26 LEU 26 60  60  LEU LEU B . n 
B 1 27 GLU 27 61  61  GLU GLU B . n 
B 1 28 ARG 28 62  62  ARG ARG B . n 
B 1 29 PHE 29 63  63  PHE PHE B . n 
B 1 30 PHE 30 64  64  PHE PHE B . n 
B 1 31 ASN 31 65  65  ASN ASN B . n 
B 1 32 LYS 32 66  66  LYS LYS B . n 
B 1 33 SER 33 67  67  SER SER B . n 
B 1 34 ARG 34 68  68  ARG ARG B . n 
B 1 35 GLU 35 69  69  GLU GLU B . n 
B 1 36 ASP 36 70  70  ASP ASP B . n 
B 1 37 ALA 37 71  71  ALA ALA B . n 
B 1 38 THR 38 72  72  THR THR B . n 
B 1 39 ARG 39 73  73  ARG ARG B . n 
B 1 40 ILE 40 74  74  ILE ILE B . n 
B 1 41 MET 41 75  75  MET MET B . n 
B 1 42 LEU 42 76  76  LEU LEU B . n 
B 1 43 HIS 43 77  77  HIS HIS B . n 
B 1 44 VAL 44 78  78  VAL VAL B . n 
B 1 45 HIS 45 79  79  HIS HIS B . n 
B 1 46 GLN 46 80  80  GLN GLN B . n 
B 1 47 ASN 47 81  81  ASN ASN B . n 
B 1 48 GLY 48 82  82  GLY GLY B . n 
B 1 49 VAL 49 83  83  VAL VAL B . n 
B 1 50 GLY 50 84  84  GLY GLY B . n 
B 1 51 VAL 51 85  85  VAL VAL B . n 
B 1 52 CYS 52 86  86  CYS CYS B . n 
B 1 53 GLY 53 87  87  GLY GLY B . n 
B 1 54 VAL 54 88  88  VAL VAL B . n 
B 1 55 TYR 55 89  89  TYR TYR B . n 
B 1 56 THR 56 90  90  THR THR B . n 
B 1 57 TYR 57 91  91  TYR TYR B . n 
B 1 58 GLU 58 92  92  GLU GLU B . n 
B 1 59 VAL 59 93  93  VAL VAL B . n 
B 1 60 ALA 60 94  94  ALA ALA B . n 
B 1 61 GLU 61 95  95  GLU GLU B . n 
B 1 62 THR 62 96  96  THR THR B . n 
B 1 63 LYS 63 97  97  LYS LYS B . n 
B 1 64 VAL 64 98  98  VAL VAL B . n 
B 1 65 ALA 65 99  99  ALA ALA B . n 
B 1 66 GLN 66 100 100 GLN GLN B . n 
B 1 67 VAL 67 101 101 VAL VAL B . n 
B 1 68 ILE 68 102 102 ILE ILE B . n 
B 1 69 ASP 69 103 103 ASP ASP B . n 
B 1 70 SER 70 104 104 SER SER B . n 
B 1 71 ALA 71 105 105 ALA ALA B . n 
B 1 72 ARG 72 106 106 ARG ARG B . n 
B 1 73 ARG 73 107 107 ARG ARG B . n 
B 1 74 HIS 74 108 108 HIS HIS B . n 
B 1 75 GLN 75 109 109 GLN GLN B . n 
B 1 76 HIS 76 110 110 HIS HIS B . n 
B 1 77 PRO 77 111 111 PRO PRO B . n 
B 1 78 LEU 78 112 112 LEU LEU B . n 
B 1 79 GLN 79 113 113 GLN GLN B . n 
B 1 80 CYS 80 114 114 CYS CYS B . n 
B 1 81 THR 81 115 115 THR THR B . n 
B 1 82 MET 82 116 116 MET MET B . n 
B 1 83 GLU 83 117 117 GLU GLU B . n 
B 1 84 LYS 84 118 118 LYS LYS B . n 
B 1 85 ASP 85 119 119 ASP ASP B . n 
# 
loop_
_pdbx_nonpoly_scheme.asym_id 
_pdbx_nonpoly_scheme.entity_id 
_pdbx_nonpoly_scheme.mon_id 
_pdbx_nonpoly_scheme.ndb_seq_num 
_pdbx_nonpoly_scheme.pdb_seq_num 
_pdbx_nonpoly_scheme.auth_seq_num 
_pdbx_nonpoly_scheme.pdb_mon_id 
_pdbx_nonpoly_scheme.auth_mon_id 
_pdbx_nonpoly_scheme.pdb_strand_id 
_pdbx_nonpoly_scheme.pdb_ins_code 
C 2 HOH 1  1   1  HOH HOH A . 
C 2 HOH 2  6   6  HOH HOH A . 
C 2 HOH 3  9   9  HOH HOH A . 
C 2 HOH 4  10  10 HOH HOH A . 
C 2 HOH 5  22  22 HOH HOH A . 
C 2 HOH 6  26  26 HOH HOH A . 
C 2 HOH 7  31  31 HOH HOH A . 
C 2 HOH 8  120 38 HOH HOH A . 
C 2 HOH 9  121 39 HOH HOH A . 
C 2 HOH 10 122 42 HOH HOH A . 
C 2 HOH 11 123 44 HOH HOH A . 
C 2 HOH 12 124 46 HOH HOH A . 
C 2 HOH 13 125 47 HOH HOH A . 
C 2 HOH 14 126 49 HOH HOH A . 
C 2 HOH 15 127 51 HOH HOH A . 
C 2 HOH 16 128 52 HOH HOH A . 
C 2 HOH 17 129 53 HOH HOH A . 
C 2 HOH 18 130 55 HOH HOH A . 
C 2 HOH 19 131 64 HOH HOH A . 
C 2 HOH 20 132 65 HOH HOH A . 
C 2 HOH 21 133 66 HOH HOH A . 
C 2 HOH 22 134 69 HOH HOH A . 
C 2 HOH 23 135 71 HOH HOH A . 
C 2 HOH 24 136 77 HOH HOH A . 
D 2 HOH 1  2   2  HOH HOH B . 
D 2 HOH 2  3   3  HOH HOH B . 
D 2 HOH 3  4   4  HOH HOH B . 
D 2 HOH 4  5   5  HOH HOH B . 
D 2 HOH 5  8   8  HOH HOH B . 
D 2 HOH 6  11  11 HOH HOH B . 
D 2 HOH 7  21  21 HOH HOH B . 
D 2 HOH 8  23  23 HOH HOH B . 
D 2 HOH 9  25  25 HOH HOH B . 
D 2 HOH 10 28  28 HOH HOH B . 
D 2 HOH 11 30  30 HOH HOH B . 
D 2 HOH 12 32  32 HOH HOH B . 
D 2 HOH 13 120 36 HOH HOH B . 
D 2 HOH 14 121 54 HOH HOH B . 
D 2 HOH 15 122 56 HOH HOH B . 
D 2 HOH 16 123 63 HOH HOH B . 
D 2 HOH 17 124 67 HOH HOH B . 
D 2 HOH 18 125 73 HOH HOH B . 
D 2 HOH 19 126 74 HOH HOH B . 
D 2 HOH 20 127 76 HOH HOH B . 
D 2 HOH 21 128 78 HOH HOH B . 
D 2 HOH 22 129 79 HOH HOH B . 
# 
loop_
_pdbx_struct_assembly.id 
_pdbx_struct_assembly.details 
_pdbx_struct_assembly.method_details 
_pdbx_struct_assembly.oligomeric_details 
_pdbx_struct_assembly.oligomeric_count 
1 author_and_software_defined_assembly PISA monomeric 1 
2 author_and_software_defined_assembly PISA monomeric 1 
# 
loop_
_pdbx_struct_assembly_gen.assembly_id 
_pdbx_struct_assembly_gen.oper_expression 
_pdbx_struct_assembly_gen.asym_id_list 
1 1 A,C 
2 1 B,D 
# 
_pdbx_struct_oper_list.id                   1 
_pdbx_struct_oper_list.type                 'identity operation' 
_pdbx_struct_oper_list.name                 1_555 
_pdbx_struct_oper_list.symmetry_operation   x,y,z 
_pdbx_struct_oper_list.matrix[1][1]         1.0000000000 
_pdbx_struct_oper_list.matrix[1][2]         0.0000000000 
_pdbx_struct_oper_list.matrix[1][3]         0.0000000000 
_pdbx_struct_oper_list.vector[1]            0.0000000000 
_pdbx_struct_oper_list.matrix[2][1]         0.0000000000 
_pdbx_struct_oper_list.matrix[2][2]         1.0000000000 
_pdbx_struct_oper_list.matrix[2][3]         0.0000000000 
_pdbx_struct_oper_list.vector[2]            0.0000000000 
_pdbx_struct_oper_list.matrix[3][1]         0.0000000000 
_pdbx_struct_oper_list.matrix[3][2]         0.0000000000 
_pdbx_struct_oper_list.matrix[3][3]         1.0000000000 
_pdbx_struct_oper_list.vector[3]            0.0000000000 
# 
loop_
_pdbx_audit_revision_history.ordinal 
_pdbx_audit_revision_history.data_content_type 
_pdbx_audit_revision_history.major_revision 
_pdbx_audit_revision_history.minor_revision 
_pdbx_audit_revision_history.revision_date 
1 'Structure model' 1 0 2009-04-28 
2 'Structure model' 1 1 2011-07-13 
3 'Structure model' 1 2 2017-11-01 
4 'Structure model' 1 3 2023-09-06 
# 
_pdbx_audit_revision_details.ordinal             1 
_pdbx_audit_revision_details.revision_ordinal    1 
_pdbx_audit_revision_details.data_content_type   'Structure model' 
_pdbx_audit_revision_details.provider            repository 
_pdbx_audit_revision_details.type                'Initial release' 
_pdbx_audit_revision_details.description         ? 
_pdbx_audit_revision_details.details             ? 
# 
loop_
_pdbx_audit_revision_group.ordinal 
_pdbx_audit_revision_group.revision_ordinal 
_pdbx_audit_revision_group.data_content_type 
_pdbx_audit_revision_group.group 
1 2 'Structure model' 'Version format compliance' 
2 3 'Structure model' 'Refinement description'    
3 4 'Structure model' 'Data collection'           
4 4 'Structure model' 'Database references'       
5 4 'Structure model' 'Refinement description'    
# 
loop_
_pdbx_audit_revision_category.ordinal 
_pdbx_audit_revision_category.revision_ordinal 
_pdbx_audit_revision_category.data_content_type 
_pdbx_audit_revision_category.category 
1 3 'Structure model' software                      
2 4 'Structure model' chem_comp_atom                
3 4 'Structure model' chem_comp_bond                
4 4 'Structure model' database_2                    
5 4 'Structure model' pdbx_initial_refinement_model 
6 4 'Structure model' struct_ncs_dom_lim            
# 
loop_
_pdbx_audit_revision_item.ordinal 
_pdbx_audit_revision_item.revision_ordinal 
_pdbx_audit_revision_item.data_content_type 
_pdbx_audit_revision_item.item 
1  3 'Structure model' '_software.classification'              
2  3 'Structure model' '_software.contact_author'              
3  3 'Structure model' '_software.contact_author_email'        
4  3 'Structure model' '_software.date'                        
5  3 'Structure model' '_software.language'                    
6  3 'Structure model' '_software.location'                    
7  3 'Structure model' '_software.name'                        
8  3 'Structure model' '_software.type'                        
9  3 'Structure model' '_software.version'                     
10 4 'Structure model' '_database_2.pdbx_DOI'                  
11 4 'Structure model' '_database_2.pdbx_database_accession'   
12 4 'Structure model' '_struct_ncs_dom_lim.beg_auth_comp_id'  
13 4 'Structure model' '_struct_ncs_dom_lim.beg_label_comp_id' 
14 4 'Structure model' '_struct_ncs_dom_lim.beg_label_seq_id'  
15 4 'Structure model' '_struct_ncs_dom_lim.end_auth_comp_id'  
16 4 'Structure model' '_struct_ncs_dom_lim.end_label_comp_id' 
17 4 'Structure model' '_struct_ncs_dom_lim.end_label_seq_id'  
# 
loop_
_software.name 
_software.version 
_software.date 
_software.type 
_software.contact_author 
_software.contact_author_email 
_software.classification 
_software.location 
_software.language 
_software.citation_id 
_software.pdbx_ordinal 
DENZO       .     ?               package 'Zbyszek Otwinowski' hkl@hkl-xray.com      'data reduction'  http://www.hkl-xray.com/ ? 
? 1 
SCALEPACK   .     ?               package 'Zbyszek Otwinowski' hkl@hkl-xray.com      'data scaling'    http://www.hkl-xray.com/ ? 
? 2 
PHENIX      .     ?               package 'Paul D. Adams'      PDAdams@lbl.gov       refinement        
http://www.phenix-online.org/             C++ ? 3 
PDB_EXTRACT 3.006 'June 11, 2008' package PDB                  help@deposit.rcsb.org 'data extraction' 
http://sw-tools.pdb.org/apps/PDB_EXTRACT/ C++ ? 4 
HKL-2000    .     ?               ?       ?                    ?                     'data collection' ? ?   ? 5 
HKL-2000    .     ?               ?       ?                    ?                     'data reduction'  ? ?   ? 6 
# 
loop_
_pdbx_validate_torsion.id 
_pdbx_validate_torsion.PDB_model_num 
_pdbx_validate_torsion.auth_comp_id 
_pdbx_validate_torsion.auth_asym_id 
_pdbx_validate_torsion.auth_seq_id 
_pdbx_validate_torsion.PDB_ins_code 
_pdbx_validate_torsion.label_alt_id 
_pdbx_validate_torsion.phi 
_pdbx_validate_torsion.psi 
1 1 TYR A 50 ? ? -131.77 -38.70 
2 1 SER B 39 ? ? -35.12  139.45 
3 1 TYR B 50 ? ? -131.40 -38.70 
# 
loop_
_pdbx_unobs_or_zero_occ_atoms.id 
_pdbx_unobs_or_zero_occ_atoms.PDB_model_num 
_pdbx_unobs_or_zero_occ_atoms.polymer_flag 
_pdbx_unobs_or_zero_occ_atoms.occupancy_flag 
_pdbx_unobs_or_zero_occ_atoms.auth_asym_id 
_pdbx_unobs_or_zero_occ_atoms.auth_comp_id 
_pdbx_unobs_or_zero_occ_atoms.auth_seq_id 
_pdbx_unobs_or_zero_occ_atoms.PDB_ins_code 
_pdbx_unobs_or_zero_occ_atoms.auth_atom_id 
_pdbx_unobs_or_zero_occ_atoms.label_alt_id 
_pdbx_unobs_or_zero_occ_atoms.label_asym_id 
_pdbx_unobs_or_zero_occ_atoms.label_comp_id 
_pdbx_unobs_or_zero_occ_atoms.label_seq_id 
_pdbx_unobs_or_zero_occ_atoms.label_atom_id 
1 1 Y 1 B GLN 36 ? CG  ? B GLN 2 CG  
2 1 Y 1 B GLN 36 ? CD  ? B GLN 2 CD  
3 1 Y 1 B GLN 36 ? OE1 ? B GLN 2 OE1 
4 1 Y 1 B GLN 36 ? NE2 ? B GLN 2 NE2 
5 1 Y 1 B LYS 37 ? CG  ? B LYS 3 CG  
6 1 Y 1 B LYS 37 ? CD  ? B LYS 3 CD  
7 1 Y 1 B LYS 37 ? CE  ? B LYS 3 CE  
8 1 Y 1 B LYS 37 ? NZ  ? B LYS 3 NZ  
# 
loop_
_pdbx_unobs_or_zero_occ_residues.id 
_pdbx_unobs_or_zero_occ_residues.PDB_model_num 
_pdbx_unobs_or_zero_occ_residues.polymer_flag 
_pdbx_unobs_or_zero_occ_residues.occupancy_flag 
_pdbx_unobs_or_zero_occ_residues.auth_asym_id 
_pdbx_unobs_or_zero_occ_residues.auth_comp_id 
_pdbx_unobs_or_zero_occ_residues.auth_seq_id 
_pdbx_unobs_or_zero_occ_residues.PDB_ins_code 
_pdbx_unobs_or_zero_occ_residues.label_asym_id 
_pdbx_unobs_or_zero_occ_residues.label_comp_id 
_pdbx_unobs_or_zero_occ_residues.label_seq_id 
1 1 Y 1 A THR 35 ? A THR 1 
2 1 Y 1 A GLN 36 ? A GLN 2 
3 1 Y 1 A LYS 37 ? A LYS 3 
4 1 Y 1 B THR 35 ? B THR 1 
# 
loop_
_chem_comp_atom.comp_id 
_chem_comp_atom.atom_id 
_chem_comp_atom.type_symbol 
_chem_comp_atom.pdbx_aromatic_flag 
_chem_comp_atom.pdbx_stereo_config 
_chem_comp_atom.pdbx_ordinal 
ALA N    N N N 1   
ALA CA   C N S 2   
ALA C    C N N 3   
ALA O    O N N 4   
ALA CB   C N N 5   
ALA OXT  O N N 6   
ALA H    H N N 7   
ALA H2   H N N 8   
ALA HA   H N N 9   
ALA HB1  H N N 10  
ALA HB2  H N N 11  
ALA HB3  H N N 12  
ALA HXT  H N N 13  
ARG N    N N N 14  
ARG CA   C N S 15  
ARG C    C N N 16  
ARG O    O N N 17  
ARG CB   C N N 18  
ARG CG   C N N 19  
ARG CD   C N N 20  
ARG NE   N N N 21  
ARG CZ   C N N 22  
ARG NH1  N N N 23  
ARG NH2  N N N 24  
ARG OXT  O N N 25  
ARG H    H N N 26  
ARG H2   H N N 27  
ARG HA   H N N 28  
ARG HB2  H N N 29  
ARG HB3  H N N 30  
ARG HG2  H N N 31  
ARG HG3  H N N 32  
ARG HD2  H N N 33  
ARG HD3  H N N 34  
ARG HE   H N N 35  
ARG HH11 H N N 36  
ARG HH12 H N N 37  
ARG HH21 H N N 38  
ARG HH22 H N N 39  
ARG HXT  H N N 40  
ASN N    N N N 41  
ASN CA   C N S 42  
ASN C    C N N 43  
ASN O    O N N 44  
ASN CB   C N N 45  
ASN CG   C N N 46  
ASN OD1  O N N 47  
ASN ND2  N N N 48  
ASN OXT  O N N 49  
ASN H    H N N 50  
ASN H2   H N N 51  
ASN HA   H N N 52  
ASN HB2  H N N 53  
ASN HB3  H N N 54  
ASN HD21 H N N 55  
ASN HD22 H N N 56  
ASN HXT  H N N 57  
ASP N    N N N 58  
ASP CA   C N S 59  
ASP C    C N N 60  
ASP O    O N N 61  
ASP CB   C N N 62  
ASP CG   C N N 63  
ASP OD1  O N N 64  
ASP OD2  O N N 65  
ASP OXT  O N N 66  
ASP H    H N N 67  
ASP H2   H N N 68  
ASP HA   H N N 69  
ASP HB2  H N N 70  
ASP HB3  H N N 71  
ASP HD2  H N N 72  
ASP HXT  H N N 73  
CYS N    N N N 74  
CYS CA   C N R 75  
CYS C    C N N 76  
CYS O    O N N 77  
CYS CB   C N N 78  
CYS SG   S N N 79  
CYS OXT  O N N 80  
CYS H    H N N 81  
CYS H2   H N N 82  
CYS HA   H N N 83  
CYS HB2  H N N 84  
CYS HB3  H N N 85  
CYS HG   H N N 86  
CYS HXT  H N N 87  
GLN N    N N N 88  
GLN CA   C N S 89  
GLN C    C N N 90  
GLN O    O N N 91  
GLN CB   C N N 92  
GLN CG   C N N 93  
GLN CD   C N N 94  
GLN OE1  O N N 95  
GLN NE2  N N N 96  
GLN OXT  O N N 97  
GLN H    H N N 98  
GLN H2   H N N 99  
GLN HA   H N N 100 
GLN HB2  H N N 101 
GLN HB3  H N N 102 
GLN HG2  H N N 103 
GLN HG3  H N N 104 
GLN HE21 H N N 105 
GLN HE22 H N N 106 
GLN HXT  H N N 107 
GLU N    N N N 108 
GLU CA   C N S 109 
GLU C    C N N 110 
GLU O    O N N 111 
GLU CB   C N N 112 
GLU CG   C N N 113 
GLU CD   C N N 114 
GLU OE1  O N N 115 
GLU OE2  O N N 116 
GLU OXT  O N N 117 
GLU H    H N N 118 
GLU H2   H N N 119 
GLU HA   H N N 120 
GLU HB2  H N N 121 
GLU HB3  H N N 122 
GLU HG2  H N N 123 
GLU HG3  H N N 124 
GLU HE2  H N N 125 
GLU HXT  H N N 126 
GLY N    N N N 127 
GLY CA   C N N 128 
GLY C    C N N 129 
GLY O    O N N 130 
GLY OXT  O N N 131 
GLY H    H N N 132 
GLY H2   H N N 133 
GLY HA2  H N N 134 
GLY HA3  H N N 135 
GLY HXT  H N N 136 
HIS N    N N N 137 
HIS CA   C N S 138 
HIS C    C N N 139 
HIS O    O N N 140 
HIS CB   C N N 141 
HIS CG   C Y N 142 
HIS ND1  N Y N 143 
HIS CD2  C Y N 144 
HIS CE1  C Y N 145 
HIS NE2  N Y N 146 
HIS OXT  O N N 147 
HIS H    H N N 148 
HIS H2   H N N 149 
HIS HA   H N N 150 
HIS HB2  H N N 151 
HIS HB3  H N N 152 
HIS HD1  H N N 153 
HIS HD2  H N N 154 
HIS HE1  H N N 155 
HIS HE2  H N N 156 
HIS HXT  H N N 157 
HOH O    O N N 158 
HOH H1   H N N 159 
HOH H2   H N N 160 
ILE N    N N N 161 
ILE CA   C N S 162 
ILE C    C N N 163 
ILE O    O N N 164 
ILE CB   C N S 165 
ILE CG1  C N N 166 
ILE CG2  C N N 167 
ILE CD1  C N N 168 
ILE OXT  O N N 169 
ILE H    H N N 170 
ILE H2   H N N 171 
ILE HA   H N N 172 
ILE HB   H N N 173 
ILE HG12 H N N 174 
ILE HG13 H N N 175 
ILE HG21 H N N 176 
ILE HG22 H N N 177 
ILE HG23 H N N 178 
ILE HD11 H N N 179 
ILE HD12 H N N 180 
ILE HD13 H N N 181 
ILE HXT  H N N 182 
LEU N    N N N 183 
LEU CA   C N S 184 
LEU C    C N N 185 
LEU O    O N N 186 
LEU CB   C N N 187 
LEU CG   C N N 188 
LEU CD1  C N N 189 
LEU CD2  C N N 190 
LEU OXT  O N N 191 
LEU H    H N N 192 
LEU H2   H N N 193 
LEU HA   H N N 194 
LEU HB2  H N N 195 
LEU HB3  H N N 196 
LEU HG   H N N 197 
LEU HD11 H N N 198 
LEU HD12 H N N 199 
LEU HD13 H N N 200 
LEU HD21 H N N 201 
LEU HD22 H N N 202 
LEU HD23 H N N 203 
LEU HXT  H N N 204 
LYS N    N N N 205 
LYS CA   C N S 206 
LYS C    C N N 207 
LYS O    O N N 208 
LYS CB   C N N 209 
LYS CG   C N N 210 
LYS CD   C N N 211 
LYS CE   C N N 212 
LYS NZ   N N N 213 
LYS OXT  O N N 214 
LYS H    H N N 215 
LYS H2   H N N 216 
LYS HA   H N N 217 
LYS HB2  H N N 218 
LYS HB3  H N N 219 
LYS HG2  H N N 220 
LYS HG3  H N N 221 
LYS HD2  H N N 222 
LYS HD3  H N N 223 
LYS HE2  H N N 224 
LYS HE3  H N N 225 
LYS HZ1  H N N 226 
LYS HZ2  H N N 227 
LYS HZ3  H N N 228 
LYS HXT  H N N 229 
MET N    N N N 230 
MET CA   C N S 231 
MET C    C N N 232 
MET O    O N N 233 
MET CB   C N N 234 
MET CG   C N N 235 
MET SD   S N N 236 
MET CE   C N N 237 
MET OXT  O N N 238 
MET H    H N N 239 
MET H2   H N N 240 
MET HA   H N N 241 
MET HB2  H N N 242 
MET HB3  H N N 243 
MET HG2  H N N 244 
MET HG3  H N N 245 
MET HE1  H N N 246 
MET HE2  H N N 247 
MET HE3  H N N 248 
MET HXT  H N N 249 
PHE N    N N N 250 
PHE CA   C N S 251 
PHE C    C N N 252 
PHE O    O N N 253 
PHE CB   C N N 254 
PHE CG   C Y N 255 
PHE CD1  C Y N 256 
PHE CD2  C Y N 257 
PHE CE1  C Y N 258 
PHE CE2  C Y N 259 
PHE CZ   C Y N 260 
PHE OXT  O N N 261 
PHE H    H N N 262 
PHE H2   H N N 263 
PHE HA   H N N 264 
PHE HB2  H N N 265 
PHE HB3  H N N 266 
PHE HD1  H N N 267 
PHE HD2  H N N 268 
PHE HE1  H N N 269 
PHE HE2  H N N 270 
PHE HZ   H N N 271 
PHE HXT  H N N 272 
PRO N    N N N 273 
PRO CA   C N S 274 
PRO C    C N N 275 
PRO O    O N N 276 
PRO CB   C N N 277 
PRO CG   C N N 278 
PRO CD   C N N 279 
PRO OXT  O N N 280 
PRO H    H N N 281 
PRO HA   H N N 282 
PRO HB2  H N N 283 
PRO HB3  H N N 284 
PRO HG2  H N N 285 
PRO HG3  H N N 286 
PRO HD2  H N N 287 
PRO HD3  H N N 288 
PRO HXT  H N N 289 
SER N    N N N 290 
SER CA   C N S 291 
SER C    C N N 292 
SER O    O N N 293 
SER CB   C N N 294 
SER OG   O N N 295 
SER OXT  O N N 296 
SER H    H N N 297 
SER H2   H N N 298 
SER HA   H N N 299 
SER HB2  H N N 300 
SER HB3  H N N 301 
SER HG   H N N 302 
SER HXT  H N N 303 
THR N    N N N 304 
THR CA   C N S 305 
THR C    C N N 306 
THR O    O N N 307 
THR CB   C N R 308 
THR OG1  O N N 309 
THR CG2  C N N 310 
THR OXT  O N N 311 
THR H    H N N 312 
THR H2   H N N 313 
THR HA   H N N 314 
THR HB   H N N 315 
THR HG1  H N N 316 
THR HG21 H N N 317 
THR HG22 H N N 318 
THR HG23 H N N 319 
THR HXT  H N N 320 
TYR N    N N N 321 
TYR CA   C N S 322 
TYR C    C N N 323 
TYR O    O N N 324 
TYR CB   C N N 325 
TYR CG   C Y N 326 
TYR CD1  C Y N 327 
TYR CD2  C Y N 328 
TYR CE1  C Y N 329 
TYR CE2  C Y N 330 
TYR CZ   C Y N 331 
TYR OH   O N N 332 
TYR OXT  O N N 333 
TYR H    H N N 334 
TYR H2   H N N 335 
TYR HA   H N N 336 
TYR HB2  H N N 337 
TYR HB3  H N N 338 
TYR HD1  H N N 339 
TYR HD2  H N N 340 
TYR HE1  H N N 341 
TYR HE2  H N N 342 
TYR HH   H N N 343 
TYR HXT  H N N 344 
VAL N    N N N 345 
VAL CA   C N S 346 
VAL C    C N N 347 
VAL O    O N N 348 
VAL CB   C N N 349 
VAL CG1  C N N 350 
VAL CG2  C N N 351 
VAL OXT  O N N 352 
VAL H    H N N 353 
VAL H2   H N N 354 
VAL HA   H N N 355 
VAL HB   H N N 356 
VAL HG11 H N N 357 
VAL HG12 H N N 358 
VAL HG13 H N N 359 
VAL HG21 H N N 360 
VAL HG22 H N N 361 
VAL HG23 H N N 362 
VAL HXT  H N N 363 
# 
loop_
_chem_comp_bond.comp_id 
_chem_comp_bond.atom_id_1 
_chem_comp_bond.atom_id_2 
_chem_comp_bond.value_order 
_chem_comp_bond.pdbx_aromatic_flag 
_chem_comp_bond.pdbx_stereo_config 
_chem_comp_bond.pdbx_ordinal 
ALA N   CA   sing N N 1   
ALA N   H    sing N N 2   
ALA N   H2   sing N N 3   
ALA CA  C    sing N N 4   
ALA CA  CB   sing N N 5   
ALA CA  HA   sing N N 6   
ALA C   O    doub N N 7   
ALA C   OXT  sing N N 8   
ALA CB  HB1  sing N N 9   
ALA CB  HB2  sing N N 10  
ALA CB  HB3  sing N N 11  
ALA OXT HXT  sing N N 12  
ARG N   CA   sing N N 13  
ARG N   H    sing N N 14  
ARG N   H2   sing N N 15  
ARG CA  C    sing N N 16  
ARG CA  CB   sing N N 17  
ARG CA  HA   sing N N 18  
ARG C   O    doub N N 19  
ARG C   OXT  sing N N 20  
ARG CB  CG   sing N N 21  
ARG CB  HB2  sing N N 22  
ARG CB  HB3  sing N N 23  
ARG CG  CD   sing N N 24  
ARG CG  HG2  sing N N 25  
ARG CG  HG3  sing N N 26  
ARG CD  NE   sing N N 27  
ARG CD  HD2  sing N N 28  
ARG CD  HD3  sing N N 29  
ARG NE  CZ   sing N N 30  
ARG NE  HE   sing N N 31  
ARG CZ  NH1  sing N N 32  
ARG CZ  NH2  doub N N 33  
ARG NH1 HH11 sing N N 34  
ARG NH1 HH12 sing N N 35  
ARG NH2 HH21 sing N N 36  
ARG NH2 HH22 sing N N 37  
ARG OXT HXT  sing N N 38  
ASN N   CA   sing N N 39  
ASN N   H    sing N N 40  
ASN N   H2   sing N N 41  
ASN CA  C    sing N N 42  
ASN CA  CB   sing N N 43  
ASN CA  HA   sing N N 44  
ASN C   O    doub N N 45  
ASN C   OXT  sing N N 46  
ASN CB  CG   sing N N 47  
ASN CB  HB2  sing N N 48  
ASN CB  HB3  sing N N 49  
ASN CG  OD1  doub N N 50  
ASN CG  ND2  sing N N 51  
ASN ND2 HD21 sing N N 52  
ASN ND2 HD22 sing N N 53  
ASN OXT HXT  sing N N 54  
ASP N   CA   sing N N 55  
ASP N   H    sing N N 56  
ASP N   H2   sing N N 57  
ASP CA  C    sing N N 58  
ASP CA  CB   sing N N 59  
ASP CA  HA   sing N N 60  
ASP C   O    doub N N 61  
ASP C   OXT  sing N N 62  
ASP CB  CG   sing N N 63  
ASP CB  HB2  sing N N 64  
ASP CB  HB3  sing N N 65  
ASP CG  OD1  doub N N 66  
ASP CG  OD2  sing N N 67  
ASP OD2 HD2  sing N N 68  
ASP OXT HXT  sing N N 69  
CYS N   CA   sing N N 70  
CYS N   H    sing N N 71  
CYS N   H2   sing N N 72  
CYS CA  C    sing N N 73  
CYS CA  CB   sing N N 74  
CYS CA  HA   sing N N 75  
CYS C   O    doub N N 76  
CYS C   OXT  sing N N 77  
CYS CB  SG   sing N N 78  
CYS CB  HB2  sing N N 79  
CYS CB  HB3  sing N N 80  
CYS SG  HG   sing N N 81  
CYS OXT HXT  sing N N 82  
GLN N   CA   sing N N 83  
GLN N   H    sing N N 84  
GLN N   H2   sing N N 85  
GLN CA  C    sing N N 86  
GLN CA  CB   sing N N 87  
GLN CA  HA   sing N N 88  
GLN C   O    doub N N 89  
GLN C   OXT  sing N N 90  
GLN CB  CG   sing N N 91  
GLN CB  HB2  sing N N 92  
GLN CB  HB3  sing N N 93  
GLN CG  CD   sing N N 94  
GLN CG  HG2  sing N N 95  
GLN CG  HG3  sing N N 96  
GLN CD  OE1  doub N N 97  
GLN CD  NE2  sing N N 98  
GLN NE2 HE21 sing N N 99  
GLN NE2 HE22 sing N N 100 
GLN OXT HXT  sing N N 101 
GLU N   CA   sing N N 102 
GLU N   H    sing N N 103 
GLU N   H2   sing N N 104 
GLU CA  C    sing N N 105 
GLU CA  CB   sing N N 106 
GLU CA  HA   sing N N 107 
GLU C   O    doub N N 108 
GLU C   OXT  sing N N 109 
GLU CB  CG   sing N N 110 
GLU CB  HB2  sing N N 111 
GLU CB  HB3  sing N N 112 
GLU CG  CD   sing N N 113 
GLU CG  HG2  sing N N 114 
GLU CG  HG3  sing N N 115 
GLU CD  OE1  doub N N 116 
GLU CD  OE2  sing N N 117 
GLU OE2 HE2  sing N N 118 
GLU OXT HXT  sing N N 119 
GLY N   CA   sing N N 120 
GLY N   H    sing N N 121 
GLY N   H2   sing N N 122 
GLY CA  C    sing N N 123 
GLY CA  HA2  sing N N 124 
GLY CA  HA3  sing N N 125 
GLY C   O    doub N N 126 
GLY C   OXT  sing N N 127 
GLY OXT HXT  sing N N 128 
HIS N   CA   sing N N 129 
HIS N   H    sing N N 130 
HIS N   H2   sing N N 131 
HIS CA  C    sing N N 132 
HIS CA  CB   sing N N 133 
HIS CA  HA   sing N N 134 
HIS C   O    doub N N 135 
HIS C   OXT  sing N N 136 
HIS CB  CG   sing N N 137 
HIS CB  HB2  sing N N 138 
HIS CB  HB3  sing N N 139 
HIS CG  ND1  sing Y N 140 
HIS CG  CD2  doub Y N 141 
HIS ND1 CE1  doub Y N 142 
HIS ND1 HD1  sing N N 143 
HIS CD2 NE2  sing Y N 144 
HIS CD2 HD2  sing N N 145 
HIS CE1 NE2  sing Y N 146 
HIS CE1 HE1  sing N N 147 
HIS NE2 HE2  sing N N 148 
HIS OXT HXT  sing N N 149 
HOH O   H1   sing N N 150 
HOH O   H2   sing N N 151 
ILE N   CA   sing N N 152 
ILE N   H    sing N N 153 
ILE N   H2   sing N N 154 
ILE CA  C    sing N N 155 
ILE CA  CB   sing N N 156 
ILE CA  HA   sing N N 157 
ILE C   O    doub N N 158 
ILE C   OXT  sing N N 159 
ILE CB  CG1  sing N N 160 
ILE CB  CG2  sing N N 161 
ILE CB  HB   sing N N 162 
ILE CG1 CD1  sing N N 163 
ILE CG1 HG12 sing N N 164 
ILE CG1 HG13 sing N N 165 
ILE CG2 HG21 sing N N 166 
ILE CG2 HG22 sing N N 167 
ILE CG2 HG23 sing N N 168 
ILE CD1 HD11 sing N N 169 
ILE CD1 HD12 sing N N 170 
ILE CD1 HD13 sing N N 171 
ILE OXT HXT  sing N N 172 
LEU N   CA   sing N N 173 
LEU N   H    sing N N 174 
LEU N   H2   sing N N 175 
LEU CA  C    sing N N 176 
LEU CA  CB   sing N N 177 
LEU CA  HA   sing N N 178 
LEU C   O    doub N N 179 
LEU C   OXT  sing N N 180 
LEU CB  CG   sing N N 181 
LEU CB  HB2  sing N N 182 
LEU CB  HB3  sing N N 183 
LEU CG  CD1  sing N N 184 
LEU CG  CD2  sing N N 185 
LEU CG  HG   sing N N 186 
LEU CD1 HD11 sing N N 187 
LEU CD1 HD12 sing N N 188 
LEU CD1 HD13 sing N N 189 
LEU CD2 HD21 sing N N 190 
LEU CD2 HD22 sing N N 191 
LEU CD2 HD23 sing N N 192 
LEU OXT HXT  sing N N 193 
LYS N   CA   sing N N 194 
LYS N   H    sing N N 195 
LYS N   H2   sing N N 196 
LYS CA  C    sing N N 197 
LYS CA  CB   sing N N 198 
LYS CA  HA   sing N N 199 
LYS C   O    doub N N 200 
LYS C   OXT  sing N N 201 
LYS CB  CG   sing N N 202 
LYS CB  HB2  sing N N 203 
LYS CB  HB3  sing N N 204 
LYS CG  CD   sing N N 205 
LYS CG  HG2  sing N N 206 
LYS CG  HG3  sing N N 207 
LYS CD  CE   sing N N 208 
LYS CD  HD2  sing N N 209 
LYS CD  HD3  sing N N 210 
LYS CE  NZ   sing N N 211 
LYS CE  HE2  sing N N 212 
LYS CE  HE3  sing N N 213 
LYS NZ  HZ1  sing N N 214 
LYS NZ  HZ2  sing N N 215 
LYS NZ  HZ3  sing N N 216 
LYS OXT HXT  sing N N 217 
MET N   CA   sing N N 218 
MET N   H    sing N N 219 
MET N   H2   sing N N 220 
MET CA  C    sing N N 221 
MET CA  CB   sing N N 222 
MET CA  HA   sing N N 223 
MET C   O    doub N N 224 
MET C   OXT  sing N N 225 
MET CB  CG   sing N N 226 
MET CB  HB2  sing N N 227 
MET CB  HB3  sing N N 228 
MET CG  SD   sing N N 229 
MET CG  HG2  sing N N 230 
MET CG  HG3  sing N N 231 
MET SD  CE   sing N N 232 
MET CE  HE1  sing N N 233 
MET CE  HE2  sing N N 234 
MET CE  HE3  sing N N 235 
MET OXT HXT  sing N N 236 
PHE N   CA   sing N N 237 
PHE N   H    sing N N 238 
PHE N   H2   sing N N 239 
PHE CA  C    sing N N 240 
PHE CA  CB   sing N N 241 
PHE CA  HA   sing N N 242 
PHE C   O    doub N N 243 
PHE C   OXT  sing N N 244 
PHE CB  CG   sing N N 245 
PHE CB  HB2  sing N N 246 
PHE CB  HB3  sing N N 247 
PHE CG  CD1  doub Y N 248 
PHE CG  CD2  sing Y N 249 
PHE CD1 CE1  sing Y N 250 
PHE CD1 HD1  sing N N 251 
PHE CD2 CE2  doub Y N 252 
PHE CD2 HD2  sing N N 253 
PHE CE1 CZ   doub Y N 254 
PHE CE1 HE1  sing N N 255 
PHE CE2 CZ   sing Y N 256 
PHE CE2 HE2  sing N N 257 
PHE CZ  HZ   sing N N 258 
PHE OXT HXT  sing N N 259 
PRO N   CA   sing N N 260 
PRO N   CD   sing N N 261 
PRO N   H    sing N N 262 
PRO CA  C    sing N N 263 
PRO CA  CB   sing N N 264 
PRO CA  HA   sing N N 265 
PRO C   O    doub N N 266 
PRO C   OXT  sing N N 267 
PRO CB  CG   sing N N 268 
PRO CB  HB2  sing N N 269 
PRO CB  HB3  sing N N 270 
PRO CG  CD   sing N N 271 
PRO CG  HG2  sing N N 272 
PRO CG  HG3  sing N N 273 
PRO CD  HD2  sing N N 274 
PRO CD  HD3  sing N N 275 
PRO OXT HXT  sing N N 276 
SER N   CA   sing N N 277 
SER N   H    sing N N 278 
SER N   H2   sing N N 279 
SER CA  C    sing N N 280 
SER CA  CB   sing N N 281 
SER CA  HA   sing N N 282 
SER C   O    doub N N 283 
SER C   OXT  sing N N 284 
SER CB  OG   sing N N 285 
SER CB  HB2  sing N N 286 
SER CB  HB3  sing N N 287 
SER OG  HG   sing N N 288 
SER OXT HXT  sing N N 289 
THR N   CA   sing N N 290 
THR N   H    sing N N 291 
THR N   H2   sing N N 292 
THR CA  C    sing N N 293 
THR CA  CB   sing N N 294 
THR CA  HA   sing N N 295 
THR C   O    doub N N 296 
THR C   OXT  sing N N 297 
THR CB  OG1  sing N N 298 
THR CB  CG2  sing N N 299 
THR CB  HB   sing N N 300 
THR OG1 HG1  sing N N 301 
THR CG2 HG21 sing N N 302 
THR CG2 HG22 sing N N 303 
THR CG2 HG23 sing N N 304 
THR OXT HXT  sing N N 305 
TYR N   CA   sing N N 306 
TYR N   H    sing N N 307 
TYR N   H2   sing N N 308 
TYR CA  C    sing N N 309 
TYR CA  CB   sing N N 310 
TYR CA  HA   sing N N 311 
TYR C   O    doub N N 312 
TYR C   OXT  sing N N 313 
TYR CB  CG   sing N N 314 
TYR CB  HB2  sing N N 315 
TYR CB  HB3  sing N N 316 
TYR CG  CD1  doub Y N 317 
TYR CG  CD2  sing Y N 318 
TYR CD1 CE1  sing Y N 319 
TYR CD1 HD1  sing N N 320 
TYR CD2 CE2  doub Y N 321 
TYR CD2 HD2  sing N N 322 
TYR CE1 CZ   doub Y N 323 
TYR CE1 HE1  sing N N 324 
TYR CE2 CZ   sing Y N 325 
TYR CE2 HE2  sing N N 326 
TYR CZ  OH   sing N N 327 
TYR OH  HH   sing N N 328 
TYR OXT HXT  sing N N 329 
VAL N   CA   sing N N 330 
VAL N   H    sing N N 331 
VAL N   H2   sing N N 332 
VAL CA  C    sing N N 333 
VAL CA  CB   sing N N 334 
VAL CA  HA   sing N N 335 
VAL C   O    doub N N 336 
VAL C   OXT  sing N N 337 
VAL CB  CG1  sing N N 338 
VAL CB  CG2  sing N N 339 
VAL CB  HB   sing N N 340 
VAL CG1 HG11 sing N N 341 
VAL CG1 HG12 sing N N 342 
VAL CG1 HG13 sing N N 343 
VAL CG2 HG21 sing N N 344 
VAL CG2 HG22 sing N N 345 
VAL CG2 HG23 sing N N 346 
VAL OXT HXT  sing N N 347 
# 
_pdbx_entity_nonpoly.entity_id   2 
_pdbx_entity_nonpoly.name        water 
_pdbx_entity_nonpoly.comp_id     HOH 
# 
_pdbx_initial_refinement_model.id               1 
_pdbx_initial_refinement_model.entity_id_list   ? 
_pdbx_initial_refinement_model.type             'experimental model' 
_pdbx_initial_refinement_model.source_name      PDB 
_pdbx_initial_refinement_model.accession_code   3DNJ 
_pdbx_initial_refinement_model.details          ? 
# 
